data_4IHH
#
_entry.id   4IHH
#
_cell.length_a   89.470
_cell.length_b   93.225
_cell.length_c   114.300
_cell.angle_alpha   75.93
_cell.angle_beta   73.81
_cell.angle_gamma   58.95
#
_symmetry.space_group_name_H-M   'P 1'
#
loop_
_entity.id
_entity.type
_entity.pdbx_description
1 polymer 'UDP-3-O-(3-hydroxymyristoyl)glucosamine N-acyltransferase'
2 polymer 'Acyl carrier protein'
3 non-polymer '2-(N-MORPHOLINO)-ETHANESULFONIC ACID'
4 non-polymer "4'-PHOSPHOPANTETHEINE"
5 water water
#
loop_
_entity_poly.entity_id
_entity_poly.type
_entity_poly.pdbx_seq_one_letter_code
_entity_poly.pdbx_strand_id
1 'polypeptide(L)'
;MGHHHHHHASIRLADLAQQLDAELHGDGDIVITGVASMQSAQTGHITFMVNPKYREHLGLCQASAVVMTQDDLPFAKSAA
LVVKNPYLTYARMAQILDTTPQPAQNIAPSAVIDATAKLGNNVSIGANAVIESGVELGDNVIIGAGCFVGKNSKIGAGSR
LWANVTIYHEIQIGQNCLIQSGTVVGADGFGYANDRGNWVKIPQIGRVIIGDRVEIGACTTIDRGALDDTIIGNGVIIDN
QCQIAHNVVIGDNTAVAGGVIMAGSLKIGRYCMIGGASVINGHMEICDKVTVTGMGMVMRPITEPGVYSSGIPLQPNKVW
RKTAALVMNIDDMSKRLKSLERKVNQQD
;
A,B,C,D,E,F
2 'polypeptide(L)' SHMSTIEERVKKIIGEQLGVKQEEVTNNASFVEDLGADSLDTVELVMALEEEFDTEIPDEEAEKITTVQAAIDYINGHQA G,H,I,J,K,L
#
loop_
_chem_comp.id
_chem_comp.type
_chem_comp.name
_chem_comp.formula
MES non-polymer '2-(N-MORPHOLINO)-ETHANESULFONIC ACID' 'C6 H13 N O4 S'
PNS non-polymer 4'-PHOSPHOPANTETHEINE 'C11 H23 N2 O7 P S'
#
# COMPACT_ATOMS: atom_id res chain seq x y z
N HIS A 8 -38.58 19.62 -52.53
CA HIS A 8 -38.55 19.18 -51.14
C HIS A 8 -38.97 17.71 -50.99
N ALA A 9 -40.28 17.47 -50.94
CA ALA A 9 -40.83 16.12 -50.76
C ALA A 9 -40.91 15.35 -52.09
N SER A 10 -41.60 15.92 -53.06
CA SER A 10 -41.65 15.36 -54.41
C SER A 10 -41.24 16.40 -55.43
N ILE A 11 -40.79 15.94 -56.60
CA ILE A 11 -40.50 16.86 -57.68
C ILE A 11 -40.60 16.12 -59.01
N ARG A 12 -41.12 16.82 -60.02
CA ARG A 12 -41.20 16.28 -61.37
C ARG A 12 -39.79 16.25 -61.95
N LEU A 13 -39.54 15.26 -62.80
CA LEU A 13 -38.20 15.05 -63.35
C LEU A 13 -37.67 16.26 -64.15
N ALA A 14 -38.55 16.86 -64.96
CA ALA A 14 -38.17 18.01 -65.78
C ALA A 14 -37.83 19.22 -64.92
N ASP A 15 -38.53 19.41 -63.81
CA ASP A 15 -38.24 20.52 -62.91
CA ASP A 15 -38.25 20.52 -62.92
C ASP A 15 -36.91 20.31 -62.23
N LEU A 16 -36.66 19.06 -61.81
CA LEU A 16 -35.39 18.68 -61.19
C LEU A 16 -34.24 18.90 -62.18
N ALA A 17 -34.44 18.43 -63.42
CA ALA A 17 -33.42 18.57 -64.45
C ALA A 17 -33.09 20.05 -64.68
N GLN A 18 -34.11 20.88 -64.63
CA GLN A 18 -33.93 22.32 -64.82
C GLN A 18 -33.10 22.89 -63.67
N GLN A 19 -33.48 22.58 -62.44
CA GLN A 19 -32.73 23.00 -61.26
C GLN A 19 -31.30 22.46 -61.28
N LEU A 20 -31.09 21.31 -61.90
CA LEU A 20 -29.77 20.69 -61.92
C LEU A 20 -28.98 21.13 -63.14
N ASP A 21 -29.61 21.97 -63.96
CA ASP A 21 -29.10 22.33 -65.28
C ASP A 21 -28.67 21.07 -66.04
N ALA A 22 -29.56 20.10 -66.07
CA ALA A 22 -29.29 18.82 -66.72
C ALA A 22 -30.11 18.69 -68.00
N GLU A 23 -29.61 17.92 -68.97
CA GLU A 23 -30.38 17.63 -70.18
C GLU A 23 -31.25 16.37 -69.97
N LEU A 24 -32.56 16.55 -70.02
CA LEU A 24 -33.49 15.45 -69.73
C LEU A 24 -33.81 14.60 -70.95
N HIS A 25 -33.60 13.30 -70.81
CA HIS A 25 -33.98 12.33 -71.83
C HIS A 25 -34.95 11.36 -71.21
N GLY A 26 -36.21 11.46 -71.61
CA GLY A 26 -37.26 10.63 -71.04
C GLY A 26 -38.42 11.46 -70.55
N ASP A 27 -39.29 10.85 -69.75
CA ASP A 27 -40.56 11.46 -69.34
C ASP A 27 -40.38 12.46 -68.17
N GLY A 28 -40.55 13.75 -68.47
CA GLY A 28 -40.39 14.81 -67.49
C GLY A 28 -41.49 14.86 -66.44
N ASP A 29 -42.55 14.09 -66.67
CA ASP A 29 -43.69 14.08 -65.77
C ASP A 29 -43.49 13.10 -64.60
N ILE A 30 -42.49 12.23 -64.74
CA ILE A 30 -42.13 11.27 -63.69
C ILE A 30 -41.95 11.95 -62.33
N VAL A 31 -42.56 11.38 -61.30
CA VAL A 31 -42.49 11.96 -59.96
C VAL A 31 -41.31 11.36 -59.20
N ILE A 32 -40.34 12.22 -58.84
CA ILE A 32 -39.18 11.78 -58.06
C ILE A 32 -39.38 12.07 -56.58
N THR A 33 -39.18 11.07 -55.74
CA THR A 33 -39.46 11.20 -54.30
C THR A 33 -38.20 11.21 -53.42
N GLY A 34 -37.08 10.78 -53.99
CA GLY A 34 -35.83 10.68 -53.24
C GLY A 34 -34.66 10.14 -54.05
N VAL A 35 -33.48 10.25 -53.46
CA VAL A 35 -32.25 9.74 -54.07
C VAL A 35 -31.95 8.38 -53.43
N ALA A 36 -31.31 7.48 -54.18
CA ALA A 36 -30.94 6.17 -53.65
C ALA A 36 -29.73 5.62 -54.39
N SER A 37 -29.08 4.61 -53.83
CA SER A 37 -27.95 3.98 -54.50
C SER A 37 -28.47 3.24 -55.72
N MET A 38 -27.56 2.85 -56.61
CA MET A 38 -27.96 2.10 -57.79
C MET A 38 -28.58 0.75 -57.43
N GLN A 39 -28.06 0.12 -56.39
CA GLN A 39 -28.52 -1.22 -56.05
C GLN A 39 -29.83 -1.18 -55.29
N SER A 40 -30.17 -0.04 -54.70
CA SER A 40 -31.37 0.03 -53.86
C SER A 40 -32.48 0.83 -54.50
N ALA A 41 -32.14 1.56 -55.56
CA ALA A 41 -33.12 2.43 -56.20
C ALA A 41 -34.33 1.66 -56.72
N GLN A 42 -35.50 2.26 -56.53
CA GLN A 42 -36.77 1.69 -56.95
C GLN A 42 -37.53 2.83 -57.59
N THR A 43 -38.78 2.57 -57.98
CA THR A 43 -39.59 3.58 -58.65
C THR A 43 -39.73 4.87 -57.85
N GLY A 44 -39.52 6.00 -58.51
CA GLY A 44 -39.56 7.30 -57.83
C GLY A 44 -38.19 7.78 -57.38
N HIS A 45 -37.19 6.90 -57.44
CA HIS A 45 -35.84 7.25 -57.01
C HIS A 45 -34.96 7.65 -58.20
N ILE A 46 -34.10 8.63 -57.95
CA ILE A 46 -33.06 9.01 -58.88
C ILE A 46 -31.71 8.59 -58.29
N THR A 47 -30.81 8.16 -59.15
CA THR A 47 -29.49 7.72 -58.71
C THR A 47 -28.53 8.36 -59.70
N PHE A 48 -27.25 8.00 -59.63
CA PHE A 48 -26.27 8.60 -60.52
C PHE A 48 -25.21 7.54 -60.80
N MET A 49 -24.39 7.81 -61.80
CA MET A 49 -23.34 6.89 -62.21
C MET A 49 -22.16 7.75 -62.61
N VAL A 50 -20.98 7.37 -62.12
CA VAL A 50 -19.76 8.08 -62.48
C VAL A 50 -18.84 7.18 -63.28
N ASN A 51 -18.65 5.97 -62.76
CA ASN A 51 -17.79 4.97 -63.39
C ASN A 51 -18.53 4.21 -64.50
N PRO A 52 -17.97 4.25 -65.72
CA PRO A 52 -18.59 3.59 -66.88
C PRO A 52 -18.73 2.07 -66.73
N LYS A 53 -18.11 1.48 -65.71
CA LYS A 53 -18.26 0.04 -65.46
C LYS A 53 -19.71 -0.33 -65.12
N TYR A 54 -20.42 0.61 -64.52
CA TYR A 54 -21.80 0.39 -64.08
C TYR A 54 -22.79 0.34 -65.26
N ARG A 55 -22.31 0.70 -66.45
CA ARG A 55 -23.15 0.67 -67.65
C ARG A 55 -23.88 -0.65 -67.86
N GLU A 56 -23.19 -1.76 -67.60
CA GLU A 56 -23.77 -3.09 -67.82
C GLU A 56 -24.77 -3.47 -66.72
N HIS A 57 -24.88 -2.62 -65.71
CA HIS A 57 -25.71 -2.92 -64.55
C HIS A 57 -26.94 -2.02 -64.50
N LEU A 58 -27.10 -1.17 -65.51
CA LEU A 58 -28.23 -0.25 -65.57
C LEU A 58 -29.54 -1.03 -65.75
N GLY A 59 -29.47 -2.20 -66.37
CA GLY A 59 -30.62 -3.08 -66.49
C GLY A 59 -31.11 -3.57 -65.13
N LEU A 60 -30.18 -3.81 -64.21
CA LEU A 60 -30.49 -4.24 -62.85
C LEU A 60 -31.10 -3.11 -62.04
N CYS A 61 -30.63 -1.89 -62.31
CA CYS A 61 -31.05 -0.74 -61.52
C CYS A 61 -32.52 -0.42 -61.77
N GLN A 62 -33.28 -0.20 -60.71
CA GLN A 62 -34.72 0.04 -60.80
C GLN A 62 -35.11 1.50 -60.60
N ALA A 63 -34.16 2.41 -60.75
CA ALA A 63 -34.47 3.84 -60.56
C ALA A 63 -35.38 4.34 -61.67
N SER A 64 -36.20 5.35 -61.37
CA SER A 64 -36.95 6.02 -62.42
C SER A 64 -36.03 6.91 -63.26
N ALA A 65 -34.91 7.34 -62.68
CA ALA A 65 -33.98 8.18 -63.44
C ALA A 65 -32.53 8.01 -63.02
N VAL A 66 -31.62 8.17 -63.98
CA VAL A 66 -30.18 8.09 -63.67
C VAL A 66 -29.43 9.33 -64.17
N VAL A 67 -28.66 9.95 -63.28
CA VAL A 67 -27.80 11.06 -63.69
C VAL A 67 -26.52 10.50 -64.27
N MET A 68 -26.15 10.93 -65.48
CA MET A 68 -24.99 10.40 -66.18
C MET A 68 -24.44 11.40 -67.20
N THR A 69 -23.35 11.03 -67.87
CA THR A 69 -22.73 11.86 -68.92
C THR A 69 -23.31 11.53 -70.30
N GLN A 70 -22.96 12.34 -71.30
CA GLN A 70 -23.45 12.14 -72.66
C GLN A 70 -23.09 10.75 -73.19
N ASP A 71 -21.85 10.32 -72.95
CA ASP A 71 -21.38 9.02 -73.45
C ASP A 71 -22.06 7.80 -72.82
N ASP A 72 -22.67 7.96 -71.64
CA ASP A 72 -23.37 6.83 -71.00
C ASP A 72 -24.77 6.66 -71.57
N LEU A 73 -25.27 7.72 -72.22
CA LEU A 73 -26.65 7.76 -72.70
C LEU A 73 -27.13 6.56 -73.55
N PRO A 74 -26.27 6.05 -74.45
CA PRO A 74 -26.82 4.94 -75.27
C PRO A 74 -27.03 3.67 -74.46
N PHE A 75 -26.62 3.68 -73.18
CA PHE A 75 -26.72 2.52 -72.30
C PHE A 75 -27.85 2.67 -71.28
N ALA A 76 -28.52 3.82 -71.28
CA ALA A 76 -29.54 4.09 -70.29
C ALA A 76 -30.64 3.04 -70.37
N LYS A 77 -31.14 2.63 -69.21
CA LYS A 77 -32.26 1.70 -69.18
C LYS A 77 -33.41 2.40 -68.45
N SER A 78 -33.40 3.72 -68.53
CA SER A 78 -34.39 4.52 -67.84
C SER A 78 -34.26 5.90 -68.39
N ALA A 79 -35.17 6.78 -67.96
CA ALA A 79 -35.00 8.21 -68.18
C ALA A 79 -33.65 8.62 -67.61
N ALA A 80 -32.97 9.51 -68.33
CA ALA A 80 -31.63 9.91 -67.96
C ALA A 80 -31.51 11.43 -67.87
N LEU A 81 -30.72 11.89 -66.90
CA LEU A 81 -30.35 13.31 -66.80
C LEU A 81 -28.89 13.44 -67.20
N VAL A 82 -28.63 14.10 -68.32
CA VAL A 82 -27.27 14.20 -68.85
C VAL A 82 -26.59 15.49 -68.35
N VAL A 83 -25.42 15.35 -67.71
CA VAL A 83 -24.62 16.46 -67.19
C VAL A 83 -23.12 16.21 -67.38
N LYS A 84 -22.31 17.20 -66.98
CA LYS A 84 -20.86 17.08 -67.09
C LYS A 84 -20.21 16.37 -65.91
N ASN A 85 -20.73 16.63 -64.71
CA ASN A 85 -20.16 16.11 -63.46
C ASN A 85 -21.24 15.43 -62.61
N PRO A 86 -21.45 14.12 -62.83
CA PRO A 86 -22.51 13.40 -62.13
C PRO A 86 -22.34 13.45 -60.61
N TYR A 87 -21.12 13.39 -60.11
CA TYR A 87 -20.93 13.38 -58.66
C TYR A 87 -21.37 14.68 -58.01
N LEU A 88 -21.05 15.82 -58.64
CA LEU A 88 -21.45 17.12 -58.11
C LEU A 88 -22.95 17.34 -58.22
N THR A 89 -23.51 16.90 -59.34
CA THR A 89 -24.95 16.93 -59.53
C THR A 89 -25.68 16.10 -58.46
N TYR A 90 -25.15 14.93 -58.14
CA TYR A 90 -25.64 14.11 -57.04
C TYR A 90 -25.66 14.88 -55.72
N ALA A 91 -24.60 15.64 -55.43
CA ALA A 91 -24.58 16.41 -54.19
C ALA A 91 -25.74 17.40 -54.19
N ARG A 92 -25.92 18.08 -55.32
CA ARG A 92 -26.99 19.06 -55.49
C ARG A 92 -28.38 18.46 -55.38
N MET A 93 -28.62 17.34 -56.04
CA MET A 93 -29.96 16.77 -56.02
C MET A 93 -30.26 16.17 -54.65
N ALA A 94 -29.24 15.63 -53.99
CA ALA A 94 -29.41 15.11 -52.64
C ALA A 94 -29.77 16.24 -51.66
N GLN A 95 -29.26 17.44 -51.92
CA GLN A 95 -29.64 18.59 -51.11
C GLN A 95 -31.11 18.95 -51.35
N ILE A 96 -31.53 18.89 -52.62
CA ILE A 96 -32.91 19.21 -52.99
C ILE A 96 -33.89 18.23 -52.39
N LEU A 97 -33.49 16.96 -52.31
CA LEU A 97 -34.36 15.90 -51.83
C LEU A 97 -34.00 15.41 -50.43
N ASP A 98 -33.27 16.23 -49.69
CA ASP A 98 -32.77 15.84 -48.36
C ASP A 98 -33.89 15.51 -47.38
N THR A 99 -33.76 14.39 -46.67
CA THR A 99 -34.73 13.98 -45.65
C THR A 99 -34.23 14.25 -44.23
N THR A 100 -33.01 14.77 -44.12
CA THR A 100 -32.41 15.01 -42.81
C THR A 100 -33.25 16.00 -41.99
N PRO A 101 -33.69 15.61 -40.79
CA PRO A 101 -34.45 16.52 -39.92
C PRO A 101 -33.58 17.66 -39.36
N GLN A 102 -34.21 18.61 -38.67
CA GLN A 102 -33.45 19.65 -37.97
C GLN A 102 -33.15 19.21 -36.55
N PRO A 103 -32.07 19.74 -35.96
CA PRO A 103 -31.70 19.39 -34.56
C PRO A 103 -32.78 19.82 -33.58
N ALA A 104 -33.53 20.86 -33.91
CA ALA A 104 -34.60 21.37 -33.04
C ALA A 104 -35.57 22.28 -33.81
N GLN A 105 -36.78 22.44 -33.27
CA GLN A 105 -37.75 23.40 -33.82
C GLN A 105 -38.37 24.22 -32.69
N ASN A 106 -38.42 25.53 -32.86
CA ASN A 106 -38.84 26.47 -31.80
C ASN A 106 -37.94 26.43 -30.55
N ILE A 107 -38.36 27.14 -29.50
CA ILE A 107 -37.59 27.19 -28.26
C ILE A 107 -38.20 26.25 -27.23
N ALA A 108 -37.48 25.18 -26.90
CA ALA A 108 -38.00 24.18 -25.96
C ALA A 108 -38.20 24.79 -24.58
N PRO A 109 -39.32 24.45 -23.92
CA PRO A 109 -39.61 24.94 -22.57
C PRO A 109 -38.50 24.57 -21.59
N SER A 110 -37.87 23.42 -21.78
CA SER A 110 -36.87 22.92 -20.83
C SER A 110 -35.47 23.50 -21.08
N ALA A 111 -35.32 24.28 -22.14
CA ALA A 111 -34.04 24.95 -22.39
C ALA A 111 -33.82 25.98 -21.29
N VAL A 112 -32.58 26.10 -20.84
CA VAL A 112 -32.24 27.11 -19.84
C VAL A 112 -31.42 28.22 -20.50
N ILE A 113 -32.07 29.37 -20.68
CA ILE A 113 -31.51 30.45 -21.47
C ILE A 113 -31.37 31.70 -20.62
N ASP A 114 -30.15 32.19 -20.46
CA ASP A 114 -29.88 33.37 -19.64
C ASP A 114 -30.61 34.61 -20.21
N ALA A 115 -31.05 35.50 -19.32
CA ALA A 115 -31.80 36.69 -19.70
C ALA A 115 -31.06 37.64 -20.63
N THR A 116 -29.73 37.69 -20.49
CA THR A 116 -28.93 38.61 -21.30
C THR A 116 -28.55 38.04 -22.68
N ALA A 117 -28.99 36.82 -22.96
CA ALA A 117 -28.72 36.21 -24.25
C ALA A 117 -29.58 36.86 -25.32
N LYS A 118 -28.98 37.14 -26.47
CA LYS A 118 -29.68 37.77 -27.58
C LYS A 118 -30.02 36.72 -28.64
N LEU A 119 -31.31 36.52 -28.89
CA LEU A 119 -31.73 35.56 -29.90
C LEU A 119 -32.23 36.27 -31.15
N GLY A 120 -31.79 35.80 -32.31
CA GLY A 120 -32.23 36.35 -33.57
C GLY A 120 -33.58 35.81 -33.94
N ASN A 121 -34.08 36.23 -35.09
CA ASN A 121 -35.33 35.73 -35.63
C ASN A 121 -35.26 34.25 -35.97
N ASN A 122 -36.33 33.52 -35.68
CA ASN A 122 -36.48 32.14 -36.11
C ASN A 122 -35.37 31.22 -35.57
N VAL A 123 -34.91 31.51 -34.35
CA VAL A 123 -33.94 30.65 -33.67
C VAL A 123 -34.66 29.45 -33.03
N SER A 124 -34.12 28.24 -33.21
CA SER A 124 -34.64 27.06 -32.54
C SER A 124 -33.65 26.56 -31.50
N ILE A 125 -34.15 26.20 -30.32
CA ILE A 125 -33.29 25.67 -29.28
C ILE A 125 -33.92 24.41 -28.70
N GLY A 126 -33.14 23.33 -28.68
CA GLY A 126 -33.68 22.01 -28.34
C GLY A 126 -33.78 21.79 -26.84
N ALA A 127 -34.47 20.72 -26.46
CA ALA A 127 -34.72 20.44 -25.06
C ALA A 127 -33.43 20.37 -24.24
N ASN A 128 -33.49 20.93 -23.04
CA ASN A 128 -32.42 20.82 -22.06
C ASN A 128 -31.07 21.42 -22.46
N ALA A 129 -31.08 22.22 -23.52
CA ALA A 129 -29.88 22.95 -23.92
C ALA A 129 -29.65 24.08 -22.93
N VAL A 130 -28.40 24.52 -22.79
CA VAL A 130 -28.06 25.58 -21.84
C VAL A 130 -27.31 26.71 -22.53
N ILE A 131 -27.91 27.91 -22.51
CA ILE A 131 -27.33 29.08 -23.17
C ILE A 131 -26.90 30.08 -22.09
N GLU A 132 -25.62 30.45 -22.08
CA GLU A 132 -25.08 31.26 -20.99
C GLU A 132 -25.29 32.74 -21.24
N SER A 133 -24.86 33.57 -20.30
CA SER A 133 -25.03 35.01 -20.43
C SER A 133 -24.20 35.61 -21.57
N GLY A 134 -24.71 36.69 -22.16
CA GLY A 134 -23.97 37.42 -23.19
C GLY A 134 -23.97 36.70 -24.53
N VAL A 135 -24.54 35.52 -24.60
CA VAL A 135 -24.55 34.76 -25.87
C VAL A 135 -25.41 35.43 -26.95
N GLU A 136 -24.90 35.50 -28.17
CA GLU A 136 -25.68 36.01 -29.30
C GLU A 136 -25.89 34.93 -30.36
N LEU A 137 -27.14 34.61 -30.62
CA LEU A 137 -27.48 33.64 -31.65
C LEU A 137 -28.09 34.36 -32.86
N GLY A 138 -27.47 34.21 -34.03
CA GLY A 138 -27.94 34.89 -35.24
C GLY A 138 -29.25 34.31 -35.76
N ASP A 139 -29.81 34.96 -36.78
CA ASP A 139 -31.05 34.48 -37.38
C ASP A 139 -30.92 33.04 -37.84
N ASN A 140 -32.00 32.29 -37.69
CA ASN A 140 -32.07 30.89 -38.15
C ASN A 140 -31.04 29.96 -37.53
N VAL A 141 -30.43 30.34 -36.42
CA VAL A 141 -29.52 29.43 -35.72
C VAL A 141 -30.31 28.30 -35.08
N ILE A 142 -29.77 27.07 -35.13
CA ILE A 142 -30.46 25.96 -34.48
C ILE A 142 -29.51 25.28 -33.52
N ILE A 143 -29.92 25.20 -32.27
CA ILE A 143 -29.11 24.61 -31.22
C ILE A 143 -29.79 23.31 -30.77
N GLY A 144 -29.08 22.20 -30.91
CA GLY A 144 -29.66 20.90 -30.64
C GLY A 144 -29.90 20.66 -29.17
N ALA A 145 -30.58 19.57 -28.86
CA ALA A 145 -30.88 19.21 -27.49
C ALA A 145 -29.60 19.01 -26.67
N GLY A 146 -29.63 19.46 -25.42
CA GLY A 146 -28.51 19.20 -24.52
C GLY A 146 -27.20 19.90 -24.84
N CYS A 147 -27.19 20.84 -25.80
CA CYS A 147 -25.97 21.62 -26.03
C CYS A 147 -25.67 22.58 -24.87
N PHE A 148 -24.42 23.02 -24.78
CA PHE A 148 -24.04 24.10 -23.87
C PHE A 148 -23.34 25.18 -24.68
N VAL A 149 -23.80 26.43 -24.57
CA VAL A 149 -23.12 27.52 -25.27
C VAL A 149 -22.67 28.51 -24.22
N GLY A 150 -21.35 28.63 -24.04
CA GLY A 150 -20.80 29.37 -22.90
C GLY A 150 -20.85 30.89 -23.03
N LYS A 151 -20.43 31.59 -21.98
CA LYS A 151 -20.59 33.06 -21.88
C LYS A 151 -20.01 33.86 -23.04
N ASN A 152 -20.80 34.81 -23.55
CA ASN A 152 -20.39 35.77 -24.58
C ASN A 152 -20.02 35.17 -25.92
N SER A 153 -20.39 33.92 -26.14
CA SER A 153 -20.13 33.29 -27.43
C SER A 153 -21.10 33.77 -28.49
N LYS A 154 -20.67 33.72 -29.75
CA LYS A 154 -21.46 34.21 -30.86
C LYS A 154 -21.57 33.13 -31.92
N ILE A 155 -22.80 32.85 -32.34
CA ILE A 155 -23.00 31.86 -33.38
C ILE A 155 -23.73 32.55 -34.53
N GLY A 156 -23.12 32.52 -35.72
CA GLY A 156 -23.62 33.29 -36.85
C GLY A 156 -24.86 32.71 -37.51
N ALA A 157 -25.57 33.57 -38.22
CA ALA A 157 -26.79 33.26 -38.96
C ALA A 157 -26.77 31.92 -39.72
N GLY A 158 -27.83 31.13 -39.54
CA GLY A 158 -27.95 29.86 -40.22
C GLY A 158 -27.05 28.76 -39.67
N SER A 159 -26.26 29.02 -38.64
CA SER A 159 -25.41 27.96 -38.11
C SER A 159 -26.21 26.96 -37.29
N ARG A 160 -25.75 25.72 -37.28
CA ARG A 160 -26.50 24.62 -36.65
C ARG A 160 -25.63 23.67 -35.84
N LEU A 161 -26.05 23.40 -34.61
CA LEU A 161 -25.35 22.45 -33.75
C LEU A 161 -26.28 21.28 -33.52
N TRP A 162 -25.78 20.06 -33.69
CA TRP A 162 -26.57 18.89 -33.33
C TRP A 162 -26.57 18.68 -31.81
N ALA A 163 -27.18 17.60 -31.33
CA ALA A 163 -27.35 17.38 -29.88
C ALA A 163 -26.02 17.30 -29.16
N ASN A 164 -25.96 17.80 -27.93
CA ASN A 164 -24.79 17.55 -27.06
C ASN A 164 -23.45 18.06 -27.60
N VAL A 165 -23.47 19.26 -28.18
CA VAL A 165 -22.26 19.94 -28.58
C VAL A 165 -21.91 20.91 -27.47
N THR A 166 -20.63 21.06 -27.18
CA THR A 166 -20.23 22.00 -26.13
C THR A 166 -19.41 23.15 -26.72
N ILE A 167 -19.94 24.36 -26.60
CA ILE A 167 -19.21 25.56 -26.98
C ILE A 167 -18.81 26.32 -25.70
N TYR A 168 -17.52 26.53 -25.50
CA TYR A 168 -17.07 27.26 -24.31
C TYR A 168 -17.37 28.75 -24.48
N HIS A 169 -16.71 29.58 -23.66
CA HIS A 169 -16.95 31.01 -23.62
C HIS A 169 -16.12 31.76 -24.67
N GLU A 170 -16.62 32.92 -25.11
CA GLU A 170 -15.91 33.83 -26.06
C GLU A 170 -15.52 33.15 -27.38
N ILE A 171 -16.36 32.24 -27.83
CA ILE A 171 -16.12 31.55 -29.08
C ILE A 171 -16.92 32.26 -30.16
N GLN A 172 -16.35 32.29 -31.37
CA GLN A 172 -17.01 32.92 -32.50
C GLN A 172 -17.20 31.87 -33.56
N ILE A 173 -18.44 31.70 -34.02
CA ILE A 173 -18.75 30.77 -35.10
C ILE A 173 -19.48 31.58 -36.15
N GLY A 174 -18.99 31.53 -37.39
CA GLY A 174 -19.59 32.29 -38.48
C GLY A 174 -20.92 31.74 -38.94
N GLN A 175 -21.28 32.00 -40.20
CA GLN A 175 -22.62 31.65 -40.71
C GLN A 175 -22.62 30.32 -41.44
N ASN A 176 -23.78 29.66 -41.42
CA ASN A 176 -23.96 28.39 -42.14
C ASN A 176 -22.95 27.30 -41.79
N CYS A 177 -22.50 27.29 -40.55
CA CYS A 177 -21.65 26.21 -40.06
C CYS A 177 -22.52 25.07 -39.57
N LEU A 178 -21.95 23.87 -39.50
CA LEU A 178 -22.65 22.71 -38.99
C LEU A 178 -21.71 21.92 -38.09
N ILE A 179 -22.15 21.65 -36.87
CA ILE A 179 -21.34 20.88 -35.94
C ILE A 179 -22.08 19.64 -35.41
N GLN A 180 -21.46 18.47 -35.54
CA GLN A 180 -22.11 17.23 -35.13
C GLN A 180 -21.96 16.99 -33.64
N SER A 181 -22.73 16.04 -33.11
CA SER A 181 -22.80 15.81 -31.67
C SER A 181 -21.46 15.43 -31.05
N GLY A 182 -21.32 15.70 -29.76
CA GLY A 182 -20.15 15.26 -29.02
C GLY A 182 -18.93 16.16 -29.17
N THR A 183 -18.97 17.10 -30.10
CA THR A 183 -17.83 17.98 -30.36
C THR A 183 -17.70 19.08 -29.30
N VAL A 184 -16.45 19.42 -28.97
CA VAL A 184 -16.16 20.45 -27.98
C VAL A 184 -15.27 21.53 -28.61
N VAL A 185 -15.77 22.76 -28.61
CA VAL A 185 -15.05 23.88 -29.19
C VAL A 185 -14.69 24.87 -28.09
N GLY A 186 -13.40 25.06 -27.87
CA GLY A 186 -12.93 26.11 -26.99
C GLY A 186 -12.52 25.70 -25.58
N ALA A 187 -12.27 24.40 -25.38
CA ALA A 187 -11.72 23.94 -24.11
C ALA A 187 -10.34 24.53 -23.95
N ASP A 188 -9.80 24.53 -22.73
CA ASP A 188 -8.46 25.03 -22.50
C ASP A 188 -7.47 24.29 -23.37
N GLY A 189 -6.59 25.02 -24.05
CA GLY A 189 -5.42 24.40 -24.66
C GLY A 189 -4.56 23.69 -23.60
N PHE A 190 -3.61 22.89 -24.05
CA PHE A 190 -2.82 22.07 -23.15
C PHE A 190 -1.61 22.89 -22.69
N GLY A 191 -1.86 23.97 -21.94
CA GLY A 191 -0.81 24.88 -21.53
C GLY A 191 -0.40 24.74 -20.06
N TYR A 192 0.87 24.40 -19.84
CA TYR A 192 1.41 24.22 -18.49
C TYR A 192 2.88 24.56 -18.50
N ALA A 193 3.35 25.17 -17.42
CA ALA A 193 4.78 25.42 -17.27
C ALA A 193 5.30 24.39 -16.28
N ASN A 194 6.53 23.93 -16.49
CA ASN A 194 7.10 22.96 -15.57
C ASN A 194 7.94 23.61 -14.47
N ASP A 195 7.43 23.63 -13.25
CA ASP A 195 8.20 24.13 -12.12
C ASP A 195 8.86 23.00 -11.32
N ARG A 196 10.08 22.64 -11.69
CA ARG A 196 10.84 21.62 -10.96
C ARG A 196 10.09 20.30 -10.85
N GLY A 197 9.51 19.86 -11.98
CA GLY A 197 8.81 18.58 -12.02
C GLY A 197 7.31 18.67 -11.80
N ASN A 198 6.84 19.80 -11.29
CA ASN A 198 5.41 20.01 -11.10
C ASN A 198 4.81 20.89 -12.18
N TRP A 199 3.63 20.51 -12.67
CA TRP A 199 2.98 21.25 -13.74
C TRP A 199 2.15 22.40 -13.21
N VAL A 200 2.41 23.60 -13.73
CA VAL A 200 1.67 24.80 -13.36
C VAL A 200 0.77 25.26 -14.52
N LYS A 201 -0.53 25.37 -14.25
CA LYS A 201 -1.49 25.68 -15.30
C LYS A 201 -1.30 27.07 -15.89
N ILE A 202 -1.27 27.14 -17.22
CA ILE A 202 -1.33 28.42 -17.92
C ILE A 202 -2.77 28.59 -18.41
N PRO A 203 -3.50 29.52 -17.77
CA PRO A 203 -4.83 29.94 -18.21
C PRO A 203 -4.83 30.24 -19.71
N GLN A 204 -5.82 29.72 -20.42
CA GLN A 204 -5.87 29.84 -21.86
C GLN A 204 -6.92 30.89 -22.19
N ILE A 205 -6.48 32.12 -22.44
CA ILE A 205 -7.43 33.23 -22.53
C ILE A 205 -7.65 33.76 -23.94
N GLY A 206 -7.03 33.11 -24.91
CA GLY A 206 -7.41 33.32 -26.29
C GLY A 206 -8.75 32.64 -26.54
N ARG A 207 -9.14 32.60 -27.81
CA ARG A 207 -10.43 32.12 -28.21
C ARG A 207 -10.32 31.13 -29.35
N VAL A 208 -11.46 30.76 -29.92
CA VAL A 208 -11.52 30.04 -31.19
C VAL A 208 -12.35 30.91 -32.11
N ILE A 209 -11.83 31.16 -33.32
CA ILE A 209 -12.59 31.89 -34.33
C ILE A 209 -12.81 30.94 -35.48
N ILE A 210 -14.07 30.55 -35.69
CA ILE A 210 -14.43 29.65 -36.80
C ILE A 210 -15.11 30.46 -37.90
N GLY A 211 -14.65 30.29 -39.15
CA GLY A 211 -15.17 31.09 -40.26
C GLY A 211 -16.59 30.72 -40.67
N ASP A 212 -16.94 31.00 -41.93
CA ASP A 212 -18.27 30.68 -42.46
C ASP A 212 -18.23 29.35 -43.21
N ARG A 213 -19.38 28.67 -43.29
CA ARG A 213 -19.49 27.39 -44.02
C ARG A 213 -18.51 26.33 -43.55
N VAL A 214 -18.22 26.31 -42.26
CA VAL A 214 -17.33 25.30 -41.68
C VAL A 214 -18.16 24.11 -41.21
N GLU A 215 -17.72 22.90 -41.56
CA GLU A 215 -18.40 21.67 -41.12
C GLU A 215 -17.45 20.87 -40.27
N ILE A 216 -17.90 20.55 -39.05
CA ILE A 216 -17.07 19.84 -38.10
C ILE A 216 -17.79 18.58 -37.67
N GLY A 217 -17.06 17.48 -37.58
CA GLY A 217 -17.64 16.18 -37.30
C GLY A 217 -17.91 15.96 -35.82
N ALA A 218 -18.03 14.71 -35.43
CA ALA A 218 -18.49 14.35 -34.09
C ALA A 218 -17.33 14.00 -33.19
N CYS A 219 -17.47 14.27 -31.90
CA CYS A 219 -16.38 14.01 -30.96
C CYS A 219 -15.02 14.59 -31.38
N THR A 220 -15.05 15.78 -31.96
CA THR A 220 -13.82 16.50 -32.28
C THR A 220 -13.59 17.58 -31.22
N THR A 221 -12.34 17.87 -30.91
CA THR A 221 -12.02 18.91 -29.92
C THR A 221 -11.18 19.98 -30.57
N ILE A 222 -11.63 21.22 -30.44
CA ILE A 222 -10.85 22.34 -30.95
C ILE A 222 -10.55 23.26 -29.77
N ASP A 223 -9.31 23.26 -29.27
CA ASP A 223 -8.99 24.07 -28.08
C ASP A 223 -8.85 25.57 -28.35
N ARG A 224 -9.20 26.39 -27.36
CA ARG A 224 -8.96 27.85 -27.44
C ARG A 224 -7.47 28.17 -27.37
N GLY A 225 -7.12 29.37 -27.85
CA GLY A 225 -5.73 29.80 -27.88
C GLY A 225 -5.24 30.21 -26.50
N ALA A 226 -3.93 30.21 -26.31
CA ALA A 226 -3.36 30.64 -25.01
C ALA A 226 -3.53 32.15 -24.80
N LEU A 227 -3.15 32.94 -25.81
CA LEU A 227 -3.28 34.39 -25.73
C LEU A 227 -3.98 34.93 -26.98
N ASP A 228 -3.37 34.68 -28.13
CA ASP A 228 -4.05 34.88 -29.42
C ASP A 228 -4.92 33.65 -29.73
N ASP A 229 -5.52 33.61 -30.91
CA ASP A 229 -6.61 32.69 -31.17
C ASP A 229 -6.30 31.46 -32.02
N THR A 230 -7.07 30.41 -31.78
CA THR A 230 -7.18 29.28 -32.68
C THR A 230 -8.14 29.72 -33.76
N ILE A 231 -7.79 29.49 -35.03
CA ILE A 231 -8.57 30.03 -36.13
C ILE A 231 -8.82 28.96 -37.19
N ILE A 232 -10.09 28.80 -37.55
CA ILE A 232 -10.53 27.88 -38.60
C ILE A 232 -11.11 28.72 -39.75
N GLY A 233 -10.42 28.76 -40.88
CA GLY A 233 -10.84 29.61 -42.00
C GLY A 233 -12.16 29.18 -42.65
N ASN A 234 -12.65 29.95 -43.61
CA ASN A 234 -13.92 29.64 -44.24
C ASN A 234 -13.92 28.35 -45.05
N GLY A 235 -15.05 27.66 -45.04
CA GLY A 235 -15.23 26.50 -45.92
C GLY A 235 -14.42 25.28 -45.52
N VAL A 236 -13.83 25.31 -44.33
CA VAL A 236 -13.08 24.16 -43.82
C VAL A 236 -14.00 22.97 -43.47
N ILE A 237 -13.54 21.76 -43.71
CA ILE A 237 -14.28 20.57 -43.28
C ILE A 237 -13.36 19.74 -42.40
N ILE A 238 -13.90 19.32 -41.26
CA ILE A 238 -13.14 18.54 -40.28
C ILE A 238 -13.97 17.33 -39.90
N ASP A 239 -13.37 16.14 -39.97
CA ASP A 239 -14.13 14.92 -39.68
C ASP A 239 -14.14 14.62 -38.18
N ASN A 240 -14.43 13.38 -37.81
CA ASN A 240 -14.61 12.99 -36.39
C ASN A 240 -13.32 12.72 -35.65
N GLN A 241 -13.38 12.78 -34.32
CA GLN A 241 -12.23 12.43 -33.49
C GLN A 241 -10.96 13.23 -33.79
N CYS A 242 -11.08 14.46 -34.30
CA CYS A 242 -9.86 15.25 -34.51
C CYS A 242 -9.47 16.03 -33.27
N GLN A 243 -8.16 16.21 -33.10
CA GLN A 243 -7.65 17.12 -32.06
C GLN A 243 -6.95 18.33 -32.68
N ILE A 244 -7.54 19.50 -32.49
CA ILE A 244 -6.94 20.75 -32.98
C ILE A 244 -6.47 21.55 -31.77
N ALA A 245 -5.16 21.60 -31.57
CA ALA A 245 -4.56 22.16 -30.35
C ALA A 245 -4.61 23.69 -30.33
N HIS A 246 -4.23 24.27 -29.20
CA HIS A 246 -4.31 25.71 -29.07
C HIS A 246 -3.50 26.41 -30.14
N ASN A 247 -4.08 27.50 -30.65
CA ASN A 247 -3.41 28.39 -31.60
C ASN A 247 -3.08 27.77 -32.94
N VAL A 248 -3.77 26.70 -33.31
CA VAL A 248 -3.71 26.21 -34.68
C VAL A 248 -4.44 27.17 -35.60
N VAL A 249 -3.87 27.40 -36.79
CA VAL A 249 -4.55 28.21 -37.80
C VAL A 249 -4.74 27.34 -39.03
N ILE A 250 -5.99 27.20 -39.47
CA ILE A 250 -6.28 26.39 -40.65
C ILE A 250 -6.84 27.28 -41.75
N GLY A 251 -6.16 27.30 -42.90
CA GLY A 251 -6.60 28.10 -44.04
C GLY A 251 -7.89 27.67 -44.71
N ASP A 252 -8.46 28.60 -45.49
CA ASP A 252 -9.74 28.40 -46.16
C ASP A 252 -9.79 27.12 -47.00
N ASN A 253 -10.93 26.43 -46.93
CA ASN A 253 -11.23 25.28 -47.80
C ASN A 253 -10.37 24.03 -47.56
N THR A 254 -9.63 24.01 -46.46
CA THR A 254 -8.84 22.84 -46.11
C THR A 254 -9.70 21.69 -45.55
N ALA A 255 -9.30 20.46 -45.86
CA ALA A 255 -10.03 19.27 -45.41
C ALA A 255 -9.18 18.48 -44.44
N VAL A 256 -9.75 18.15 -43.28
CA VAL A 256 -9.07 17.35 -42.28
C VAL A 256 -9.88 16.08 -42.04
N ALA A 257 -9.32 14.93 -42.39
CA ALA A 257 -10.04 13.65 -42.28
C ALA A 257 -10.05 13.17 -40.83
N GLY A 258 -10.63 11.99 -40.57
CA GLY A 258 -10.87 11.58 -39.19
C GLY A 258 -9.63 11.29 -38.36
N GLY A 259 -9.68 11.65 -37.08
CA GLY A 259 -8.64 11.24 -36.15
C GLY A 259 -7.29 11.91 -36.29
N VAL A 260 -7.24 13.06 -36.97
CA VAL A 260 -5.98 13.82 -37.06
C VAL A 260 -5.64 14.49 -35.72
N ILE A 261 -4.37 14.45 -35.35
CA ILE A 261 -3.87 15.10 -34.13
C ILE A 261 -2.93 16.25 -34.55
N MET A 262 -3.32 17.48 -34.27
CA MET A 262 -2.46 18.63 -34.55
C MET A 262 -1.93 19.20 -33.24
N ALA A 263 -0.63 19.47 -33.18
CA ALA A 263 -0.04 20.06 -31.97
C ALA A 263 -0.11 21.58 -32.05
N GLY A 264 0.21 22.25 -30.95
CA GLY A 264 -0.01 23.68 -30.82
C GLY A 264 0.71 24.55 -31.83
N SER A 265 0.06 25.64 -32.22
CA SER A 265 0.68 26.64 -33.08
C SER A 265 1.06 26.12 -34.48
N LEU A 266 0.39 25.08 -34.95
CA LEU A 266 0.56 24.68 -36.34
C LEU A 266 -0.23 25.64 -37.24
N LYS A 267 0.38 26.07 -38.33
CA LYS A 267 -0.35 26.83 -39.32
C LYS A 267 -0.50 25.98 -40.59
N ILE A 268 -1.73 25.80 -41.04
CA ILE A 268 -1.98 25.03 -42.26
C ILE A 268 -2.55 25.98 -43.29
N GLY A 269 -2.06 25.89 -44.53
CA GLY A 269 -2.50 26.78 -45.59
C GLY A 269 -3.88 26.46 -46.15
N ARG A 270 -4.19 27.08 -47.28
CA ARG A 270 -5.48 26.86 -47.95
C ARG A 270 -5.45 25.65 -48.84
N TYR A 271 -6.62 25.06 -49.07
CA TYR A 271 -6.78 23.98 -50.05
C TYR A 271 -5.91 22.77 -49.75
N CYS A 272 -5.63 22.54 -48.47
CA CYS A 272 -4.87 21.35 -48.09
C CYS A 272 -5.80 20.17 -47.82
N MET A 273 -5.25 18.97 -47.84
CA MET A 273 -6.02 17.77 -47.53
C MET A 273 -5.16 16.96 -46.58
N ILE A 274 -5.63 16.81 -45.34
CA ILE A 274 -4.88 16.07 -44.32
C ILE A 274 -5.58 14.72 -44.10
N GLY A 275 -4.87 13.62 -44.38
CA GLY A 275 -5.46 12.29 -44.37
C GLY A 275 -5.65 11.74 -42.96
N GLY A 276 -6.54 10.76 -42.83
CA GLY A 276 -6.93 10.20 -41.53
C GLY A 276 -5.80 9.80 -40.61
N ALA A 277 -5.93 10.15 -39.33
CA ALA A 277 -4.96 9.76 -38.31
C ALA A 277 -3.53 10.24 -38.55
N SER A 278 -3.36 11.29 -39.36
CA SER A 278 -2.06 11.93 -39.46
C SER A 278 -1.79 12.63 -38.13
N VAL A 279 -0.51 12.75 -37.79
CA VAL A 279 -0.07 13.37 -36.55
C VAL A 279 0.87 14.48 -36.95
N ILE A 280 0.50 15.71 -36.62
CA ILE A 280 1.27 16.84 -37.13
C ILE A 280 1.97 17.60 -36.01
N ASN A 281 3.28 17.81 -36.19
CA ASN A 281 4.08 18.58 -35.25
C ASN A 281 3.61 20.03 -35.17
N GLY A 282 3.89 20.69 -34.05
CA GLY A 282 3.46 22.08 -33.87
C GLY A 282 4.55 23.10 -34.13
N HIS A 283 4.22 24.37 -33.95
CA HIS A 283 5.17 25.48 -34.11
C HIS A 283 5.87 25.43 -35.47
N MET A 284 5.07 25.23 -36.51
CA MET A 284 5.60 25.14 -37.87
C MET A 284 4.47 25.43 -38.85
N GLU A 285 4.80 25.41 -40.14
CA GLU A 285 3.84 25.80 -41.14
C GLU A 285 3.74 24.76 -42.26
N ILE A 286 2.54 24.61 -42.80
CA ILE A 286 2.32 23.78 -43.98
C ILE A 286 1.75 24.71 -45.06
N CYS A 287 2.45 24.85 -46.17
CA CYS A 287 2.02 25.79 -47.21
C CYS A 287 0.70 25.37 -47.87
N ASP A 288 0.18 26.23 -48.74
CA ASP A 288 -1.06 25.96 -49.46
C ASP A 288 -0.97 24.71 -50.33
N LYS A 289 -2.11 24.07 -50.56
CA LYS A 289 -2.22 22.96 -51.51
C LYS A 289 -1.33 21.76 -51.22
N VAL A 290 -1.27 21.36 -49.95
CA VAL A 290 -0.51 20.18 -49.57
C VAL A 290 -1.49 19.04 -49.28
N THR A 291 -1.11 17.84 -49.69
CA THR A 291 -1.88 16.66 -49.32
C THR A 291 -1.00 15.73 -48.50
N VAL A 292 -1.46 15.37 -47.31
CA VAL A 292 -0.77 14.37 -46.51
C VAL A 292 -1.66 13.13 -46.53
N THR A 293 -1.08 11.98 -46.86
CA THR A 293 -1.88 10.76 -46.92
C THR A 293 -2.09 10.18 -45.52
N GLY A 294 -3.03 9.26 -45.40
CA GLY A 294 -3.38 8.65 -44.12
C GLY A 294 -2.20 8.27 -43.25
N MET A 295 -2.34 8.48 -41.94
CA MET A 295 -1.34 8.06 -40.96
C MET A 295 0.01 8.74 -41.20
N GLY A 296 -0.01 9.92 -41.81
CA GLY A 296 1.22 10.63 -42.09
C GLY A 296 1.87 11.16 -40.82
N MET A 297 3.17 10.96 -40.70
CA MET A 297 3.90 11.44 -39.53
C MET A 297 4.58 12.76 -39.92
N VAL A 298 3.87 13.87 -39.71
CA VAL A 298 4.31 15.17 -40.18
C VAL A 298 5.24 15.86 -39.18
N MET A 299 6.52 15.51 -39.24
CA MET A 299 7.52 16.01 -38.31
C MET A 299 8.07 17.40 -38.68
N ARG A 300 8.24 17.65 -39.97
CA ARG A 300 8.91 18.86 -40.46
C ARG A 300 7.97 19.80 -41.19
N PRO A 301 8.37 21.08 -41.36
CA PRO A 301 7.59 22.02 -42.16
C PRO A 301 7.44 21.53 -43.60
N ILE A 302 6.41 22.01 -44.29
CA ILE A 302 6.18 21.67 -45.70
C ILE A 302 6.04 22.95 -46.53
N THR A 303 7.05 23.25 -47.34
CA THR A 303 7.12 24.53 -48.05
C THR A 303 6.69 24.43 -49.50
N GLU A 304 6.67 23.22 -50.03
CA GLU A 304 6.27 23.01 -51.41
C GLU A 304 5.00 22.15 -51.52
N PRO A 305 4.07 22.54 -52.39
CA PRO A 305 2.82 21.80 -52.61
C PRO A 305 3.07 20.42 -53.20
N GLY A 306 2.05 19.56 -53.17
CA GLY A 306 2.20 18.17 -53.60
C GLY A 306 1.71 17.18 -52.55
N VAL A 307 1.87 15.90 -52.85
CA VAL A 307 1.40 14.83 -52.00
C VAL A 307 2.55 14.27 -51.15
N TYR A 308 2.31 14.14 -49.86
CA TYR A 308 3.32 13.63 -48.93
C TYR A 308 2.80 12.44 -48.13
N SER A 309 3.68 11.47 -47.89
CA SER A 309 3.30 10.20 -47.29
C SER A 309 4.37 9.65 -46.35
N SER A 310 3.92 8.81 -45.41
CA SER A 310 4.83 8.01 -44.59
C SER A 310 4.17 6.68 -44.26
N GLY A 311 4.95 5.76 -43.68
CA GLY A 311 4.39 4.53 -43.15
C GLY A 311 4.72 3.28 -43.91
N ILE A 312 4.91 2.18 -43.17
CA ILE A 312 5.16 0.87 -43.76
C ILE A 312 3.89 0.04 -43.62
N PRO A 313 3.26 -0.31 -44.76
CA PRO A 313 1.98 -1.03 -44.79
C PRO A 313 2.04 -2.42 -44.14
N LEU A 314 0.88 -3.01 -43.90
CA LEU A 314 0.79 -4.32 -43.25
C LEU A 314 1.59 -5.41 -43.96
N GLN A 315 2.09 -6.35 -43.17
CA GLN A 315 2.64 -7.60 -43.67
C GLN A 315 2.11 -8.74 -42.83
N PRO A 316 2.15 -9.98 -43.36
CA PRO A 316 1.77 -11.10 -42.48
C PRO A 316 2.69 -11.07 -41.26
N ASN A 317 2.16 -11.39 -40.08
CA ASN A 317 2.91 -11.25 -38.82
C ASN A 317 4.32 -11.81 -38.85
N LYS A 318 4.45 -13.07 -39.30
CA LYS A 318 5.76 -13.72 -39.42
C LYS A 318 6.75 -12.88 -40.23
N VAL A 319 6.28 -12.35 -41.36
CA VAL A 319 7.11 -11.53 -42.24
C VAL A 319 7.48 -10.19 -41.58
N TRP A 320 6.51 -9.57 -40.92
CA TRP A 320 6.73 -8.29 -40.27
C TRP A 320 7.80 -8.36 -39.16
N ARG A 321 7.82 -9.46 -38.42
CA ARG A 321 8.81 -9.64 -37.35
C ARG A 321 10.21 -9.49 -37.89
N LYS A 322 10.45 -10.10 -39.06
CA LYS A 322 11.75 -10.05 -39.69
C LYS A 322 12.06 -8.63 -40.13
N THR A 323 11.09 -8.02 -40.81
CA THR A 323 11.23 -6.64 -41.29
C THR A 323 11.55 -5.69 -40.15
N ALA A 324 10.77 -5.75 -39.08
CA ALA A 324 11.01 -4.91 -37.91
C ALA A 324 12.41 -5.11 -37.34
N ALA A 325 12.78 -6.38 -37.11
CA ALA A 325 14.11 -6.70 -36.57
C ALA A 325 15.26 -6.23 -37.46
N LEU A 326 15.09 -6.34 -38.78
CA LEU A 326 16.13 -5.90 -39.70
C LEU A 326 16.25 -4.37 -39.79
N VAL A 327 15.12 -3.67 -39.82
CA VAL A 327 15.13 -2.21 -39.89
C VAL A 327 15.76 -1.60 -38.63
N MET A 328 15.36 -2.10 -37.47
CA MET A 328 15.93 -1.64 -36.20
C MET A 328 17.45 -1.85 -36.19
N ASN A 329 17.91 -2.76 -37.03
CA ASN A 329 19.32 -3.09 -37.14
C ASN A 329 19.95 -2.55 -38.42
N ILE A 330 19.30 -1.56 -39.04
CA ILE A 330 19.74 -1.04 -40.34
C ILE A 330 21.09 -0.31 -40.33
N ASP A 331 21.51 0.17 -39.16
CA ASP A 331 22.81 0.84 -39.05
C ASP A 331 23.95 -0.17 -39.21
N ASP A 332 23.72 -1.40 -38.75
CA ASP A 332 24.70 -2.46 -38.87
C ASP A 332 24.72 -3.06 -40.29
N MET A 333 23.59 -2.92 -41.00
CA MET A 333 23.54 -3.30 -42.41
C MET A 333 24.26 -2.25 -43.25
N SER A 334 24.09 -0.99 -42.87
CA SER A 334 24.77 0.12 -43.53
C SER A 334 26.28 0.06 -43.27
N LYS A 335 26.66 -0.49 -42.12
CA LYS A 335 28.06 -0.68 -41.77
C LYS A 335 28.72 -1.81 -42.58
N ARG A 336 28.04 -2.95 -42.64
CA ARG A 336 28.54 -4.10 -43.39
C ARG A 336 28.75 -3.81 -44.88
N LEU A 337 27.98 -2.85 -45.40
CA LEU A 337 28.04 -2.49 -46.81
C LEU A 337 29.21 -1.56 -47.13
N LYS A 338 29.53 -0.65 -46.21
CA LYS A 338 30.66 0.25 -46.38
C LYS A 338 31.98 -0.52 -46.39
N SER A 339 32.07 -1.52 -45.52
CA SER A 339 33.25 -2.38 -45.44
C SER A 339 33.39 -3.24 -46.68
N LEU A 340 32.27 -3.76 -47.18
CA LEU A 340 32.27 -4.57 -48.39
C LEU A 340 32.68 -3.72 -49.59
N GLU A 341 32.20 -2.48 -49.62
CA GLU A 341 32.54 -1.54 -50.67
C GLU A 341 34.03 -1.23 -50.68
N ARG A 342 34.63 -1.21 -49.49
CA ARG A 342 36.06 -1.01 -49.34
C ARG A 342 36.86 -2.14 -49.99
N LYS A 343 36.56 -3.37 -49.59
CA LYS A 343 37.17 -4.57 -50.16
C LYS A 343 37.25 -4.52 -51.68
N VAL A 344 36.14 -4.15 -52.30
CA VAL A 344 36.04 -4.08 -53.75
C VAL A 344 36.48 -2.70 -54.26
N SER B 10 -7.85 43.91 -12.66
CA SER B 10 -6.86 44.95 -12.91
C SER B 10 -5.92 45.15 -11.72
N ILE B 11 -4.66 45.49 -11.98
CA ILE B 11 -3.67 45.55 -10.91
C ILE B 11 -2.54 46.55 -11.19
N ARG B 12 -1.97 47.09 -10.11
CA ARG B 12 -0.82 47.97 -10.21
C ARG B 12 0.44 47.17 -10.47
N LEU B 13 1.29 47.69 -11.34
CA LEU B 13 2.50 46.97 -11.76
C LEU B 13 3.38 46.58 -10.58
N ALA B 14 3.54 47.51 -9.63
CA ALA B 14 4.28 47.21 -8.41
C ALA B 14 3.64 46.07 -7.63
N ASP B 15 2.32 46.09 -7.48
CA ASP B 15 1.62 45.04 -6.75
C ASP B 15 1.72 43.69 -7.46
N LEU B 16 1.62 43.71 -8.79
CA LEU B 16 1.78 42.48 -9.57
C LEU B 16 3.20 41.94 -9.43
N ALA B 17 4.19 42.83 -9.51
CA ALA B 17 5.59 42.43 -9.42
C ALA B 17 5.90 41.78 -8.08
N GLN B 18 5.28 42.29 -7.02
CA GLN B 18 5.48 41.75 -5.68
C GLN B 18 4.91 40.33 -5.56
N GLN B 19 3.71 40.12 -6.09
CA GLN B 19 3.13 38.78 -6.08
C GLN B 19 3.95 37.81 -6.92
N LEU B 20 4.70 38.33 -7.89
CA LEU B 20 5.45 37.48 -8.80
C LEU B 20 6.91 37.26 -8.36
N ASP B 21 7.28 37.87 -7.25
CA ASP B 21 8.68 37.89 -6.81
C ASP B 21 9.58 38.40 -7.94
N ALA B 22 9.14 39.48 -8.59
CA ALA B 22 9.90 40.10 -9.67
C ALA B 22 10.59 41.38 -9.22
N GLU B 23 11.76 41.67 -9.79
CA GLU B 23 12.38 42.99 -9.61
C GLU B 23 11.74 43.98 -10.57
N LEU B 24 11.07 44.99 -10.00
CA LEU B 24 10.36 45.96 -10.82
C LEU B 24 11.30 47.06 -11.35
N HIS B 25 11.43 47.15 -12.66
CA HIS B 25 12.19 48.24 -13.26
C HIS B 25 11.30 49.15 -14.11
N GLY B 26 10.83 50.24 -13.52
CA GLY B 26 9.91 51.15 -14.18
C GLY B 26 8.79 51.58 -13.25
N ASP B 27 7.78 52.25 -13.81
CA ASP B 27 6.71 52.89 -13.03
C ASP B 27 5.80 51.90 -12.31
N GLY B 28 5.88 51.85 -10.99
CA GLY B 28 5.08 50.94 -10.20
C GLY B 28 3.58 51.23 -10.27
N ASP B 29 3.24 52.45 -10.68
CA ASP B 29 1.83 52.87 -10.73
C ASP B 29 1.13 52.55 -12.05
N ILE B 30 1.87 52.04 -13.03
CA ILE B 30 1.25 51.61 -14.29
C ILE B 30 0.14 50.59 -14.01
N VAL B 31 -1.03 50.78 -14.60
CA VAL B 31 -2.15 49.87 -14.38
C VAL B 31 -2.15 48.73 -15.41
N ILE B 32 -2.12 47.50 -14.91
CA ILE B 32 -2.13 46.31 -15.78
C ILE B 32 -3.53 45.70 -15.83
N THR B 33 -4.07 45.52 -17.03
CA THR B 33 -5.44 45.04 -17.19
C THR B 33 -5.53 43.58 -17.66
N GLY B 34 -4.45 43.07 -18.26
CA GLY B 34 -4.42 41.70 -18.73
C GLY B 34 -3.09 41.28 -19.34
N VAL B 35 -3.00 40.01 -19.72
CA VAL B 35 -1.82 39.47 -20.37
C VAL B 35 -2.09 39.42 -21.87
N ALA B 36 -1.05 39.57 -22.69
CA ALA B 36 -1.23 39.54 -24.13
C ALA B 36 0.05 39.02 -24.75
N SER B 37 -0.03 38.54 -25.98
CA SER B 37 1.18 38.11 -26.68
C SER B 37 2.02 39.35 -26.97
N MET B 38 3.30 39.15 -27.24
CA MET B 38 4.17 40.28 -27.56
C MET B 38 3.64 41.07 -28.75
N GLN B 39 3.13 40.35 -29.76
CA GLN B 39 2.67 41.00 -30.99
C GLN B 39 1.30 41.68 -30.86
N SER B 40 0.44 41.15 -30.00
CA SER B 40 -0.90 41.73 -29.79
C SER B 40 -0.95 42.77 -28.67
N ALA B 41 0.09 42.81 -27.84
CA ALA B 41 0.08 43.65 -26.64
C ALA B 41 -0.13 45.15 -26.92
N GLN B 42 -1.03 45.76 -26.15
CA GLN B 42 -1.26 47.20 -26.23
C GLN B 42 -1.04 47.79 -24.84
N THR B 43 -1.33 49.08 -24.70
CA THR B 43 -1.20 49.75 -23.40
C THR B 43 -2.10 49.04 -22.41
N GLY B 44 -1.63 48.91 -21.17
CA GLY B 44 -2.36 48.18 -20.14
C GLY B 44 -2.01 46.70 -20.05
N HIS B 45 -1.39 46.17 -21.10
CA HIS B 45 -1.06 44.75 -21.14
C HIS B 45 0.35 44.47 -20.68
N ILE B 46 0.52 43.36 -19.99
CA ILE B 46 1.84 42.83 -19.69
C ILE B 46 2.08 41.61 -20.57
N THR B 47 3.31 41.47 -21.06
CA THR B 47 3.64 40.31 -21.89
C THR B 47 4.93 39.71 -21.35
N PHE B 48 5.48 38.73 -22.05
CA PHE B 48 6.69 38.08 -21.54
C PHE B 48 7.58 37.69 -22.68
N MET B 49 8.80 37.30 -22.36
CA MET B 49 9.77 36.97 -23.38
C MET B 49 10.75 35.95 -22.83
N VAL B 50 10.94 34.85 -23.57
CA VAL B 50 11.84 33.80 -23.13
C VAL B 50 13.06 33.72 -24.05
N ASN B 51 12.79 33.60 -25.34
CA ASN B 51 13.81 33.47 -26.37
C ASN B 51 14.51 34.81 -26.62
N PRO B 52 15.84 34.84 -26.46
CA PRO B 52 16.62 36.07 -26.67
C PRO B 52 16.51 36.67 -28.09
N LYS B 53 16.10 35.87 -29.08
CA LYS B 53 15.97 36.38 -30.45
C LYS B 53 14.89 37.47 -30.54
N TYR B 54 13.97 37.49 -29.59
CA TYR B 54 12.88 38.47 -29.57
C TYR B 54 13.31 39.84 -29.06
N ARG B 55 14.57 39.93 -28.62
CA ARG B 55 15.10 41.17 -28.06
C ARG B 55 14.90 42.34 -29.02
N GLU B 56 15.19 42.09 -30.29
CA GLU B 56 14.98 43.10 -31.34
C GLU B 56 13.50 43.51 -31.44
N HIS B 57 12.60 42.54 -31.22
CA HIS B 57 11.17 42.80 -31.30
C HIS B 57 10.62 43.69 -30.18
N LEU B 58 11.41 43.89 -29.12
CA LEU B 58 10.99 44.73 -27.99
C LEU B 58 10.75 46.18 -28.43
N GLY B 59 11.54 46.64 -29.39
CA GLY B 59 11.45 48.02 -29.87
C GLY B 59 10.18 48.34 -30.64
N LEU B 60 9.38 47.32 -30.96
CA LEU B 60 8.12 47.56 -31.65
C LEU B 60 6.93 47.05 -30.85
N CYS B 61 7.21 46.60 -29.63
CA CYS B 61 6.16 46.08 -28.75
C CYS B 61 5.42 47.22 -28.06
N GLN B 62 4.10 47.13 -27.99
CA GLN B 62 3.28 48.21 -27.41
C GLN B 62 2.79 47.90 -25.99
N ALA B 63 3.36 46.89 -25.35
CA ALA B 63 2.92 46.45 -24.02
C ALA B 63 3.35 47.46 -22.97
N SER B 64 2.56 47.61 -21.90
CA SER B 64 2.97 48.50 -20.80
C SER B 64 4.15 47.94 -19.99
N ALA B 65 4.31 46.62 -20.03
CA ALA B 65 5.38 45.97 -19.28
C ALA B 65 5.73 44.64 -19.89
N VAL B 66 6.99 44.22 -19.75
CA VAL B 66 7.45 42.94 -20.28
C VAL B 66 8.17 42.15 -19.19
N VAL B 67 7.78 40.89 -19.03
CA VAL B 67 8.50 39.98 -18.11
C VAL B 67 9.71 39.37 -18.81
N MET B 68 10.90 39.55 -18.22
CA MET B 68 12.13 39.10 -18.84
C MET B 68 13.19 38.75 -17.81
N THR B 69 14.39 38.43 -18.27
CA THR B 69 15.50 38.08 -17.37
C THR B 69 16.47 39.25 -17.26
N GLN B 70 17.35 39.17 -16.27
CA GLN B 70 18.35 40.20 -16.03
C GLN B 70 19.15 40.53 -17.30
N ASP B 71 19.48 39.50 -18.08
CA ASP B 71 20.23 39.68 -19.31
C ASP B 71 19.45 40.46 -20.37
N ASP B 72 18.13 40.31 -20.37
CA ASP B 72 17.28 41.00 -21.35
C ASP B 72 17.12 42.48 -21.00
N LEU B 73 17.23 42.82 -19.73
CA LEU B 73 16.95 44.18 -19.24
C LEU B 73 17.55 45.36 -20.05
N PRO B 74 18.82 45.24 -20.51
CA PRO B 74 19.36 46.36 -21.30
C PRO B 74 18.54 46.66 -22.55
N PHE B 75 17.94 45.63 -23.13
CA PHE B 75 17.20 45.77 -24.40
C PHE B 75 15.77 46.26 -24.22
N ALA B 76 15.34 46.40 -22.97
CA ALA B 76 13.95 46.75 -22.65
C ALA B 76 13.58 48.14 -23.12
N LYS B 77 12.38 48.29 -23.64
CA LYS B 77 11.90 49.60 -24.09
C LYS B 77 10.68 50.06 -23.30
N SER B 78 10.42 49.38 -22.18
CA SER B 78 9.25 49.64 -21.36
C SER B 78 9.59 49.26 -19.92
N ALA B 79 8.62 49.39 -19.02
CA ALA B 79 8.78 48.83 -17.68
C ALA B 79 9.04 47.33 -17.81
N ALA B 80 9.93 46.82 -16.98
CA ALA B 80 10.31 45.42 -17.04
C ALA B 80 10.20 44.75 -15.66
N LEU B 81 9.72 43.51 -15.66
CA LEU B 81 9.71 42.67 -14.47
C LEU B 81 10.81 41.63 -14.66
N VAL B 82 11.87 41.74 -13.86
CA VAL B 82 13.01 40.85 -14.02
C VAL B 82 12.87 39.64 -13.11
N VAL B 83 12.88 38.45 -13.72
CA VAL B 83 12.72 37.19 -12.97
C VAL B 83 13.72 36.16 -13.47
N LYS B 84 13.79 35.06 -12.74
CA LYS B 84 14.66 33.94 -13.11
C LYS B 84 14.02 33.05 -14.20
N ASN B 85 12.70 32.87 -14.14
CA ASN B 85 11.98 32.01 -15.10
C ASN B 85 10.72 32.68 -15.68
N PRO B 86 10.87 33.35 -16.84
CA PRO B 86 9.76 34.13 -17.42
C PRO B 86 8.55 33.29 -17.81
N TYR B 87 8.74 32.08 -18.32
CA TYR B 87 7.60 31.25 -18.71
C TYR B 87 6.79 30.92 -17.46
N LEU B 88 7.47 30.55 -16.39
CA LEU B 88 6.80 30.20 -15.16
C LEU B 88 6.10 31.44 -14.58
N THR B 89 6.78 32.59 -14.63
CA THR B 89 6.18 33.84 -14.17
C THR B 89 4.95 34.17 -14.99
N TYR B 90 5.04 33.93 -16.30
CA TYR B 90 3.91 34.09 -17.21
C TYR B 90 2.72 33.26 -16.72
N ALA B 91 2.97 32.00 -16.38
CA ALA B 91 1.90 31.15 -15.88
C ALA B 91 1.26 31.76 -14.63
N ARG B 92 2.09 32.21 -13.69
CA ARG B 92 1.60 32.81 -12.44
C ARG B 92 0.81 34.10 -12.68
N MET B 93 1.35 35.00 -13.50
CA MET B 93 0.64 36.25 -13.79
C MET B 93 -0.64 36.00 -14.57
N ALA B 94 -0.60 35.05 -15.51
CA ALA B 94 -1.82 34.69 -16.25
C ALA B 94 -2.88 34.15 -15.29
N GLN B 95 -2.45 33.45 -14.25
CA GLN B 95 -3.39 33.03 -13.21
C GLN B 95 -3.98 34.22 -12.43
N ILE B 96 -3.14 35.18 -12.07
CA ILE B 96 -3.64 36.36 -11.37
C ILE B 96 -4.61 37.15 -12.24
N LEU B 97 -4.29 37.31 -13.53
CA LEU B 97 -5.11 38.09 -14.44
C LEU B 97 -6.10 37.24 -15.26
N ASP B 98 -6.44 36.05 -14.76
CA ASP B 98 -7.30 35.11 -15.48
C ASP B 98 -8.72 35.65 -15.69
N THR B 99 -9.22 35.56 -16.92
CA THR B 99 -10.59 36.00 -17.22
C THR B 99 -11.55 34.82 -17.45
N THR B 100 -11.05 33.60 -17.27
CA THR B 100 -11.87 32.40 -17.48
C THR B 100 -13.03 32.37 -16.47
N PRO B 101 -14.29 32.25 -16.95
CA PRO B 101 -15.42 32.12 -16.04
C PRO B 101 -15.43 30.77 -15.28
N GLN B 102 -16.34 30.60 -14.34
CA GLN B 102 -16.52 29.31 -13.67
C GLN B 102 -17.56 28.50 -14.43
N PRO B 103 -17.48 27.15 -14.36
CA PRO B 103 -18.45 26.36 -15.15
C PRO B 103 -19.89 26.57 -14.68
N ALA B 104 -20.06 27.07 -13.45
CA ALA B 104 -21.39 27.29 -12.89
C ALA B 104 -21.27 28.16 -11.65
N GLN B 105 -22.35 28.83 -11.27
CA GLN B 105 -22.43 29.53 -9.99
C GLN B 105 -23.75 29.22 -9.30
N ASN B 106 -23.69 28.97 -7.99
CA ASN B 106 -24.85 28.50 -7.21
C ASN B 106 -25.39 27.17 -7.72
N ILE B 107 -26.50 26.72 -7.15
CA ILE B 107 -27.12 25.46 -7.58
C ILE B 107 -28.35 25.68 -8.47
N ALA B 108 -28.23 25.34 -9.75
CA ALA B 108 -29.31 25.57 -10.69
C ALA B 108 -30.57 24.78 -10.32
N PRO B 109 -31.75 25.44 -10.41
CA PRO B 109 -33.05 24.82 -10.20
C PRO B 109 -33.33 23.66 -11.15
N SER B 110 -32.75 23.71 -12.35
CA SER B 110 -32.94 22.64 -13.33
C SER B 110 -32.07 21.43 -13.05
N ALA B 111 -31.12 21.57 -12.12
CA ALA B 111 -30.25 20.44 -11.80
C ALA B 111 -31.02 19.36 -11.06
N VAL B 112 -30.78 18.11 -11.41
CA VAL B 112 -31.48 17.00 -10.76
C VAL B 112 -30.55 16.32 -9.76
N ILE B 113 -30.76 16.60 -8.48
CA ILE B 113 -29.87 16.16 -7.41
C ILE B 113 -30.60 15.19 -6.47
N ASP B 114 -30.05 13.99 -6.31
CA ASP B 114 -30.67 13.00 -5.44
C ASP B 114 -30.63 13.46 -3.98
N ALA B 115 -31.67 13.15 -3.21
CA ALA B 115 -31.77 13.63 -1.84
C ALA B 115 -30.64 13.12 -0.93
N THR B 116 -30.09 11.96 -1.26
CA THR B 116 -28.99 11.39 -0.49
C THR B 116 -27.61 11.92 -0.91
N ALA B 117 -27.57 12.82 -1.88
CA ALA B 117 -26.30 13.45 -2.27
C ALA B 117 -25.84 14.37 -1.14
N LYS B 118 -24.54 14.33 -0.83
CA LYS B 118 -23.98 15.23 0.20
C LYS B 118 -23.22 16.38 -0.44
N LEU B 119 -23.65 17.61 -0.17
CA LEU B 119 -22.97 18.78 -0.71
C LEU B 119 -22.25 19.55 0.38
N GLY B 120 -20.98 19.86 0.16
CA GLY B 120 -20.22 20.71 1.08
C GLY B 120 -20.59 22.16 0.89
N ASN B 121 -19.79 23.05 1.46
CA ASN B 121 -20.07 24.48 1.39
C ASN B 121 -19.59 25.08 0.08
N ASN B 122 -20.34 26.06 -0.42
CA ASN B 122 -19.97 26.77 -1.64
C ASN B 122 -19.87 25.84 -2.85
N VAL B 123 -20.72 24.81 -2.89
CA VAL B 123 -20.82 23.95 -4.07
C VAL B 123 -21.69 24.64 -5.11
N SER B 124 -21.27 24.59 -6.35
CA SER B 124 -22.12 25.10 -7.42
C SER B 124 -22.36 24.02 -8.47
N ILE B 125 -23.60 23.93 -8.94
CA ILE B 125 -23.97 22.90 -9.88
C ILE B 125 -24.75 23.51 -11.04
N GLY B 126 -24.30 23.24 -12.26
CA GLY B 126 -24.85 23.86 -13.45
C GLY B 126 -26.23 23.34 -13.84
N ALA B 127 -26.87 24.06 -14.75
CA ALA B 127 -28.18 23.70 -15.25
C ALA B 127 -28.20 22.30 -15.86
N ASN B 128 -29.21 21.52 -15.51
CA ASN B 128 -29.46 20.20 -16.09
C ASN B 128 -28.40 19.15 -15.77
N ALA B 129 -27.53 19.45 -14.83
CA ALA B 129 -26.60 18.46 -14.33
C ALA B 129 -27.40 17.39 -13.60
N VAL B 130 -26.83 16.19 -13.49
CA VAL B 130 -27.54 15.10 -12.83
C VAL B 130 -26.64 14.45 -11.80
N ILE B 131 -27.02 14.55 -10.54
CA ILE B 131 -26.20 14.02 -9.47
C ILE B 131 -26.90 12.79 -8.86
N GLU B 132 -26.25 11.64 -8.93
CA GLU B 132 -26.88 10.40 -8.46
C GLU B 132 -26.87 10.24 -6.94
N SER B 133 -27.53 9.19 -6.47
CA SER B 133 -27.58 8.88 -5.04
C SER B 133 -26.18 8.59 -4.47
N GLY B 134 -25.97 8.97 -3.21
CA GLY B 134 -24.73 8.66 -2.52
C GLY B 134 -23.53 9.51 -2.91
N VAL B 135 -23.72 10.48 -3.81
CA VAL B 135 -22.59 11.29 -4.28
C VAL B 135 -22.11 12.26 -3.20
N GLU B 136 -20.79 12.46 -3.09
CA GLU B 136 -20.27 13.46 -2.18
C GLU B 136 -19.47 14.49 -2.96
N LEU B 137 -19.88 15.74 -2.85
CA LEU B 137 -19.19 16.86 -3.49
C LEU B 137 -18.54 17.68 -2.37
N GLY B 138 -17.21 17.78 -2.38
CA GLY B 138 -16.51 18.50 -1.32
C GLY B 138 -16.75 19.99 -1.41
N ASP B 139 -16.17 20.75 -0.48
CA ASP B 139 -16.27 22.21 -0.49
C ASP B 139 -15.76 22.80 -1.79
N ASN B 140 -16.46 23.84 -2.27
CA ASN B 140 -16.06 24.60 -3.46
C ASN B 140 -15.99 23.79 -4.74
N VAL B 141 -16.58 22.60 -4.74
CA VAL B 141 -16.68 21.84 -5.99
C VAL B 141 -17.63 22.55 -6.97
N ILE B 142 -17.23 22.59 -8.24
CA ILE B 142 -18.09 23.14 -9.27
C ILE B 142 -18.37 22.11 -10.36
N ILE B 143 -19.65 21.77 -10.54
CA ILE B 143 -20.10 20.85 -11.57
C ILE B 143 -20.75 21.64 -12.72
N GLY B 144 -20.19 21.58 -13.91
CA GLY B 144 -20.71 22.35 -15.04
C GLY B 144 -22.07 21.87 -15.53
N ALA B 145 -22.67 22.61 -16.47
CA ALA B 145 -24.00 22.26 -16.97
C ALA B 145 -24.00 20.90 -17.66
N GLY B 146 -25.05 20.10 -17.45
CA GLY B 146 -25.24 18.87 -18.22
C GLY B 146 -24.37 17.68 -17.84
N CYS B 147 -23.58 17.84 -16.79
CA CYS B 147 -22.76 16.74 -16.27
C CYS B 147 -23.61 15.63 -15.65
N PHE B 148 -23.06 14.43 -15.65
CA PHE B 148 -23.63 13.32 -14.92
C PHE B 148 -22.59 12.85 -13.93
N VAL B 149 -22.96 12.69 -12.66
CA VAL B 149 -22.04 12.13 -11.67
C VAL B 149 -22.71 10.90 -11.06
N GLY B 150 -22.14 9.72 -11.32
CA GLY B 150 -22.82 8.45 -11.04
C GLY B 150 -22.88 8.07 -9.57
N LYS B 151 -23.58 6.98 -9.27
CA LYS B 151 -23.85 6.58 -7.89
C LYS B 151 -22.60 6.43 -7.00
N ASN B 152 -22.71 6.94 -5.78
CA ASN B 152 -21.64 6.84 -4.78
C ASN B 152 -20.26 7.41 -5.17
N SER B 153 -20.21 8.25 -6.20
CA SER B 153 -18.93 8.82 -6.60
C SER B 153 -18.57 9.98 -5.67
N LYS B 154 -17.27 10.23 -5.54
CA LYS B 154 -16.78 11.30 -4.66
C LYS B 154 -15.85 12.27 -5.40
N ILE B 155 -16.17 13.55 -5.31
CA ILE B 155 -15.33 14.58 -5.93
C ILE B 155 -14.79 15.53 -4.85
N GLY B 156 -13.47 15.67 -4.76
CA GLY B 156 -12.85 16.36 -3.65
C GLY B 156 -12.87 17.88 -3.75
N ALA B 157 -12.66 18.53 -2.61
CA ALA B 157 -12.69 19.98 -2.49
C ALA B 157 -11.96 20.72 -3.60
N GLY B 158 -12.59 21.76 -4.13
CA GLY B 158 -11.93 22.63 -5.10
C GLY B 158 -11.92 22.09 -6.53
N SER B 159 -12.40 20.87 -6.74
CA SER B 159 -12.41 20.30 -8.10
C SER B 159 -13.55 20.83 -8.98
N ARG B 160 -13.29 20.88 -10.28
CA ARG B 160 -14.23 21.49 -11.22
C ARG B 160 -14.42 20.65 -12.47
N LEU B 161 -15.67 20.43 -12.85
CA LEU B 161 -15.96 19.78 -14.12
C LEU B 161 -16.62 20.81 -15.02
N TRP B 162 -16.14 20.92 -16.26
CA TRP B 162 -16.83 21.75 -17.24
C TRP B 162 -18.12 21.08 -17.71
N ALA B 163 -18.80 21.69 -18.67
CA ALA B 163 -20.10 21.17 -19.11
C ALA B 163 -19.99 19.78 -19.68
N ASN B 164 -21.03 18.96 -19.49
CA ASN B 164 -21.13 17.70 -20.24
C ASN B 164 -19.95 16.74 -20.00
N VAL B 165 -19.53 16.68 -18.75
CA VAL B 165 -18.59 15.66 -18.29
C VAL B 165 -19.42 14.51 -17.73
N THR B 166 -18.98 13.28 -17.97
CA THR B 166 -19.66 12.10 -17.40
C THR B 166 -18.74 11.35 -16.46
N ILE B 167 -19.16 11.26 -15.20
CA ILE B 167 -18.46 10.47 -14.19
C ILE B 167 -19.37 9.29 -13.86
N TYR B 168 -18.85 8.08 -13.97
CA TYR B 168 -19.67 6.89 -13.65
C TYR B 168 -19.75 6.69 -12.12
N HIS B 169 -20.24 5.53 -11.70
CA HIS B 169 -20.46 5.22 -10.29
C HIS B 169 -19.17 4.82 -9.59
N GLU B 170 -19.12 5.03 -8.26
CA GLU B 170 -17.98 4.64 -7.43
C GLU B 170 -16.63 5.23 -7.87
N ILE B 171 -16.65 6.40 -8.49
CA ILE B 171 -15.42 7.04 -8.91
C ILE B 171 -14.92 7.97 -7.79
N GLN B 172 -13.61 8.01 -7.59
CA GLN B 172 -13.00 8.98 -6.66
C GLN B 172 -12.12 9.97 -7.39
N ILE B 173 -12.48 11.24 -7.25
CA ILE B 173 -11.65 12.30 -7.79
C ILE B 173 -11.12 13.14 -6.61
N GLY B 174 -9.82 13.40 -6.59
CA GLY B 174 -9.22 14.15 -5.48
C GLY B 174 -9.53 15.64 -5.49
N GLN B 175 -8.69 16.44 -4.84
CA GLN B 175 -8.93 17.88 -4.71
C GLN B 175 -8.28 18.70 -5.82
N ASN B 176 -8.85 19.87 -6.09
CA ASN B 176 -8.28 20.79 -7.09
C ASN B 176 -8.06 20.20 -8.47
N CYS B 177 -8.93 19.29 -8.89
CA CYS B 177 -8.84 18.72 -10.24
C CYS B 177 -9.63 19.56 -11.23
N LEU B 178 -9.34 19.40 -12.51
CA LEU B 178 -10.12 20.08 -13.54
C LEU B 178 -10.30 19.14 -14.72
N ILE B 179 -11.55 18.95 -15.12
CA ILE B 179 -11.84 18.08 -16.24
C ILE B 179 -12.65 18.87 -17.25
N GLN B 180 -12.19 18.84 -18.51
CA GLN B 180 -12.85 19.55 -19.60
C GLN B 180 -14.03 18.74 -20.18
N SER B 181 -14.91 19.41 -20.92
CA SER B 181 -16.14 18.83 -21.46
C SER B 181 -15.92 17.56 -22.30
N GLY B 182 -16.91 16.67 -22.33
CA GLY B 182 -16.90 15.55 -23.27
C GLY B 182 -16.13 14.35 -22.73
N THR B 183 -15.45 14.56 -21.62
CA THR B 183 -14.63 13.50 -21.04
C THR B 183 -15.49 12.52 -20.24
N VAL B 184 -15.09 11.26 -20.22
CA VAL B 184 -15.88 10.20 -19.61
C VAL B 184 -14.95 9.45 -18.71
N VAL B 185 -15.26 9.44 -17.42
CA VAL B 185 -14.40 8.76 -16.46
C VAL B 185 -15.15 7.62 -15.81
N GLY B 186 -14.62 6.42 -15.96
CA GLY B 186 -15.21 5.28 -15.24
C GLY B 186 -16.17 4.42 -16.06
N ALA B 187 -16.13 4.52 -17.38
CA ALA B 187 -16.90 3.59 -18.23
C ALA B 187 -16.32 2.20 -18.12
N ASP B 188 -17.07 1.19 -18.57
CA ASP B 188 -16.57 -0.19 -18.49
C ASP B 188 -15.30 -0.37 -19.29
N GLY B 189 -14.29 -0.99 -18.67
CA GLY B 189 -13.11 -1.42 -19.39
C GLY B 189 -13.51 -2.39 -20.51
N PHE B 190 -12.58 -2.73 -21.38
CA PHE B 190 -12.91 -3.52 -22.56
C PHE B 190 -12.68 -5.00 -22.25
N GLY B 191 -13.51 -5.56 -21.37
CA GLY B 191 -13.29 -6.90 -20.84
C GLY B 191 -14.31 -7.90 -21.37
N TYR B 192 -13.81 -8.87 -22.10
CA TYR B 192 -14.67 -9.89 -22.69
C TYR B 192 -13.91 -11.20 -22.71
N ALA B 193 -14.64 -12.28 -22.47
CA ALA B 193 -14.06 -13.61 -22.63
C ALA B 193 -14.64 -14.18 -23.91
N ASN B 194 -13.89 -15.05 -24.56
CA ASN B 194 -14.35 -15.63 -25.81
C ASN B 194 -14.96 -17.03 -25.63
N ASP B 195 -16.21 -17.19 -26.01
CA ASP B 195 -16.89 -18.47 -25.87
C ASP B 195 -17.31 -18.98 -27.25
N ARG B 196 -16.39 -19.69 -27.90
CA ARG B 196 -16.61 -20.24 -29.23
C ARG B 196 -16.90 -19.11 -30.22
N GLY B 197 -16.11 -18.05 -30.15
CA GLY B 197 -16.24 -16.94 -31.08
C GLY B 197 -17.21 -15.86 -30.62
N ASN B 198 -18.04 -16.18 -29.64
CA ASN B 198 -18.93 -15.18 -29.05
C ASN B 198 -18.29 -14.50 -27.87
N TRP B 199 -18.46 -13.18 -27.77
CA TRP B 199 -17.85 -12.43 -26.68
C TRP B 199 -18.78 -12.41 -25.46
N VAL B 200 -18.26 -12.83 -24.32
CA VAL B 200 -19.04 -12.83 -23.09
C VAL B 200 -18.53 -11.68 -22.21
N LYS B 201 -19.42 -10.77 -21.84
CA LYS B 201 -18.99 -9.56 -21.14
C LYS B 201 -18.42 -9.88 -19.76
N ILE B 202 -17.30 -9.26 -19.43
CA ILE B 202 -16.79 -9.33 -18.06
C ILE B 202 -17.16 -8.02 -17.40
N PRO B 203 -18.08 -8.09 -16.41
CA PRO B 203 -18.46 -6.88 -15.68
C PRO B 203 -17.23 -6.22 -15.08
N GLN B 204 -17.19 -4.90 -15.12
CA GLN B 204 -16.00 -4.19 -14.68
C GLN B 204 -16.33 -3.49 -13.37
N ILE B 205 -15.89 -4.09 -12.26
CA ILE B 205 -16.35 -3.67 -10.94
C ILE B 205 -15.26 -3.01 -10.11
N GLY B 206 -14.07 -2.90 -10.70
CA GLY B 206 -13.08 -1.95 -10.20
C GLY B 206 -13.53 -0.52 -10.42
N ARG B 207 -12.67 0.43 -10.07
CA ARG B 207 -13.03 1.84 -10.10
C ARG B 207 -11.99 2.66 -10.84
N VAL B 208 -12.12 3.99 -10.77
CA VAL B 208 -11.05 4.89 -11.15
C VAL B 208 -10.73 5.75 -9.95
N ILE B 209 -9.45 5.84 -9.60
CA ILE B 209 -9.04 6.73 -8.52
C ILE B 209 -8.17 7.82 -9.12
N ILE B 210 -8.66 9.06 -9.07
CA ILE B 210 -7.90 10.19 -9.57
C ILE B 210 -7.38 10.99 -8.38
N GLY B 211 -6.07 11.23 -8.34
CA GLY B 211 -5.47 11.97 -7.22
C GLY B 211 -5.79 13.46 -7.21
N ASP B 212 -4.94 14.23 -6.51
CA ASP B 212 -5.12 15.67 -6.38
C ASP B 212 -4.44 16.43 -7.53
N ARG B 213 -5.05 17.55 -7.92
CA ARG B 213 -4.51 18.44 -8.95
CA ARG B 213 -4.51 18.43 -8.94
C ARG B 213 -4.25 17.74 -10.28
N VAL B 214 -5.19 16.90 -10.68
CA VAL B 214 -5.09 16.22 -11.97
C VAL B 214 -5.88 17.09 -12.93
N GLU B 215 -5.31 17.33 -14.11
CA GLU B 215 -6.03 18.09 -15.12
C GLU B 215 -6.24 17.21 -16.34
N ILE B 216 -7.49 17.06 -16.74
CA ILE B 216 -7.82 16.18 -17.85
C ILE B 216 -8.53 16.97 -18.96
N GLY B 217 -8.08 16.79 -20.19
CA GLY B 217 -8.63 17.52 -21.32
C GLY B 217 -10.00 17.02 -21.76
N ALA B 218 -10.36 17.32 -23.01
CA ALA B 218 -11.71 17.09 -23.53
C ALA B 218 -11.79 15.82 -24.38
N CYS B 219 -12.95 15.18 -24.40
CA CYS B 219 -13.15 13.89 -25.08
C CYS B 219 -12.10 12.82 -24.77
N THR B 220 -11.72 12.77 -23.51
CA THR B 220 -10.80 11.76 -23.04
C THR B 220 -11.62 10.71 -22.33
N THR B 221 -11.18 9.46 -22.44
CA THR B 221 -11.90 8.35 -21.80
C THR B 221 -10.96 7.62 -20.87
N ILE B 222 -11.37 7.54 -19.60
CA ILE B 222 -10.63 6.78 -18.60
C ILE B 222 -11.51 5.65 -18.05
N ASP B 223 -11.22 4.42 -18.47
CA ASP B 223 -12.05 3.27 -18.11
C ASP B 223 -11.82 2.84 -16.65
N ARG B 224 -12.88 2.37 -15.99
CA ARG B 224 -12.77 1.79 -14.65
C ARG B 224 -12.06 0.45 -14.70
N GLY B 225 -11.51 0.02 -13.56
CA GLY B 225 -10.76 -1.22 -13.50
C GLY B 225 -11.63 -2.47 -13.58
N ALA B 226 -11.01 -3.61 -13.85
CA ALA B 226 -11.79 -4.86 -13.93
C ALA B 226 -12.17 -5.37 -12.54
N LEU B 227 -11.20 -5.35 -11.62
CA LEU B 227 -11.42 -5.80 -10.24
C LEU B 227 -10.70 -4.83 -9.30
N ASP B 228 -9.40 -4.65 -9.51
CA ASP B 228 -8.67 -3.54 -8.92
C ASP B 228 -8.90 -2.28 -9.75
N ASP B 229 -8.22 -1.18 -9.39
CA ASP B 229 -8.58 0.13 -9.90
C ASP B 229 -7.70 0.69 -11.02
N THR B 230 -8.28 1.56 -11.83
CA THR B 230 -7.48 2.45 -12.69
C THR B 230 -7.04 3.65 -11.84
N ILE B 231 -5.75 3.97 -11.86
CA ILE B 231 -5.21 4.95 -10.92
C ILE B 231 -4.42 6.08 -11.60
N ILE B 232 -4.86 7.32 -11.38
CA ILE B 232 -4.17 8.47 -11.94
C ILE B 232 -3.52 9.20 -10.77
N GLY B 233 -2.19 9.29 -10.74
CA GLY B 233 -1.50 9.87 -9.58
C GLY B 233 -1.67 11.37 -9.46
N ASN B 234 -1.13 11.98 -8.39
CA ASN B 234 -1.25 13.42 -8.19
C ASN B 234 -0.54 14.23 -9.26
N GLY B 235 -1.08 15.41 -9.60
CA GLY B 235 -0.40 16.34 -10.49
C GLY B 235 -0.22 15.89 -11.94
N VAL B 236 -0.97 14.86 -12.34
CA VAL B 236 -0.90 14.33 -13.70
C VAL B 236 -1.65 15.28 -14.63
N ILE B 237 -1.12 15.50 -15.83
CA ILE B 237 -1.86 16.24 -16.85
C ILE B 237 -2.11 15.35 -18.07
N ILE B 238 -3.37 15.29 -18.51
CA ILE B 238 -3.75 14.47 -19.67
C ILE B 238 -4.52 15.34 -20.68
N ASP B 239 -4.08 15.31 -21.93
CA ASP B 239 -4.63 16.18 -22.99
C ASP B 239 -5.92 15.57 -23.58
N ASN B 240 -6.30 15.99 -24.78
CA ASN B 240 -7.59 15.58 -25.35
C ASN B 240 -7.51 14.25 -26.07
N GLN B 241 -8.68 13.61 -26.25
CA GLN B 241 -8.81 12.41 -27.09
C GLN B 241 -7.95 11.23 -26.63
N CYS B 242 -7.54 11.20 -25.37
CA CYS B 242 -6.74 10.07 -24.90
C CYS B 242 -7.63 8.91 -24.50
N GLN B 243 -7.07 7.71 -24.60
CA GLN B 243 -7.75 6.51 -24.14
C GLN B 243 -6.90 5.85 -23.07
N ILE B 244 -7.43 5.79 -21.87
CA ILE B 244 -6.75 5.16 -20.75
C ILE B 244 -7.56 3.92 -20.35
N ALA B 245 -7.03 2.75 -20.68
CA ALA B 245 -7.79 1.49 -20.53
C ALA B 245 -7.90 1.06 -19.08
N HIS B 246 -8.67 0.01 -18.83
CA HIS B 246 -8.84 -0.46 -17.46
C HIS B 246 -7.53 -0.87 -16.83
N ASN B 247 -7.41 -0.54 -15.53
CA ASN B 247 -6.26 -0.95 -14.71
C ASN B 247 -4.93 -0.33 -15.11
N VAL B 248 -4.97 0.72 -15.92
CA VAL B 248 -3.79 1.57 -16.11
C VAL B 248 -3.49 2.31 -14.81
N VAL B 249 -2.20 2.40 -14.47
CA VAL B 249 -1.72 3.15 -13.31
C VAL B 249 -0.73 4.19 -13.84
N ILE B 250 -1.03 5.47 -13.61
CA ILE B 250 -0.13 6.53 -14.03
C ILE B 250 0.50 7.25 -12.83
N GLY B 251 1.83 7.32 -12.79
CA GLY B 251 2.53 7.93 -11.66
C GLY B 251 2.41 9.44 -11.57
N ASP B 252 2.71 9.99 -10.39
CA ASP B 252 2.57 11.42 -10.14
C ASP B 252 3.33 12.27 -11.16
N ASN B 253 2.76 13.43 -11.49
CA ASN B 253 3.41 14.45 -12.33
C ASN B 253 3.70 14.04 -13.77
N THR B 254 3.11 12.93 -14.17
CA THR B 254 3.26 12.46 -15.55
C THR B 254 2.38 13.28 -16.49
N ALA B 255 2.89 13.54 -17.69
CA ALA B 255 2.15 14.28 -18.72
C ALA B 255 1.82 13.36 -19.89
N VAL B 256 0.56 13.36 -20.29
CA VAL B 256 0.12 12.55 -21.43
C VAL B 256 -0.46 13.49 -22.48
N ALA B 257 0.21 13.61 -23.63
CA ALA B 257 -0.25 14.51 -24.69
C ALA B 257 -1.44 13.93 -25.47
N GLY B 258 -1.92 14.63 -26.48
CA GLY B 258 -3.20 14.26 -27.08
C GLY B 258 -3.24 12.97 -27.87
N GLY B 259 -4.38 12.28 -27.81
CA GLY B 259 -4.63 11.15 -28.69
C GLY B 259 -3.78 9.93 -28.41
N VAL B 260 -3.30 9.83 -27.18
CA VAL B 260 -2.54 8.66 -26.74
C VAL B 260 -3.49 7.49 -26.46
N ILE B 261 -3.11 6.29 -26.88
CA ILE B 261 -3.91 5.10 -26.61
C ILE B 261 -3.12 4.17 -25.71
N MET B 262 -3.58 3.99 -24.47
CA MET B 262 -2.96 3.03 -23.55
C MET B 262 -3.80 1.76 -23.47
N ALA B 263 -3.14 0.61 -23.44
CA ALA B 263 -3.85 -0.67 -23.34
C ALA B 263 -3.92 -1.09 -21.88
N GLY B 264 -4.67 -2.14 -21.60
CA GLY B 264 -4.96 -2.54 -20.23
C GLY B 264 -3.75 -2.87 -19.38
N SER B 265 -3.82 -2.50 -18.09
CA SER B 265 -2.79 -2.87 -17.12
C SER B 265 -1.40 -2.32 -17.44
N LEU B 266 -1.35 -1.22 -18.18
CA LEU B 266 -0.09 -0.53 -18.34
C LEU B 266 0.21 0.20 -17.03
N LYS B 267 1.46 0.15 -16.60
CA LYS B 267 1.88 0.91 -15.44
C LYS B 267 2.91 1.95 -15.87
N ILE B 268 2.61 3.22 -15.64
CA ILE B 268 3.54 4.29 -16.01
C ILE B 268 4.09 4.97 -14.75
N GLY B 269 5.40 5.16 -14.72
CA GLY B 269 6.02 5.78 -13.56
C GLY B 269 5.77 7.27 -13.42
N ARG B 270 6.55 7.90 -12.55
CA ARG B 270 6.44 9.32 -12.25
C ARG B 270 7.26 10.15 -13.23
N TYR B 271 6.85 11.39 -13.43
CA TYR B 271 7.62 12.35 -14.24
C TYR B 271 7.87 11.89 -15.67
N CYS B 272 6.93 11.16 -16.23
CA CYS B 272 7.06 10.74 -17.62
C CYS B 272 6.37 11.74 -18.53
N MET B 273 6.77 11.72 -19.80
CA MET B 273 6.18 12.57 -20.82
C MET B 273 5.80 11.66 -21.98
N ILE B 274 4.50 11.47 -22.20
CA ILE B 274 4.05 10.62 -23.31
C ILE B 274 3.53 11.48 -24.45
N GLY B 275 4.27 11.48 -25.56
CA GLY B 275 3.97 12.36 -26.68
C GLY B 275 2.71 11.97 -27.45
N GLY B 276 2.13 12.93 -28.14
CA GLY B 276 0.85 12.77 -28.78
C GLY B 276 0.75 11.58 -29.72
N ALA B 277 -0.41 10.93 -29.69
CA ALA B 277 -0.71 9.83 -30.61
C ALA B 277 0.20 8.60 -30.46
N SER B 278 0.93 8.52 -29.34
CA SER B 278 1.67 7.30 -29.05
C SER B 278 0.68 6.18 -28.74
N VAL B 279 1.10 4.94 -28.96
CA VAL B 279 0.25 3.78 -28.77
C VAL B 279 1.01 2.82 -27.87
N ILE B 280 0.44 2.51 -26.72
CA ILE B 280 1.23 1.82 -25.72
C ILE B 280 0.64 0.47 -25.39
N ASN B 281 1.46 -0.57 -25.52
CA ASN B 281 1.06 -1.93 -25.20
C ASN B 281 0.73 -2.06 -23.72
N GLY B 282 -0.13 -3.02 -23.38
CA GLY B 282 -0.55 -3.21 -22.00
C GLY B 282 0.25 -4.26 -21.24
N HIS B 283 -0.16 -4.54 -20.00
CA HIS B 283 0.50 -5.53 -19.13
C HIS B 283 2.02 -5.42 -19.13
N MET B 284 2.51 -4.21 -18.86
CA MET B 284 3.94 -3.99 -18.78
C MET B 284 4.17 -2.68 -18.06
N GLU B 285 5.43 -2.33 -17.89
CA GLU B 285 5.76 -1.17 -17.08
C GLU B 285 6.68 -0.20 -17.79
N ILE B 286 6.41 1.08 -17.62
CA ILE B 286 7.34 2.11 -18.06
C ILE B 286 7.85 2.74 -16.77
N CYS B 287 9.17 2.85 -16.63
CA CYS B 287 9.77 3.36 -15.38
C CYS B 287 9.68 4.89 -15.28
N ASP B 288 10.23 5.45 -14.21
CA ASP B 288 10.19 6.90 -13.99
C ASP B 288 11.00 7.65 -15.03
N LYS B 289 10.62 8.90 -15.30
CA LYS B 289 11.41 9.81 -16.15
C LYS B 289 11.66 9.29 -17.56
N VAL B 290 10.64 8.73 -18.18
CA VAL B 290 10.74 8.32 -19.58
C VAL B 290 10.01 9.34 -20.43
N THR B 291 10.63 9.70 -21.56
CA THR B 291 9.97 10.53 -22.56
C THR B 291 9.77 9.68 -23.81
N VAL B 292 8.52 9.58 -24.24
CA VAL B 292 8.21 8.96 -25.53
C VAL B 292 7.75 10.06 -26.47
N THR B 293 8.44 10.20 -27.60
CA THR B 293 8.12 11.27 -28.53
C THR B 293 6.88 10.92 -29.35
N GLY B 294 6.34 11.92 -30.05
CA GLY B 294 5.10 11.79 -30.78
C GLY B 294 4.96 10.54 -31.63
N MET B 295 3.76 9.96 -31.63
CA MET B 295 3.47 8.78 -32.43
C MET B 295 4.32 7.56 -32.09
N GLY B 296 4.82 7.50 -30.86
CA GLY B 296 5.63 6.37 -30.43
C GLY B 296 4.91 5.03 -30.42
N MET B 297 5.54 4.01 -31.02
CA MET B 297 4.99 2.67 -30.94
C MET B 297 5.62 1.95 -29.75
N VAL B 298 4.97 2.05 -28.60
CA VAL B 298 5.54 1.45 -27.39
C VAL B 298 5.08 0.01 -27.24
N MET B 299 5.90 -0.90 -27.75
CA MET B 299 5.57 -2.33 -27.77
C MET B 299 6.17 -3.09 -26.58
N ARG B 300 7.31 -2.61 -26.08
CA ARG B 300 8.10 -3.33 -25.06
C ARG B 300 8.27 -2.49 -23.80
N PRO B 301 8.43 -3.16 -22.65
CA PRO B 301 8.68 -2.48 -21.37
C PRO B 301 9.84 -1.49 -21.47
N ILE B 302 9.76 -0.38 -20.75
CA ILE B 302 10.86 0.57 -20.70
C ILE B 302 11.42 0.63 -19.29
N THR B 303 12.64 0.13 -19.11
CA THR B 303 13.24 -0.04 -17.79
C THR B 303 14.28 1.02 -17.43
N GLU B 304 14.72 1.80 -18.41
CA GLU B 304 15.70 2.86 -18.16
C GLU B 304 15.16 4.22 -18.56
N PRO B 305 15.45 5.26 -17.76
CA PRO B 305 15.03 6.62 -18.09
C PRO B 305 15.67 7.11 -19.39
N GLY B 306 15.08 8.13 -19.99
CA GLY B 306 15.59 8.64 -21.26
C GLY B 306 14.51 8.94 -22.28
N VAL B 307 14.94 9.33 -23.48
CA VAL B 307 14.05 9.71 -24.56
C VAL B 307 13.97 8.61 -25.63
N TYR B 308 12.75 8.17 -25.94
CA TYR B 308 12.57 7.08 -26.90
C TYR B 308 11.66 7.49 -28.06
N SER B 309 11.91 6.93 -29.24
CA SER B 309 11.20 7.35 -30.44
C SER B 309 10.99 6.21 -31.43
N SER B 310 10.05 6.41 -32.35
CA SER B 310 9.82 5.48 -33.44
C SER B 310 9.20 6.23 -34.60
N GLY B 311 9.17 5.60 -35.77
CA GLY B 311 8.48 6.15 -36.93
C GLY B 311 9.38 6.75 -38.00
N ILE B 312 8.95 6.62 -39.25
CA ILE B 312 9.61 7.26 -40.36
C ILE B 312 8.81 8.43 -40.90
N PRO B 313 9.38 9.61 -40.85
CA PRO B 313 8.69 10.84 -41.23
C PRO B 313 8.29 10.96 -42.70
N LEU B 314 7.60 12.03 -43.02
CA LEU B 314 7.04 12.22 -44.35
C LEU B 314 8.10 12.29 -45.46
N GLN B 315 7.72 11.86 -46.64
CA GLN B 315 8.51 12.05 -47.84
C GLN B 315 7.55 12.38 -48.98
N PRO B 316 8.06 13.03 -50.05
CA PRO B 316 7.20 13.14 -51.24
C PRO B 316 6.66 11.76 -51.61
N ASN B 317 5.39 11.72 -52.00
CA ASN B 317 4.71 10.45 -52.26
C ASN B 317 5.49 9.53 -53.21
N LYS B 318 6.12 10.11 -54.23
CA LYS B 318 6.94 9.34 -55.16
C LYS B 318 8.06 8.60 -54.45
N VAL B 319 8.80 9.35 -53.62
CA VAL B 319 9.90 8.82 -52.83
C VAL B 319 9.44 7.77 -51.82
N TRP B 320 8.37 8.08 -51.10
CA TRP B 320 7.82 7.19 -50.09
C TRP B 320 7.49 5.82 -50.67
N ARG B 321 6.84 5.80 -51.82
CA ARG B 321 6.48 4.55 -52.51
C ARG B 321 7.67 3.60 -52.63
N LYS B 322 8.80 4.15 -53.06
CA LYS B 322 10.05 3.39 -53.17
C LYS B 322 10.51 2.95 -51.78
N THR B 323 10.65 3.92 -50.88
CA THR B 323 11.07 3.64 -49.50
C THR B 323 10.27 2.49 -48.90
N ALA B 324 8.95 2.60 -48.99
CA ALA B 324 8.07 1.59 -48.43
C ALA B 324 8.29 0.21 -49.05
N ALA B 325 8.40 0.16 -50.37
CA ALA B 325 8.58 -1.12 -51.07
C ALA B 325 9.91 -1.79 -50.73
N LEU B 326 10.97 -0.99 -50.62
CA LEU B 326 12.29 -1.49 -50.25
C LEU B 326 12.33 -2.02 -48.81
N VAL B 327 11.59 -1.36 -47.91
CA VAL B 327 11.53 -1.80 -46.52
C VAL B 327 10.78 -3.12 -46.39
N MET B 328 9.69 -3.25 -47.14
CA MET B 328 8.87 -4.47 -47.05
C MET B 328 9.61 -5.66 -47.65
N ASN B 329 10.68 -5.34 -48.38
CA ASN B 329 11.51 -6.35 -49.02
C ASN B 329 12.92 -6.35 -48.43
N ILE B 330 13.06 -5.83 -47.21
CA ILE B 330 14.36 -5.67 -46.59
C ILE B 330 15.03 -7.02 -46.26
N ASP B 331 14.23 -8.07 -46.12
CA ASP B 331 14.78 -9.39 -45.80
C ASP B 331 15.58 -9.94 -46.97
N ASP B 332 15.03 -9.82 -48.18
CA ASP B 332 15.76 -10.16 -49.38
C ASP B 332 17.02 -9.32 -49.46
N MET B 333 16.92 -8.05 -49.09
CA MET B 333 18.06 -7.15 -49.13
C MET B 333 19.15 -7.56 -48.15
N SER B 334 18.76 -8.28 -47.10
CA SER B 334 19.72 -8.80 -46.12
C SER B 334 20.44 -10.04 -46.68
N LYS B 335 19.66 -10.98 -47.20
CA LYS B 335 20.18 -12.19 -47.81
C LYS B 335 21.22 -11.90 -48.89
N ARG B 336 20.92 -10.94 -49.76
CA ARG B 336 21.83 -10.56 -50.84
C ARG B 336 23.08 -9.85 -50.31
N LEU B 337 22.96 -9.16 -49.18
CA LEU B 337 24.13 -8.52 -48.59
C LEU B 337 25.06 -9.58 -48.01
N LYS B 338 24.48 -10.67 -47.52
CA LYS B 338 25.25 -11.74 -46.88
C LYS B 338 25.91 -12.67 -47.89
N SER B 339 25.19 -13.05 -48.93
CA SER B 339 25.74 -13.88 -50.00
C SER B 339 26.88 -13.14 -50.72
N LEU B 340 26.75 -11.83 -50.83
CA LEU B 340 27.78 -11.00 -51.44
C LEU B 340 29.00 -10.89 -50.53
N GLU B 341 28.81 -11.14 -49.24
CA GLU B 341 29.91 -11.20 -48.28
C GLU B 341 30.57 -12.57 -48.34
N ARG B 342 29.75 -13.61 -48.44
CA ARG B 342 30.21 -14.98 -48.60
C ARG B 342 31.13 -15.05 -49.82
N LYS B 343 30.70 -14.43 -50.91
CA LYS B 343 31.46 -14.44 -52.16
C LYS B 343 32.84 -13.80 -52.04
N VAL B 344 32.96 -12.78 -51.19
CA VAL B 344 34.20 -12.03 -51.05
C VAL B 344 34.75 -12.08 -49.63
N ALA C 9 -25.83 -10.80 -5.25
CA ALA C 9 -26.09 -10.73 -3.82
C ALA C 9 -24.98 -11.42 -3.02
N SER C 10 -25.34 -12.46 -2.29
CA SER C 10 -24.36 -13.37 -1.71
C SER C 10 -24.74 -14.79 -2.14
N ILE C 11 -23.79 -15.71 -2.13
CA ILE C 11 -24.06 -17.03 -2.64
C ILE C 11 -23.16 -18.09 -1.99
N ARG C 12 -23.73 -19.24 -1.66
CA ARG C 12 -22.97 -20.34 -1.11
C ARG C 12 -22.06 -20.89 -2.19
N LEU C 13 -20.84 -21.24 -1.81
CA LEU C 13 -19.86 -21.74 -2.76
C LEU C 13 -20.37 -22.95 -3.55
N ALA C 14 -21.10 -23.85 -2.90
CA ALA C 14 -21.63 -25.02 -3.60
C ALA C 14 -22.64 -24.65 -4.68
N ASP C 15 -23.49 -23.66 -4.39
CA ASP C 15 -24.50 -23.23 -5.35
C ASP C 15 -23.87 -22.48 -6.51
N LEU C 16 -22.78 -21.75 -6.22
CA LEU C 16 -22.01 -21.05 -7.25
C LEU C 16 -21.29 -22.08 -8.11
N ALA C 17 -20.75 -23.11 -7.47
CA ALA C 17 -20.10 -24.19 -8.20
C ALA C 17 -21.07 -24.87 -9.18
N GLN C 18 -22.33 -25.03 -8.78
CA GLN C 18 -23.32 -25.68 -9.65
C GLN C 18 -23.63 -24.78 -10.86
N GLN C 19 -23.89 -23.50 -10.61
CA GLN C 19 -24.20 -22.57 -11.68
C GLN C 19 -23.07 -22.40 -12.70
N LEU C 20 -21.84 -22.67 -12.27
CA LEU C 20 -20.66 -22.50 -13.14
C LEU C 20 -20.18 -23.82 -13.75
N ASP C 21 -20.90 -24.91 -13.47
CA ASP C 21 -20.49 -26.25 -13.90
C ASP C 21 -19.04 -26.52 -13.51
N ALA C 22 -18.74 -26.27 -12.24
CA ALA C 22 -17.39 -26.42 -11.71
C ALA C 22 -17.35 -27.56 -10.69
N GLU C 23 -16.18 -28.19 -10.55
CA GLU C 23 -15.99 -29.18 -9.50
C GLU C 23 -15.49 -28.48 -8.24
N LEU C 24 -16.31 -28.53 -7.19
CA LEU C 24 -16.00 -27.92 -5.91
C LEU C 24 -15.05 -28.79 -5.10
N HIS C 25 -13.83 -28.30 -4.88
CA HIS C 25 -12.90 -28.94 -3.95
C HIS C 25 -12.78 -28.04 -2.72
N GLY C 26 -13.65 -28.26 -1.73
CA GLY C 26 -13.64 -27.49 -0.50
C GLY C 26 -15.01 -27.34 0.13
N ASP C 27 -15.09 -26.48 1.14
CA ASP C 27 -16.33 -26.33 1.91
C ASP C 27 -17.42 -25.59 1.13
N GLY C 28 -18.48 -26.32 0.79
CA GLY C 28 -19.59 -25.76 0.04
C GLY C 28 -20.42 -24.73 0.80
N ASP C 29 -20.19 -24.62 2.10
CA ASP C 29 -20.99 -23.71 2.93
C ASP C 29 -20.45 -22.29 2.94
N ILE C 30 -19.21 -22.12 2.52
CA ILE C 30 -18.58 -20.80 2.43
C ILE C 30 -19.49 -19.83 1.69
N VAL C 31 -19.66 -18.64 2.24
CA VAL C 31 -20.50 -17.62 1.62
C VAL C 31 -19.63 -16.70 0.75
N ILE C 32 -19.92 -16.62 -0.54
CA ILE C 32 -19.16 -15.75 -1.44
C ILE C 32 -19.90 -14.43 -1.60
N THR C 33 -19.24 -13.33 -1.29
CA THR C 33 -19.86 -12.01 -1.35
C THR C 33 -19.56 -11.28 -2.64
N GLY C 34 -18.51 -11.71 -3.34
CA GLY C 34 -18.05 -10.99 -4.52
C GLY C 34 -16.79 -11.55 -5.15
N VAL C 35 -16.42 -10.99 -6.30
CA VAL C 35 -15.25 -11.42 -7.05
C VAL C 35 -14.13 -10.42 -6.78
N ALA C 36 -12.88 -10.88 -6.74
CA ALA C 36 -11.76 -9.95 -6.53
C ALA C 36 -10.51 -10.48 -7.19
N SER C 37 -9.51 -9.62 -7.35
CA SER C 37 -8.24 -10.04 -7.94
C SER C 37 -7.53 -10.88 -6.89
N MET C 38 -6.57 -11.71 -7.33
CA MET C 38 -5.86 -12.57 -6.40
C MET C 38 -5.17 -11.76 -5.31
N GLN C 39 -4.64 -10.61 -5.72
CA GLN C 39 -3.89 -9.75 -4.81
C GLN C 39 -4.78 -9.04 -3.79
N SER C 40 -6.01 -8.74 -4.16
CA SER C 40 -6.89 -7.96 -3.28
C SER C 40 -7.94 -8.81 -2.58
N ALA C 41 -8.05 -10.07 -3.00
CA ALA C 41 -9.07 -10.97 -2.47
C ALA C 41 -8.98 -11.17 -0.96
N GLN C 42 -10.12 -11.11 -0.29
CA GLN C 42 -10.22 -11.44 1.12
C GLN C 42 -11.30 -12.49 1.33
N THR C 43 -11.61 -12.79 2.60
CA THR C 43 -12.61 -13.78 2.96
C THR C 43 -13.93 -13.38 2.35
N GLY C 44 -14.66 -14.34 1.79
CA GLY C 44 -15.92 -13.99 1.14
C GLY C 44 -15.74 -13.74 -0.34
N HIS C 45 -14.49 -13.59 -0.78
CA HIS C 45 -14.22 -13.32 -2.20
C HIS C 45 -13.78 -14.57 -2.92
N ILE C 46 -14.20 -14.67 -4.17
CA ILE C 46 -13.69 -15.69 -5.07
C ILE C 46 -12.82 -15.01 -6.12
N THR C 47 -11.73 -15.66 -6.51
CA THR C 47 -10.87 -15.13 -7.56
C THR C 47 -10.62 -16.24 -8.58
N PHE C 48 -9.68 -16.02 -9.49
CA PHE C 48 -9.39 -17.01 -10.52
C PHE C 48 -7.92 -16.89 -10.91
N MET C 49 -7.39 -17.91 -11.57
CA MET C 49 -6.05 -17.83 -12.13
C MET C 49 -6.02 -18.57 -13.46
N VAL C 50 -5.25 -18.05 -14.40
CA VAL C 50 -5.08 -18.71 -15.69
C VAL C 50 -3.60 -19.04 -15.91
N ASN C 51 -2.76 -18.03 -15.68
CA ASN C 51 -1.31 -18.18 -15.81
C ASN C 51 -0.71 -18.95 -14.63
N PRO C 52 0.07 -20.01 -14.92
CA PRO C 52 0.63 -20.88 -13.88
C PRO C 52 1.75 -20.24 -13.06
N LYS C 53 2.16 -19.03 -13.41
CA LYS C 53 3.18 -18.32 -12.64
C LYS C 53 2.60 -17.82 -11.31
N TYR C 54 1.28 -17.89 -11.18
CA TYR C 54 0.59 -17.42 -9.98
C TYR C 54 0.35 -18.53 -8.97
N ARG C 55 0.67 -19.77 -9.36
CA ARG C 55 0.44 -20.92 -8.50
C ARG C 55 1.28 -20.83 -7.22
N GLU C 56 2.45 -20.21 -7.32
CA GLU C 56 3.35 -20.08 -6.20
C GLU C 56 2.92 -18.93 -5.28
N HIS C 57 2.06 -18.05 -5.79
CA HIS C 57 1.52 -16.95 -5.01
C HIS C 57 0.26 -17.38 -4.24
N LEU C 58 -0.26 -18.56 -4.58
CA LEU C 58 -1.52 -19.04 -4.01
C LEU C 58 -1.52 -19.12 -2.48
N GLY C 59 -0.36 -19.35 -1.89
CA GLY C 59 -0.27 -19.42 -0.43
C GLY C 59 -0.60 -18.09 0.22
N LEU C 60 -0.18 -17.00 -0.44
CA LEU C 60 -0.38 -15.65 0.07
C LEU C 60 -1.77 -15.07 -0.21
N CYS C 61 -2.44 -15.60 -1.23
CA CYS C 61 -3.77 -15.13 -1.60
C CYS C 61 -4.80 -15.46 -0.53
N GLN C 62 -5.69 -14.53 -0.20
CA GLN C 62 -6.64 -14.74 0.90
C GLN C 62 -8.11 -14.91 0.48
N ALA C 63 -8.34 -15.24 -0.78
CA ALA C 63 -9.68 -15.56 -1.26
C ALA C 63 -10.26 -16.75 -0.51
N SER C 64 -11.57 -16.74 -0.30
CA SER C 64 -12.28 -17.92 0.20
C SER C 64 -12.34 -19.03 -0.87
N ALA C 65 -12.14 -18.67 -2.14
CA ALA C 65 -12.21 -19.66 -3.22
C ALA C 65 -11.42 -19.24 -4.46
N VAL C 66 -10.78 -20.20 -5.12
CA VAL C 66 -10.07 -19.91 -6.37
C VAL C 66 -10.54 -20.78 -7.54
N VAL C 67 -10.92 -20.14 -8.64
CA VAL C 67 -11.26 -20.83 -9.89
C VAL C 67 -9.98 -21.14 -10.66
N MET C 68 -9.78 -22.40 -11.01
CA MET C 68 -8.53 -22.85 -11.61
C MET C 68 -8.77 -24.12 -12.42
N THR C 69 -7.70 -24.73 -12.92
CA THR C 69 -7.81 -25.99 -13.66
C THR C 69 -7.32 -27.19 -12.84
N GLN C 70 -7.53 -28.37 -13.39
CA GLN C 70 -7.18 -29.61 -12.73
C GLN C 70 -5.69 -29.68 -12.37
N ASP C 71 -4.83 -29.17 -13.25
CA ASP C 71 -3.38 -29.21 -13.00
C ASP C 71 -2.91 -28.14 -12.02
N ASP C 72 -3.80 -27.21 -11.70
CA ASP C 72 -3.51 -26.18 -10.70
C ASP C 72 -3.81 -26.72 -9.30
N LEU C 73 -4.78 -27.62 -9.23
CA LEU C 73 -5.34 -28.09 -7.95
C LEU C 73 -4.34 -28.50 -6.85
N PRO C 74 -3.26 -29.24 -7.19
CA PRO C 74 -2.28 -29.57 -6.15
C PRO C 74 -1.61 -28.35 -5.51
N PHE C 75 -1.76 -27.17 -6.10
CA PHE C 75 -1.15 -25.97 -5.55
C PHE C 75 -2.14 -25.13 -4.74
N ALA C 76 -3.39 -25.57 -4.68
CA ALA C 76 -4.43 -24.81 -3.96
C ALA C 76 -4.19 -24.71 -2.46
N LYS C 77 -4.49 -23.52 -1.92
CA LYS C 77 -4.39 -23.27 -0.49
C LYS C 77 -5.73 -22.79 0.05
N SER C 78 -6.79 -23.12 -0.68
CA SER C 78 -8.13 -22.65 -0.36
C SER C 78 -9.09 -23.56 -1.07
N ALA C 79 -10.39 -23.34 -0.87
CA ALA C 79 -11.39 -24.04 -1.66
C ALA C 79 -11.11 -23.71 -3.12
N ALA C 80 -11.37 -24.68 -4.00
CA ALA C 80 -11.05 -24.53 -5.40
C ALA C 80 -12.20 -24.94 -6.29
N LEU C 81 -12.39 -24.20 -7.37
CA LEU C 81 -13.40 -24.53 -8.35
C LEU C 81 -12.70 -24.91 -9.65
N VAL C 82 -12.75 -26.19 -9.99
CA VAL C 82 -12.01 -26.70 -11.13
C VAL C 82 -12.88 -26.71 -12.38
N VAL C 83 -12.35 -26.12 -13.45
CA VAL C 83 -13.07 -26.00 -14.71
C VAL C 83 -12.10 -26.14 -15.85
N LYS C 84 -12.63 -26.16 -17.07
CA LYS C 84 -11.82 -26.19 -18.27
C LYS C 84 -11.27 -24.80 -18.63
N ASN C 85 -12.12 -23.78 -18.51
CA ASN C 85 -11.76 -22.42 -18.94
C ASN C 85 -11.93 -21.38 -17.81
N PRO C 86 -10.90 -21.18 -16.99
CA PRO C 86 -11.04 -20.27 -15.84
C PRO C 86 -11.46 -18.85 -16.25
N TYR C 87 -10.85 -18.32 -17.30
CA TYR C 87 -11.17 -16.97 -17.73
C TYR C 87 -12.66 -16.80 -18.08
N LEU C 88 -13.22 -17.79 -18.79
CA LEU C 88 -14.63 -17.73 -19.17
C LEU C 88 -15.52 -17.91 -17.94
N THR C 89 -15.13 -18.85 -17.09
CA THR C 89 -15.80 -19.03 -15.80
C THR C 89 -15.77 -17.72 -15.01
N TYR C 90 -14.62 -17.04 -15.01
CA TYR C 90 -14.52 -15.73 -14.38
C TYR C 90 -15.58 -14.79 -14.94
N ALA C 91 -15.75 -14.78 -16.26
CA ALA C 91 -16.74 -13.90 -16.89
C ALA C 91 -18.12 -14.20 -16.34
N ARG C 92 -18.44 -15.48 -16.26
CA ARG C 92 -19.76 -15.90 -15.80
C ARG C 92 -20.01 -15.61 -14.33
N MET C 93 -19.02 -15.88 -13.49
CA MET C 93 -19.20 -15.60 -12.06
C MET C 93 -19.25 -14.11 -11.78
N ALA C 94 -18.55 -13.33 -12.60
CA ALA C 94 -18.55 -11.88 -12.42
C ALA C 94 -19.93 -11.37 -12.77
N GLN C 95 -20.57 -12.00 -13.75
CA GLN C 95 -21.93 -11.60 -14.12
C GLN C 95 -22.94 -11.95 -13.01
N ILE C 96 -22.76 -13.12 -12.41
CA ILE C 96 -23.57 -13.52 -11.26
C ILE C 96 -23.40 -12.57 -10.07
N LEU C 97 -22.17 -12.20 -9.80
CA LEU C 97 -21.88 -11.33 -8.65
C LEU C 97 -21.67 -9.86 -9.04
N ASP C 98 -22.37 -9.41 -10.09
CA ASP C 98 -22.18 -8.07 -10.64
C ASP C 98 -22.76 -6.97 -9.72
N THR C 99 -21.96 -5.96 -9.41
CA THR C 99 -22.46 -4.84 -8.62
C THR C 99 -22.78 -3.60 -9.45
N THR C 100 -22.61 -3.68 -10.77
CA THR C 100 -22.86 -2.51 -11.61
C THR C 100 -24.31 -2.08 -11.49
N PRO C 101 -24.55 -0.79 -11.22
CA PRO C 101 -25.93 -0.26 -11.21
C PRO C 101 -26.52 -0.10 -12.62
N GLN C 102 -27.80 0.27 -12.69
CA GLN C 102 -28.44 0.56 -13.98
C GLN C 102 -28.31 2.05 -14.30
N PRO C 103 -28.29 2.40 -15.60
CA PRO C 103 -28.12 3.80 -16.02
C PRO C 103 -29.30 4.65 -15.56
N ALA C 104 -30.45 4.03 -15.36
CA ALA C 104 -31.67 4.72 -14.94
C ALA C 104 -32.67 3.72 -14.38
N GLN C 105 -33.68 4.22 -13.68
CA GLN C 105 -34.77 3.41 -13.15
C GLN C 105 -36.07 4.22 -13.25
N ASN C 106 -37.14 3.60 -13.76
CA ASN C 106 -38.39 4.32 -14.05
C ASN C 106 -38.21 5.50 -15.01
N ILE C 107 -39.30 6.23 -15.29
CA ILE C 107 -39.23 7.37 -16.18
C ILE C 107 -39.08 8.68 -15.42
N ALA C 108 -37.90 9.30 -15.51
CA ALA C 108 -37.64 10.56 -14.82
C ALA C 108 -38.54 11.68 -15.30
N PRO C 109 -39.08 12.47 -14.36
CA PRO C 109 -39.94 13.63 -14.65
C PRO C 109 -39.24 14.66 -15.55
N SER C 110 -37.93 14.81 -15.41
CA SER C 110 -37.19 15.79 -16.23
C SER C 110 -36.92 15.32 -17.66
N ALA C 111 -37.11 14.02 -17.92
CA ALA C 111 -36.98 13.53 -19.30
C ALA C 111 -38.04 14.15 -20.22
N VAL C 112 -37.62 14.52 -21.42
CA VAL C 112 -38.51 15.13 -22.40
C VAL C 112 -38.83 14.12 -23.49
N ILE C 113 -40.01 13.50 -23.39
CA ILE C 113 -40.38 12.40 -24.26
C ILE C 113 -41.51 12.85 -25.17
N ASP C 114 -41.26 12.87 -26.48
CA ASP C 114 -42.28 13.29 -27.44
C ASP C 114 -43.54 12.46 -27.28
N ALA C 115 -44.69 13.08 -27.55
CA ALA C 115 -45.98 12.41 -27.36
C ALA C 115 -46.13 11.15 -28.23
N THR C 116 -45.45 11.13 -29.37
CA THR C 116 -45.60 9.99 -30.30
C THR C 116 -44.63 8.85 -30.03
N ALA C 117 -43.64 9.08 -29.17
CA ALA C 117 -42.68 8.04 -28.83
C ALA C 117 -43.34 6.84 -28.14
N LYS C 118 -42.93 5.63 -28.49
CA LYS C 118 -43.57 4.43 -27.96
C LYS C 118 -42.66 3.61 -27.06
N LEU C 119 -43.19 3.26 -25.89
CA LEU C 119 -42.41 2.58 -24.86
C LEU C 119 -42.93 1.16 -24.69
N GLY C 120 -42.00 0.22 -24.58
CA GLY C 120 -42.34 -1.15 -24.24
C GLY C 120 -42.52 -1.25 -22.73
N ASN C 121 -42.65 -2.47 -22.22
CA ASN C 121 -42.82 -2.68 -20.80
C ASN C 121 -41.52 -2.52 -20.01
N ASN C 122 -41.62 -1.90 -18.83
CA ASN C 122 -40.47 -1.76 -17.93
C ASN C 122 -39.30 -0.99 -18.59
N VAL C 123 -39.60 0.10 -19.27
CA VAL C 123 -38.56 0.96 -19.84
C VAL C 123 -38.14 2.01 -18.82
N SER C 124 -36.85 2.24 -18.68
CA SER C 124 -36.34 3.30 -17.81
C SER C 124 -35.64 4.40 -18.60
N ILE C 125 -36.04 5.64 -18.34
CA ILE C 125 -35.47 6.79 -19.00
C ILE C 125 -34.94 7.76 -17.95
N GLY C 126 -33.65 8.07 -18.03
CA GLY C 126 -33.00 8.89 -17.03
C GLY C 126 -33.28 10.37 -17.11
N ALA C 127 -32.83 11.09 -16.08
CA ALA C 127 -33.11 12.52 -15.96
C ALA C 127 -32.57 13.29 -17.14
N ASN C 128 -33.37 14.24 -17.63
CA ASN C 128 -32.98 15.12 -18.72
C ASN C 128 -32.68 14.45 -20.06
N ALA C 129 -32.98 13.16 -20.17
CA ALA C 129 -32.96 12.50 -21.48
C ALA C 129 -33.96 13.14 -22.43
N VAL C 130 -33.67 13.07 -23.72
CA VAL C 130 -34.54 13.68 -24.73
C VAL C 130 -34.87 12.66 -25.80
N ILE C 131 -36.16 12.34 -25.93
CA ILE C 131 -36.61 11.31 -26.86
C ILE C 131 -37.47 11.96 -27.93
N GLU C 132 -37.06 11.85 -29.19
CA GLU C 132 -37.73 12.52 -30.30
C GLU C 132 -38.99 11.81 -30.77
N SER C 133 -39.71 12.43 -31.70
CA SER C 133 -40.93 11.84 -32.24
C SER C 133 -40.64 10.52 -32.94
N GLY C 134 -41.58 9.59 -32.84
CA GLY C 134 -41.55 8.38 -33.64
C GLY C 134 -40.61 7.30 -33.12
N VAL C 135 -39.95 7.58 -32.01
CA VAL C 135 -38.99 6.65 -31.41
C VAL C 135 -39.68 5.41 -30.83
N GLU C 136 -39.00 4.27 -30.92
CA GLU C 136 -39.53 3.05 -30.32
C GLU C 136 -38.49 2.42 -29.42
N LEU C 137 -38.87 2.28 -28.16
CA LEU C 137 -37.99 1.68 -27.15
C LEU C 137 -38.61 0.37 -26.68
N GLY C 138 -37.88 -0.73 -26.85
CA GLY C 138 -38.41 -2.06 -26.57
C GLY C 138 -38.51 -2.34 -25.08
N ASP C 139 -38.98 -3.53 -24.73
CA ASP C 139 -39.10 -3.93 -23.32
C ASP C 139 -37.75 -3.92 -22.62
N ASN C 140 -37.75 -3.45 -21.38
CA ASN C 140 -36.54 -3.44 -20.54
C ASN C 140 -35.40 -2.55 -21.07
N VAL C 141 -35.67 -1.74 -22.09
CA VAL C 141 -34.68 -0.77 -22.56
C VAL C 141 -34.39 0.28 -21.48
N ILE C 142 -33.11 0.55 -21.24
CA ILE C 142 -32.72 1.61 -20.31
C ILE C 142 -31.95 2.73 -21.00
N ILE C 143 -32.50 3.95 -20.90
CA ILE C 143 -31.89 5.15 -21.47
C ILE C 143 -31.30 6.00 -20.34
N GLY C 144 -29.98 6.10 -20.26
CA GLY C 144 -29.35 6.90 -19.22
C GLY C 144 -29.62 8.40 -19.29
N ALA C 145 -29.25 9.10 -18.23
CA ALA C 145 -29.44 10.55 -18.11
C ALA C 145 -28.73 11.33 -19.23
N GLY C 146 -29.35 12.41 -19.71
CA GLY C 146 -28.69 13.28 -20.67
C GLY C 146 -28.65 12.72 -22.07
N CYS C 147 -29.26 11.56 -22.29
CA CYS C 147 -29.19 10.96 -23.62
C CYS C 147 -30.06 11.70 -24.63
N PHE C 148 -29.67 11.60 -25.90
CA PHE C 148 -30.54 12.07 -26.97
C PHE C 148 -30.85 10.91 -27.95
N VAL C 149 -32.12 10.65 -28.21
CA VAL C 149 -32.51 9.63 -29.19
C VAL C 149 -33.33 10.27 -30.31
N GLY C 150 -32.77 10.34 -31.51
CA GLY C 150 -33.35 11.11 -32.60
C GLY C 150 -34.58 10.51 -33.27
N LYS C 151 -35.22 11.30 -34.15
CA LYS C 151 -36.51 10.93 -34.75
C LYS C 151 -36.54 9.54 -35.36
N ASN C 152 -37.61 8.81 -35.05
CA ASN C 152 -37.87 7.50 -35.66
C ASN C 152 -36.81 6.43 -35.38
N SER C 153 -35.92 6.67 -34.42
CA SER C 153 -34.92 5.66 -34.09
C SER C 153 -35.56 4.54 -33.26
N LYS C 154 -34.93 3.37 -33.26
CA LYS C 154 -35.56 2.19 -32.64
C LYS C 154 -34.53 1.40 -31.90
N ILE C 155 -34.86 1.05 -30.66
CA ILE C 155 -33.89 0.37 -29.80
C ILE C 155 -34.49 -0.92 -29.29
N GLY C 156 -33.83 -2.04 -29.57
CA GLY C 156 -34.37 -3.36 -29.26
C GLY C 156 -34.45 -3.64 -27.77
N ALA C 157 -35.28 -4.63 -27.41
CA ALA C 157 -35.49 -4.99 -26.01
C ALA C 157 -34.18 -5.34 -25.29
N GLY C 158 -34.10 -4.99 -24.02
CA GLY C 158 -32.88 -5.25 -23.27
C GLY C 158 -31.66 -4.37 -23.55
N SER C 159 -31.70 -3.52 -24.59
CA SER C 159 -30.57 -2.61 -24.84
C SER C 159 -30.48 -1.45 -23.86
N ARG C 160 -29.26 -1.03 -23.51
CA ARG C 160 -29.04 0.00 -22.50
C ARG C 160 -28.05 1.05 -22.98
N LEU C 161 -28.39 2.31 -22.74
CA LEU C 161 -27.46 3.42 -23.01
C LEU C 161 -27.07 4.07 -21.69
N TRP C 162 -25.78 4.24 -21.46
CA TRP C 162 -25.32 4.99 -20.32
C TRP C 162 -25.55 6.47 -20.56
N ALA C 163 -25.11 7.33 -19.62
CA ALA C 163 -25.44 8.76 -19.68
C ALA C 163 -24.82 9.43 -20.90
N ASN C 164 -25.48 10.45 -21.43
CA ASN C 164 -24.84 11.31 -22.44
C ASN C 164 -24.42 10.56 -23.72
N VAL C 165 -25.29 9.65 -24.17
CA VAL C 165 -25.17 9.03 -25.49
C VAL C 165 -26.07 9.76 -26.48
N THR C 166 -25.57 9.91 -27.72
CA THR C 166 -26.34 10.56 -28.76
C THR C 166 -26.66 9.59 -29.90
N ILE C 167 -27.94 9.33 -30.10
CA ILE C 167 -28.39 8.50 -31.20
C ILE C 167 -29.10 9.43 -32.15
N TYR C 168 -28.62 9.50 -33.40
CA TYR C 168 -29.31 10.33 -34.38
C TYR C 168 -30.63 9.71 -34.83
N HIS C 169 -31.17 10.24 -35.92
CA HIS C 169 -32.48 9.84 -36.44
C HIS C 169 -32.38 8.58 -37.30
N GLU C 170 -33.47 7.82 -37.38
CA GLU C 170 -33.57 6.61 -38.23
C GLU C 170 -32.53 5.53 -37.90
N ILE C 171 -32.08 5.48 -36.66
CA ILE C 171 -31.09 4.47 -36.29
C ILE C 171 -31.83 3.25 -35.77
N GLN C 172 -31.30 2.07 -36.05
CA GLN C 172 -31.87 0.82 -35.54
C GLN C 172 -30.83 0.11 -34.72
N ILE C 173 -31.20 -0.22 -33.48
CA ILE C 173 -30.31 -0.91 -32.57
C ILE C 173 -31.02 -2.18 -32.14
N GLY C 174 -30.32 -3.32 -32.17
CA GLY C 174 -30.93 -4.59 -31.83
C GLY C 174 -31.14 -4.79 -30.36
N GLN C 175 -31.28 -6.06 -29.96
CA GLN C 175 -31.57 -6.42 -28.57
C GLN C 175 -30.32 -6.59 -27.76
N ASN C 176 -30.44 -6.28 -26.47
CA ASN C 176 -29.34 -6.46 -25.52
C ASN C 176 -28.03 -5.80 -25.93
N CYS C 177 -28.11 -4.63 -26.55
CA CYS C 177 -26.89 -3.85 -26.80
C CYS C 177 -26.54 -3.02 -25.58
N LEU C 178 -25.29 -2.55 -25.52
CA LEU C 178 -24.85 -1.67 -24.43
C LEU C 178 -23.91 -0.63 -25.04
N ILE C 179 -24.19 0.64 -24.75
CA ILE C 179 -23.39 1.73 -25.29
C ILE C 179 -22.95 2.66 -24.18
N GLN C 180 -21.64 2.84 -24.04
CA GLN C 180 -21.09 3.67 -22.98
C GLN C 180 -21.21 5.15 -23.37
N SER C 181 -21.05 6.01 -22.38
CA SER C 181 -21.26 7.45 -22.50
C SER C 181 -20.38 8.14 -23.56
N GLY C 182 -20.87 9.25 -24.12
CA GLY C 182 -20.03 10.07 -24.99
C GLY C 182 -20.05 9.59 -26.43
N THR C 183 -20.71 8.45 -26.65
CA THR C 183 -20.72 7.84 -27.97
C THR C 183 -21.82 8.46 -28.83
N VAL C 184 -21.53 8.59 -30.12
CA VAL C 184 -22.43 9.21 -31.06
C VAL C 184 -22.70 8.24 -32.21
N VAL C 185 -23.96 7.86 -32.37
CA VAL C 185 -24.33 6.88 -33.39
C VAL C 185 -25.22 7.54 -34.43
N GLY C 186 -24.69 7.64 -35.64
CA GLY C 186 -25.50 8.08 -36.77
C GLY C 186 -25.27 9.51 -37.20
N ALA C 187 -24.13 10.10 -36.82
CA ALA C 187 -23.81 11.45 -37.31
C ALA C 187 -23.57 11.40 -38.84
N ASP C 188 -23.57 12.56 -39.50
CA ASP C 188 -23.41 12.57 -40.96
C ASP C 188 -22.08 11.96 -41.29
N GLY C 189 -22.05 11.07 -42.28
CA GLY C 189 -20.76 10.63 -42.82
C GLY C 189 -20.03 11.83 -43.42
N PHE C 190 -18.74 11.68 -43.69
CA PHE C 190 -17.90 12.77 -44.18
C PHE C 190 -18.04 12.88 -45.69
N GLY C 191 -19.20 13.32 -46.16
CA GLY C 191 -19.48 13.28 -47.58
C GLY C 191 -19.50 14.67 -48.19
N TYR C 192 -18.54 14.95 -49.05
CA TYR C 192 -18.46 16.25 -49.69
C TYR C 192 -18.02 16.08 -51.12
N ALA C 193 -18.57 16.89 -52.01
CA ALA C 193 -18.05 16.99 -53.37
C ALA C 193 -17.30 18.31 -53.54
N ASN C 194 -16.25 18.28 -54.33
CA ASN C 194 -15.43 19.47 -54.53
C ASN C 194 -15.90 20.25 -55.75
N ASP C 195 -16.34 21.48 -55.55
CA ASP C 195 -16.77 22.34 -56.66
C ASP C 195 -15.82 23.53 -56.74
N ARG C 196 -14.82 23.42 -57.61
CA ARG C 196 -13.80 24.47 -57.79
C ARG C 196 -13.19 24.91 -56.47
N GLY C 197 -12.85 23.93 -55.64
CA GLY C 197 -12.12 24.17 -54.40
C GLY C 197 -13.01 24.29 -53.19
N ASN C 198 -14.28 24.60 -53.41
CA ASN C 198 -15.26 24.61 -52.32
C ASN C 198 -15.87 23.22 -52.09
N TRP C 199 -16.01 22.86 -50.82
CA TRP C 199 -16.61 21.58 -50.46
C TRP C 199 -18.12 21.72 -50.40
N VAL C 200 -18.82 20.93 -51.21
CA VAL C 200 -20.27 20.93 -51.26
C VAL C 200 -20.80 19.72 -50.49
N LYS C 201 -21.62 19.96 -49.48
CA LYS C 201 -22.07 18.90 -48.59
C LYS C 201 -22.97 17.92 -49.32
N ILE C 202 -22.71 16.63 -49.12
CA ILE C 202 -23.61 15.59 -49.58
C ILE C 202 -24.38 15.07 -48.37
N PRO C 203 -25.70 15.34 -48.32
CA PRO C 203 -26.53 14.88 -47.21
C PRO C 203 -26.40 13.38 -47.07
N GLN C 204 -26.39 12.89 -45.85
CA GLN C 204 -26.16 11.48 -45.63
C GLN C 204 -27.48 10.92 -45.15
N ILE C 205 -28.17 10.20 -46.04
CA ILE C 205 -29.54 9.79 -45.76
C ILE C 205 -29.70 8.28 -45.65
N GLY C 206 -28.58 7.57 -45.70
CA GLY C 206 -28.57 6.19 -45.23
C GLY C 206 -28.63 6.20 -43.70
N ARG C 207 -28.49 5.03 -43.08
CA ARG C 207 -28.67 4.93 -41.65
C ARG C 207 -27.53 4.19 -41.01
N VAL C 208 -27.72 3.85 -39.73
CA VAL C 208 -26.86 2.90 -39.06
C VAL C 208 -27.74 1.76 -38.58
N ILE C 209 -27.32 0.53 -38.87
CA ILE C 209 -28.08 -0.63 -38.41
C ILE C 209 -27.15 -1.41 -37.50
N ILE C 210 -27.54 -1.54 -36.25
CA ILE C 210 -26.71 -2.23 -35.29
C ILE C 210 -27.43 -3.51 -34.85
N GLY C 211 -26.74 -4.65 -34.92
CA GLY C 211 -27.37 -5.92 -34.61
C GLY C 211 -27.62 -6.17 -33.14
N ASP C 212 -27.81 -7.43 -32.78
CA ASP C 212 -28.09 -7.79 -31.39
C ASP C 212 -26.78 -7.99 -30.63
N ARG C 213 -26.84 -7.77 -29.32
CA ARG C 213 -25.69 -8.01 -28.44
C ARG C 213 -24.43 -7.24 -28.86
N VAL C 214 -24.60 -6.05 -29.41
CA VAL C 214 -23.44 -5.22 -29.73
C VAL C 214 -23.05 -4.39 -28.50
N GLU C 215 -21.76 -4.37 -28.18
CA GLU C 215 -21.26 -3.51 -27.12
C GLU C 215 -20.33 -2.44 -27.70
N ILE C 216 -20.63 -1.17 -27.42
CA ILE C 216 -19.83 -0.07 -27.95
C ILE C 216 -19.28 0.76 -26.79
N GLY C 217 -18.02 1.15 -26.87
CA GLY C 217 -17.37 1.88 -25.80
C GLY C 217 -17.73 3.36 -25.79
N ALA C 218 -16.86 4.16 -25.16
CA ALA C 218 -17.15 5.56 -24.87
C ALA C 218 -16.47 6.51 -25.87
N CYS C 219 -17.11 7.63 -26.18
CA CYS C 219 -16.58 8.57 -27.19
C CYS C 219 -16.22 7.89 -28.50
N THR C 220 -17.05 6.96 -28.93
CA THR C 220 -16.87 6.31 -30.23
C THR C 220 -17.87 6.94 -31.17
N THR C 221 -17.48 7.11 -32.43
CA THR C 221 -18.38 7.72 -33.39
C THR C 221 -18.64 6.74 -34.54
N ILE C 222 -19.92 6.50 -34.83
CA ILE C 222 -20.30 5.60 -35.93
C ILE C 222 -21.21 6.37 -36.87
N ASP C 223 -20.69 6.73 -38.05
CA ASP C 223 -21.43 7.59 -38.98
C ASP C 223 -22.52 6.84 -39.76
N ARG C 224 -23.65 7.49 -40.00
CA ARG C 224 -24.71 6.97 -40.87
C ARG C 224 -24.23 6.85 -42.30
N GLY C 225 -24.90 6.02 -43.10
CA GLY C 225 -24.51 5.80 -44.49
C GLY C 225 -24.90 6.98 -45.39
N ALA C 226 -24.28 7.09 -46.56
CA ALA C 226 -24.63 8.18 -47.49
C ALA C 226 -25.98 7.91 -48.15
N LEU C 227 -26.18 6.67 -48.59
CA LEU C 227 -27.45 6.28 -49.24
C LEU C 227 -27.92 4.94 -48.68
N ASP C 228 -27.05 3.95 -48.78
CA ASP C 228 -27.26 2.71 -48.05
C ASP C 228 -26.64 2.83 -46.65
N ASP C 229 -26.68 1.74 -45.88
CA ASP C 229 -26.47 1.83 -44.44
C ASP C 229 -25.07 1.41 -43.94
N THR C 230 -24.65 2.05 -42.85
CA THR C 230 -23.51 1.57 -42.08
C THR C 230 -24.04 0.39 -41.28
N ILE C 231 -23.34 -0.73 -41.28
CA ILE C 231 -23.91 -1.92 -40.66
C ILE C 231 -22.95 -2.55 -39.67
N ILE C 232 -23.43 -2.71 -38.42
CA ILE C 232 -22.66 -3.38 -37.38
C ILE C 232 -23.31 -4.72 -37.06
N GLY C 233 -22.58 -5.82 -37.29
CA GLY C 233 -23.14 -7.16 -37.15
C GLY C 233 -23.45 -7.59 -35.72
N ASN C 234 -24.12 -8.72 -35.55
CA ASN C 234 -24.42 -9.24 -34.23
C ASN C 234 -23.17 -9.58 -33.44
N GLY C 235 -23.20 -9.30 -32.13
CA GLY C 235 -22.13 -9.72 -31.24
C GLY C 235 -20.81 -8.99 -31.45
N VAL C 236 -20.84 -7.87 -32.16
CA VAL C 236 -19.64 -7.06 -32.35
C VAL C 236 -19.30 -6.29 -31.07
N ILE C 237 -18.01 -6.23 -30.75
CA ILE C 237 -17.55 -5.37 -29.66
C ILE C 237 -16.61 -4.28 -30.17
N ILE C 238 -16.92 -3.04 -29.78
CA ILE C 238 -16.14 -1.88 -30.19
C ILE C 238 -15.71 -1.08 -28.95
N ASP C 239 -14.43 -0.78 -28.86
CA ASP C 239 -13.90 -0.08 -27.71
C ASP C 239 -14.05 1.45 -27.86
N ASN C 240 -13.31 2.20 -27.05
CA ASN C 240 -13.41 3.66 -27.00
C ASN C 240 -12.69 4.37 -28.14
N GLN C 241 -13.14 5.58 -28.46
CA GLN C 241 -12.41 6.49 -29.35
C GLN C 241 -12.28 5.97 -30.77
N CYS C 242 -13.14 5.04 -31.17
CA CYS C 242 -13.10 4.50 -32.54
C CYS C 242 -13.90 5.35 -33.49
N GLN C 243 -13.43 5.39 -34.73
CA GLN C 243 -14.16 6.09 -35.78
C GLN C 243 -14.58 5.09 -36.86
N ILE C 244 -15.89 4.97 -37.06
CA ILE C 244 -16.43 4.09 -38.09
C ILE C 244 -17.17 4.95 -39.10
N ALA C 245 -16.55 5.13 -40.26
CA ALA C 245 -17.03 6.04 -41.30
C ALA C 245 -18.31 5.55 -41.92
N HIS C 246 -18.88 6.38 -42.81
CA HIS C 246 -20.11 6.00 -43.49
C HIS C 246 -19.93 4.73 -44.29
N ASN C 247 -20.96 3.90 -44.26
CA ASN C 247 -21.04 2.68 -45.07
C ASN C 247 -20.02 1.61 -44.77
N VAL C 248 -19.41 1.67 -43.59
CA VAL C 248 -18.63 0.56 -43.11
C VAL C 248 -19.60 -0.58 -42.83
N VAL C 249 -19.21 -1.81 -43.14
CA VAL C 249 -19.98 -3.00 -42.75
C VAL C 249 -19.07 -3.87 -41.93
N ILE C 250 -19.52 -4.23 -40.72
CA ILE C 250 -18.69 -5.03 -39.82
C ILE C 250 -19.38 -6.37 -39.59
N GLY C 251 -18.68 -7.48 -39.84
CA GLY C 251 -19.28 -8.80 -39.71
C GLY C 251 -19.42 -9.24 -38.26
N ASP C 252 -20.23 -10.28 -38.05
CA ASP C 252 -20.57 -10.74 -36.70
C ASP C 252 -19.36 -11.10 -35.86
N ASN C 253 -19.43 -10.79 -34.57
CA ASN C 253 -18.45 -11.22 -33.57
C ASN C 253 -17.04 -10.66 -33.75
N THR C 254 -16.90 -9.70 -34.65
CA THR C 254 -15.64 -8.97 -34.81
C THR C 254 -15.38 -8.06 -33.57
N ALA C 255 -14.11 -7.93 -33.19
CA ALA C 255 -13.70 -7.06 -32.08
C ALA C 255 -12.87 -5.91 -32.60
N VAL C 256 -13.23 -4.70 -32.18
CA VAL C 256 -12.47 -3.52 -32.57
C VAL C 256 -11.95 -2.85 -31.31
N ALA C 257 -10.63 -2.87 -31.14
CA ALA C 257 -10.02 -2.31 -29.93
C ALA C 257 -9.95 -0.77 -30.04
N GLY C 258 -9.42 -0.13 -29.01
CA GLY C 258 -9.53 1.32 -28.90
C GLY C 258 -8.84 2.14 -29.97
N GLY C 259 -9.50 3.21 -30.42
CA GLY C 259 -8.84 4.21 -31.26
C GLY C 259 -8.62 3.84 -32.71
N VAL C 260 -9.37 2.86 -33.19
CA VAL C 260 -9.27 2.43 -34.58
C VAL C 260 -9.97 3.44 -35.49
N ILE C 261 -9.35 3.77 -36.61
CA ILE C 261 -9.94 4.70 -37.57
C ILE C 261 -10.26 3.93 -38.85
N MET C 262 -11.56 3.82 -39.18
CA MET C 262 -11.97 3.15 -40.41
C MET C 262 -12.49 4.15 -41.44
N ALA C 263 -11.96 4.08 -42.66
CA ALA C 263 -12.45 4.93 -43.75
C ALA C 263 -13.72 4.34 -44.39
N GLY C 264 -14.39 5.16 -45.21
CA GLY C 264 -15.70 4.84 -45.74
C GLY C 264 -15.76 3.57 -46.57
N SER C 265 -16.89 2.88 -46.52
CA SER C 265 -17.16 1.71 -47.39
C SER C 265 -16.17 0.57 -47.19
N LEU C 266 -15.59 0.50 -46.00
CA LEU C 266 -14.80 -0.67 -45.63
C LEU C 266 -15.74 -1.81 -45.24
N LYS C 267 -15.50 -3.02 -45.77
CA LYS C 267 -16.22 -4.20 -45.30
C LYS C 267 -15.28 -5.11 -44.52
N ILE C 268 -15.62 -5.42 -43.27
CA ILE C 268 -14.84 -6.33 -42.45
C ILE C 268 -15.65 -7.60 -42.18
N GLY C 269 -15.02 -8.76 -42.37
CA GLY C 269 -15.68 -10.05 -42.18
C GLY C 269 -15.95 -10.40 -40.72
N ARG C 270 -16.30 -11.66 -40.49
CA ARG C 270 -16.67 -12.16 -39.16
C ARG C 270 -15.45 -12.59 -38.37
N TYR C 271 -15.57 -12.54 -37.04
CA TYR C 271 -14.54 -13.06 -36.15
C TYR C 271 -13.17 -12.43 -36.43
N CYS C 272 -13.17 -11.17 -36.84
CA CYS C 272 -11.90 -10.44 -36.95
C CYS C 272 -11.55 -9.79 -35.62
N MET C 273 -10.27 -9.48 -35.45
CA MET C 273 -9.79 -8.74 -34.30
C MET C 273 -8.93 -7.58 -34.81
N ILE C 274 -9.42 -6.36 -34.63
CA ILE C 274 -8.73 -5.18 -35.14
C ILE C 274 -8.06 -4.45 -33.96
N GLY C 275 -6.73 -4.46 -33.92
CA GLY C 275 -5.97 -3.94 -32.80
C GLY C 275 -6.00 -2.43 -32.64
N GLY C 276 -5.74 -1.97 -31.41
CA GLY C 276 -5.82 -0.56 -31.07
C GLY C 276 -5.07 0.38 -32.00
N ALA C 277 -5.71 1.50 -32.35
CA ALA C 277 -5.07 2.56 -33.14
C ALA C 277 -4.75 2.17 -34.58
N SER C 278 -5.32 1.07 -35.06
CA SER C 278 -5.21 0.72 -36.47
C SER C 278 -5.92 1.74 -37.35
N VAL C 279 -5.38 1.93 -38.54
CA VAL C 279 -5.92 2.89 -39.49
C VAL C 279 -6.21 2.10 -40.76
N ILE C 280 -7.48 2.03 -41.15
CA ILE C 280 -7.85 1.12 -42.21
C ILE C 280 -8.42 1.86 -43.41
N ASN C 281 -7.81 1.61 -44.56
CA ASN C 281 -8.25 2.23 -45.80
C ASN C 281 -9.67 1.82 -46.15
N GLY C 282 -10.35 2.62 -46.97
CA GLY C 282 -11.74 2.35 -47.29
C GLY C 282 -11.93 1.70 -48.65
N HIS C 283 -13.18 1.49 -49.04
CA HIS C 283 -13.51 0.95 -50.37
C HIS C 283 -12.73 -0.32 -50.63
N MET C 284 -12.75 -1.23 -49.68
CA MET C 284 -12.08 -2.50 -49.83
C MET C 284 -12.62 -3.47 -48.80
N GLU C 285 -12.15 -4.71 -48.88
CA GLU C 285 -12.68 -5.76 -48.03
C GLU C 285 -11.58 -6.40 -47.18
N ILE C 286 -11.94 -6.72 -45.94
CA ILE C 286 -11.12 -7.59 -45.11
C ILE C 286 -11.96 -8.84 -44.86
N CYS C 287 -11.41 -10.00 -45.18
CA CYS C 287 -12.15 -11.27 -45.06
C CYS C 287 -12.25 -11.76 -43.61
N ASP C 288 -12.88 -12.91 -43.45
CA ASP C 288 -13.15 -13.48 -42.13
C ASP C 288 -11.88 -13.88 -41.37
N LYS C 289 -11.97 -13.84 -40.04
CA LYS C 289 -10.91 -14.33 -39.16
C LYS C 289 -9.54 -13.71 -39.44
N VAL C 290 -9.51 -12.41 -39.65
CA VAL C 290 -8.26 -11.68 -39.79
C VAL C 290 -7.93 -10.98 -38.46
N THR C 291 -6.66 -11.00 -38.07
CA THR C 291 -6.23 -10.25 -36.90
C THR C 291 -5.23 -9.21 -37.35
N VAL C 292 -5.49 -7.96 -36.99
CA VAL C 292 -4.55 -6.87 -37.25
C VAL C 292 -4.01 -6.37 -35.90
N THR C 293 -2.69 -6.33 -35.76
CA THR C 293 -2.10 -5.97 -34.47
C THR C 293 -2.09 -4.46 -34.29
N GLY C 294 -1.91 -4.02 -33.05
CA GLY C 294 -1.98 -2.60 -32.73
C GLY C 294 -1.21 -1.72 -33.69
N MET C 295 -1.82 -0.61 -34.09
CA MET C 295 -1.19 0.42 -34.91
C MET C 295 -0.95 -0.06 -36.34
N GLY C 296 -1.69 -1.08 -36.76
CA GLY C 296 -1.63 -1.57 -38.12
C GLY C 296 -2.00 -0.50 -39.14
N MET C 297 -1.15 -0.34 -40.15
CA MET C 297 -1.45 0.56 -41.24
C MET C 297 -2.04 -0.31 -42.35
N VAL C 298 -3.37 -0.35 -42.43
CA VAL C 298 -4.07 -1.28 -43.31
C VAL C 298 -4.43 -0.63 -44.64
N MET C 299 -3.49 -0.67 -45.57
CA MET C 299 -3.63 0.00 -46.85
C MET C 299 -4.36 -0.86 -47.90
N ARG C 300 -4.10 -2.16 -47.87
CA ARG C 300 -4.55 -3.07 -48.90
C ARG C 300 -5.59 -4.06 -48.40
N PRO C 301 -6.42 -4.57 -49.31
CA PRO C 301 -7.41 -5.59 -48.94
C PRO C 301 -6.72 -6.80 -48.31
N ILE C 302 -7.44 -7.55 -47.48
CA ILE C 302 -6.88 -8.78 -46.91
C ILE C 302 -7.79 -9.93 -47.26
N THR C 303 -7.26 -10.84 -48.07
CA THR C 303 -8.05 -11.92 -48.67
C THR C 303 -7.88 -13.24 -47.95
N GLU C 304 -6.80 -13.36 -47.18
CA GLU C 304 -6.47 -14.62 -46.52
C GLU C 304 -6.38 -14.44 -45.00
N PRO C 305 -6.99 -15.38 -44.25
CA PRO C 305 -7.01 -15.27 -42.79
C PRO C 305 -5.62 -15.28 -42.18
N GLY C 306 -5.52 -14.88 -40.92
CA GLY C 306 -4.23 -14.87 -40.26
C GLY C 306 -3.95 -13.55 -39.56
N VAL C 307 -2.73 -13.41 -39.06
CA VAL C 307 -2.35 -12.25 -38.28
C VAL C 307 -1.45 -11.34 -39.09
N TYR C 308 -1.80 -10.06 -39.11
CA TYR C 308 -1.08 -9.08 -39.91
C TYR C 308 -0.62 -7.93 -39.02
N SER C 309 0.56 -7.41 -39.30
CA SER C 309 1.20 -6.42 -38.44
C SER C 309 1.97 -5.40 -39.27
N SER C 310 2.24 -4.24 -38.66
CA SER C 310 3.09 -3.22 -39.28
C SER C 310 3.69 -2.37 -38.19
N GLY C 311 4.62 -1.50 -38.57
CA GLY C 311 5.18 -0.56 -37.62
C GLY C 311 6.55 -0.95 -37.12
N ILE C 312 7.40 0.04 -36.86
CA ILE C 312 8.70 -0.18 -36.29
C ILE C 312 8.77 0.34 -34.87
N PRO C 313 9.03 -0.53 -33.93
CA PRO C 313 9.02 -0.21 -32.51
C PRO C 313 10.04 0.80 -32.07
N LEU C 314 9.86 1.24 -30.83
CA LEU C 314 10.63 2.29 -30.19
C LEU C 314 12.09 1.98 -30.12
N GLN C 315 12.91 3.00 -30.22
CA GLN C 315 14.33 2.89 -29.96
C GLN C 315 14.77 4.09 -29.12
N PRO C 316 15.91 3.97 -28.43
CA PRO C 316 16.47 5.18 -27.79
C PRO C 316 16.58 6.28 -28.84
N ASN C 317 16.24 7.52 -28.49
CA ASN C 317 16.13 8.59 -29.48
C ASN C 317 17.31 8.71 -30.45
N LYS C 318 18.53 8.68 -29.90
CA LYS C 318 19.72 8.81 -30.76
C LYS C 318 19.86 7.66 -31.75
N VAL C 319 19.41 6.47 -31.35
CA VAL C 319 19.36 5.33 -32.26
C VAL C 319 18.31 5.54 -33.36
N TRP C 320 17.11 5.93 -32.96
CA TRP C 320 16.00 6.17 -33.88
C TRP C 320 16.37 7.16 -34.99
N ARG C 321 17.10 8.22 -34.64
CA ARG C 321 17.52 9.23 -35.59
C ARG C 321 18.27 8.64 -36.78
N LYS C 322 19.21 7.74 -36.47
CA LYS C 322 19.96 7.04 -37.52
C LYS C 322 19.06 6.08 -38.29
N THR C 323 18.26 5.30 -37.57
CA THR C 323 17.31 4.37 -38.18
C THR C 323 16.40 5.10 -39.17
N ALA C 324 15.86 6.23 -38.74
CA ALA C 324 15.01 7.06 -39.60
C ALA C 324 15.76 7.55 -40.84
N ALA C 325 16.90 8.21 -40.63
CA ALA C 325 17.66 8.80 -41.74
C ALA C 325 18.10 7.77 -42.79
N LEU C 326 18.46 6.57 -42.32
CA LEU C 326 18.86 5.48 -43.22
C LEU C 326 17.67 4.87 -43.97
N VAL C 327 16.56 4.66 -43.27
CA VAL C 327 15.35 4.14 -43.91
C VAL C 327 14.90 5.11 -45.00
N MET C 328 15.01 6.41 -44.70
CA MET C 328 14.57 7.44 -45.64
C MET C 328 15.44 7.48 -46.90
N ASN C 329 16.73 7.21 -46.74
CA ASN C 329 17.66 7.15 -47.86
C ASN C 329 17.94 5.70 -48.28
N ILE C 330 16.94 4.84 -48.14
CA ILE C 330 17.13 3.42 -48.42
C ILE C 330 17.26 3.15 -49.92
N ASP C 331 16.80 4.08 -50.75
CA ASP C 331 16.90 3.91 -52.20
C ASP C 331 18.36 4.02 -52.65
N ASP C 332 19.03 5.06 -52.17
CA ASP C 332 20.45 5.28 -52.44
C ASP C 332 21.29 4.13 -51.89
N MET C 333 20.75 3.41 -50.92
CA MET C 333 21.41 2.27 -50.30
C MET C 333 21.24 0.99 -51.14
N SER C 334 20.02 0.73 -51.59
CA SER C 334 19.75 -0.43 -52.44
C SER C 334 20.53 -0.35 -53.75
N LYS C 335 20.62 0.86 -54.30
CA LYS C 335 21.40 1.11 -55.51
C LYS C 335 22.86 0.72 -55.32
N ARG C 336 23.47 1.21 -54.24
CA ARG C 336 24.87 0.91 -53.94
C ARG C 336 25.10 -0.59 -53.75
N LEU C 337 24.10 -1.29 -53.23
CA LEU C 337 24.16 -2.73 -53.09
C LEU C 337 24.17 -3.42 -54.46
N LYS C 338 23.44 -2.86 -55.41
CA LYS C 338 23.35 -3.42 -56.75
C LYS C 338 24.65 -3.25 -57.56
N SER C 339 25.18 -2.03 -57.55
CA SER C 339 26.47 -1.74 -58.19
C SER C 339 27.54 -2.73 -57.76
N LEU C 340 27.71 -2.87 -56.45
CA LEU C 340 28.68 -3.79 -55.87
C LEU C 340 28.34 -5.25 -56.18
N GLU C 341 27.05 -5.54 -56.30
CA GLU C 341 26.58 -6.90 -56.60
C GLU C 341 26.96 -7.29 -58.04
N ARG C 342 27.25 -6.29 -58.87
CA ARG C 342 27.64 -6.53 -60.25
C ARG C 342 29.15 -6.65 -60.41
N LYS C 343 29.89 -5.78 -59.74
CA LYS C 343 31.36 -5.80 -59.83
C LYS C 343 31.90 -7.18 -59.46
N VAL C 344 31.45 -7.72 -58.33
CA VAL C 344 31.80 -9.08 -57.93
C VAL C 344 31.40 -10.13 -58.98
N ASN C 345 30.33 -9.86 -59.74
CA ASN C 345 29.91 -10.78 -60.80
C ASN C 345 29.90 -10.17 -62.20
N SER D 10 -0.16 1.28 68.08
CA SER D 10 0.85 1.46 69.12
C SER D 10 1.01 0.19 69.96
N ILE D 11 2.20 -0.01 70.53
CA ILE D 11 2.50 -1.20 71.33
C ILE D 11 3.75 -0.99 72.16
N ARG D 12 3.73 -1.46 73.41
CA ARG D 12 4.90 -1.36 74.27
C ARG D 12 5.97 -2.32 73.77
N LEU D 13 7.23 -1.90 73.87
CA LEU D 13 8.35 -2.67 73.31
C LEU D 13 8.44 -4.09 73.87
N ALA D 14 8.23 -4.23 75.17
CA ALA D 14 8.22 -5.54 75.83
C ALA D 14 7.11 -6.45 75.28
N ASP D 15 5.94 -5.88 75.05
CA ASP D 15 4.82 -6.66 74.50
C ASP D 15 5.15 -7.07 73.08
N LEU D 16 5.74 -6.15 72.33
CA LEU D 16 6.16 -6.41 70.94
C LEU D 16 7.19 -7.52 70.89
N ALA D 17 8.20 -7.44 71.76
CA ALA D 17 9.25 -8.47 71.83
C ALA D 17 8.65 -9.85 72.12
N GLN D 18 7.76 -9.90 73.10
CA GLN D 18 7.07 -11.13 73.44
C GLN D 18 6.31 -11.71 72.21
N GLN D 19 5.64 -10.84 71.45
CA GLN D 19 4.92 -11.29 70.26
C GLN D 19 5.87 -11.79 69.18
N LEU D 20 7.05 -11.19 69.10
CA LEU D 20 8.06 -11.53 68.08
C LEU D 20 9.01 -12.61 68.59
N ASP D 21 8.75 -13.12 69.79
CA ASP D 21 9.61 -14.10 70.45
C ASP D 21 11.09 -13.67 70.37
N ALA D 22 11.34 -12.44 70.78
CA ALA D 22 12.68 -11.84 70.72
C ALA D 22 13.21 -11.59 72.13
N GLU D 23 14.54 -11.48 72.27
CA GLU D 23 15.14 -11.13 73.57
C GLU D 23 15.31 -9.62 73.72
N LEU D 24 14.52 -9.01 74.61
CA LEU D 24 14.61 -7.57 74.83
C LEU D 24 15.86 -7.15 75.59
N HIS D 25 16.56 -6.17 75.05
CA HIS D 25 17.67 -5.53 75.74
C HIS D 25 17.39 -4.04 75.79
N GLY D 26 16.94 -3.56 76.95
CA GLY D 26 16.56 -2.17 77.09
C GLY D 26 15.17 -1.98 77.70
N ASP D 27 14.68 -0.75 77.62
CA ASP D 27 13.44 -0.33 78.28
C ASP D 27 12.17 -0.88 77.62
N GLY D 28 11.53 -1.82 78.31
CA GLY D 28 10.34 -2.48 77.80
C GLY D 28 9.12 -1.59 77.69
N ASP D 29 9.16 -0.48 78.41
CA ASP D 29 8.04 0.45 78.43
C ASP D 29 8.04 1.45 77.27
N ILE D 30 9.15 1.53 76.53
CA ILE D 30 9.19 2.31 75.29
C ILE D 30 7.98 2.00 74.40
N VAL D 31 7.34 3.05 73.87
CA VAL D 31 6.15 2.88 73.06
C VAL D 31 6.46 2.92 71.55
N ILE D 32 6.17 1.81 70.86
CA ILE D 32 6.49 1.69 69.42
C ILE D 32 5.25 2.02 68.58
N THR D 33 5.39 2.99 67.67
CA THR D 33 4.26 3.46 66.85
C THR D 33 4.29 2.93 65.40
N GLY D 34 5.46 2.57 64.90
CA GLY D 34 5.57 2.04 63.55
C GLY D 34 6.95 1.53 63.19
N VAL D 35 7.06 1.00 61.97
CA VAL D 35 8.33 0.51 61.45
C VAL D 35 8.87 1.59 60.53
N ALA D 36 10.19 1.71 60.44
CA ALA D 36 10.82 2.69 59.57
C ALA D 36 12.21 2.19 59.15
N SER D 37 12.74 2.70 58.05
CA SER D 37 14.11 2.33 57.66
C SER D 37 15.06 2.92 58.69
N MET D 38 16.30 2.45 58.68
CA MET D 38 17.30 2.91 59.62
C MET D 38 17.61 4.38 59.37
N GLN D 39 17.68 4.77 58.10
CA GLN D 39 18.06 6.15 57.78
C GLN D 39 16.98 7.15 58.17
N SER D 40 15.75 6.67 58.30
CA SER D 40 14.58 7.51 58.41
C SER D 40 13.87 7.34 59.77
N ALA D 41 14.25 6.32 60.52
CA ALA D 41 13.56 6.04 61.79
C ALA D 41 13.72 7.16 62.80
N GLN D 42 12.62 7.49 63.48
CA GLN D 42 12.63 8.51 64.53
C GLN D 42 12.14 7.87 65.82
N THR D 43 12.12 8.64 66.89
CA THR D 43 11.62 8.12 68.17
C THR D 43 10.24 7.51 68.00
N GLY D 44 10.01 6.38 68.67
CA GLY D 44 8.76 5.64 68.50
C GLY D 44 8.79 4.61 67.39
N HIS D 45 9.85 4.62 66.58
CA HIS D 45 9.98 3.70 65.45
C HIS D 45 10.92 2.53 65.76
N ILE D 46 10.57 1.35 65.25
CA ILE D 46 11.49 0.21 65.32
C ILE D 46 12.03 -0.10 63.92
N THR D 47 13.29 -0.47 63.84
CA THR D 47 13.90 -0.83 62.56
C THR D 47 14.64 -2.15 62.74
N PHE D 48 15.46 -2.53 61.78
CA PHE D 48 16.09 -3.84 61.84
C PHE D 48 17.39 -3.71 61.08
N MET D 49 18.33 -4.62 61.31
CA MET D 49 19.54 -4.65 60.48
C MET D 49 19.93 -6.10 60.22
N VAL D 50 20.43 -6.36 59.02
CA VAL D 50 20.89 -7.70 58.66
C VAL D 50 22.37 -7.65 58.34
N ASN D 51 22.74 -6.67 57.52
CA ASN D 51 24.11 -6.54 57.08
C ASN D 51 24.96 -5.91 58.18
N PRO D 52 26.00 -6.62 58.62
CA PRO D 52 26.87 -6.17 59.72
C PRO D 52 27.62 -4.89 59.35
N LYS D 53 27.61 -4.51 58.07
CA LYS D 53 28.25 -3.27 57.65
C LYS D 53 27.58 -2.03 58.27
N TYR D 54 26.30 -2.18 58.62
CA TYR D 54 25.53 -1.08 59.18
C TYR D 54 25.75 -0.86 60.69
N ARG D 55 26.60 -1.68 61.30
CA ARG D 55 26.87 -1.61 62.74
C ARG D 55 27.45 -0.26 63.16
N GLU D 56 28.04 0.46 62.21
CA GLU D 56 28.67 1.73 62.51
C GLU D 56 27.74 2.91 62.19
N HIS D 57 26.51 2.59 61.83
CA HIS D 57 25.49 3.60 61.56
C HIS D 57 24.47 3.64 62.69
N LEU D 58 24.56 2.67 63.60
CA LEU D 58 23.59 2.55 64.70
C LEU D 58 23.54 3.81 65.56
N GLY D 59 24.69 4.47 65.75
CA GLY D 59 24.74 5.73 66.47
C GLY D 59 23.96 6.84 65.78
N LEU D 60 24.03 6.89 64.45
CA LEU D 60 23.29 7.86 63.65
C LEU D 60 21.79 7.53 63.57
N CYS D 61 21.45 6.25 63.67
CA CYS D 61 20.05 5.86 63.62
C CYS D 61 19.26 6.38 64.83
N GLN D 62 18.05 6.88 64.59
CA GLN D 62 17.24 7.50 65.67
C GLN D 62 16.03 6.69 66.09
N ALA D 63 15.95 5.42 65.68
CA ALA D 63 14.87 4.52 66.12
C ALA D 63 14.92 4.31 67.63
N SER D 64 13.76 4.03 68.24
CA SER D 64 13.74 3.68 69.66
C SER D 64 14.19 2.24 69.87
N ALA D 65 14.10 1.42 68.82
CA ALA D 65 14.52 0.02 68.93
C ALA D 65 15.02 -0.56 67.62
N VAL D 66 16.01 -1.43 67.69
CA VAL D 66 16.54 -2.09 66.51
C VAL D 66 16.49 -3.60 66.68
N VAL D 67 16.03 -4.29 65.66
CA VAL D 67 16.03 -5.75 65.64
C VAL D 67 17.35 -6.22 65.05
N MET D 68 18.08 -7.04 65.80
CA MET D 68 19.40 -7.51 65.37
C MET D 68 19.69 -8.90 65.93
N THR D 69 20.90 -9.40 65.66
CA THR D 69 21.32 -10.69 66.19
C THR D 69 22.16 -10.50 67.45
N GLN D 70 22.46 -11.61 68.13
CA GLN D 70 23.27 -11.57 69.35
C GLN D 70 24.65 -10.98 69.06
N ASP D 71 25.19 -11.32 67.89
CA ASP D 71 26.51 -10.84 67.46
C ASP D 71 26.56 -9.32 67.25
N ASP D 72 25.41 -8.71 66.98
CA ASP D 72 25.34 -7.25 66.76
C ASP D 72 25.18 -6.50 68.07
N LEU D 73 24.64 -7.17 69.07
CA LEU D 73 24.25 -6.54 70.34
C LEU D 73 25.30 -5.61 70.98
N PRO D 74 26.59 -6.00 70.96
CA PRO D 74 27.62 -5.07 71.46
C PRO D 74 27.68 -3.70 70.77
N PHE D 75 27.14 -3.60 69.54
CA PHE D 75 27.24 -2.35 68.79
C PHE D 75 26.00 -1.49 68.95
N ALA D 76 24.99 -2.05 69.61
CA ALA D 76 23.71 -1.36 69.84
C ALA D 76 23.89 0.01 70.47
N LYS D 77 23.06 0.95 70.05
CA LYS D 77 23.08 2.31 70.59
C LYS D 77 21.64 2.70 70.92
N SER D 78 20.84 1.68 71.23
CA SER D 78 19.41 1.87 71.48
C SER D 78 18.97 0.57 72.09
N ALA D 79 17.73 0.52 72.57
CA ALA D 79 17.13 -0.77 72.93
C ALA D 79 17.25 -1.68 71.70
N ALA D 80 17.48 -2.96 71.95
CA ALA D 80 17.65 -3.93 70.88
C ALA D 80 16.77 -5.14 71.11
N LEU D 81 16.17 -5.65 70.05
CA LEU D 81 15.49 -6.94 70.09
C LEU D 81 16.39 -7.96 69.42
N VAL D 82 16.83 -8.96 70.19
CA VAL D 82 17.72 -9.97 69.64
C VAL D 82 16.96 -11.20 69.17
N VAL D 83 17.23 -11.60 67.93
CA VAL D 83 16.59 -12.74 67.29
C VAL D 83 17.61 -13.47 66.42
N LYS D 84 17.22 -14.63 65.90
CA LYS D 84 18.04 -15.35 64.93
C LYS D 84 17.94 -14.74 63.51
N ASN D 85 16.72 -14.43 63.08
CA ASN D 85 16.48 -13.89 61.73
C ASN D 85 15.80 -12.52 61.74
N PRO D 86 16.59 -11.43 61.74
CA PRO D 86 16.02 -10.09 61.79
C PRO D 86 15.07 -9.80 60.64
N TYR D 87 15.42 -10.22 59.43
CA TYR D 87 14.57 -9.96 58.25
C TYR D 87 13.17 -10.57 58.41
N LEU D 88 13.11 -11.82 58.83
CA LEU D 88 11.83 -12.47 59.13
C LEU D 88 11.08 -11.78 60.27
N THR D 89 11.81 -11.43 61.32
CA THR D 89 11.22 -10.70 62.43
C THR D 89 10.62 -9.38 61.93
N TYR D 90 11.38 -8.68 61.09
CA TYR D 90 10.92 -7.48 60.40
C TYR D 90 9.59 -7.71 59.71
N ALA D 91 9.48 -8.84 59.01
CA ALA D 91 8.24 -9.13 58.29
C ALA D 91 7.09 -9.27 59.30
N ARG D 92 7.35 -9.99 60.39
CA ARG D 92 6.34 -10.20 61.44
C ARG D 92 5.92 -8.89 62.09
N MET D 93 6.88 -8.07 62.49
CA MET D 93 6.59 -6.81 63.16
C MET D 93 5.90 -5.80 62.23
N ALA D 94 6.24 -5.85 60.94
CA ALA D 94 5.60 -4.97 59.96
C ALA D 94 4.14 -5.36 59.76
N GLN D 95 3.86 -6.67 59.80
CA GLN D 95 2.50 -7.15 59.86
C GLN D 95 1.73 -6.65 61.10
N ILE D 96 2.31 -6.82 62.29
CA ILE D 96 1.74 -6.27 63.53
C ILE D 96 1.45 -4.77 63.42
N LEU D 97 2.37 -3.99 62.86
CA LEU D 97 2.23 -2.53 62.82
C LEU D 97 1.81 -2.01 61.45
N ASP D 98 1.21 -2.88 60.65
CA ASP D 98 0.81 -2.56 59.27
C ASP D 98 -0.20 -1.39 59.21
N THR D 99 0.06 -0.41 58.35
CA THR D 99 -0.86 0.71 58.16
C THR D 99 -1.64 0.60 56.84
N THR D 100 -1.45 -0.51 56.11
CA THR D 100 -2.14 -0.69 54.84
C THR D 100 -3.67 -0.79 55.06
N PRO D 101 -4.44 0.07 54.37
CA PRO D 101 -5.90 -0.04 54.42
C PRO D 101 -6.40 -1.30 53.72
N GLN D 102 -7.73 -1.48 53.73
CA GLN D 102 -8.36 -2.62 53.05
C GLN D 102 -8.88 -2.17 51.69
N PRO D 103 -8.99 -3.11 50.74
CA PRO D 103 -9.52 -2.70 49.43
C PRO D 103 -10.93 -2.15 49.55
N ALA D 104 -11.67 -2.61 50.55
CA ALA D 104 -13.06 -2.22 50.71
C ALA D 104 -13.55 -2.51 52.13
N GLN D 105 -14.68 -1.90 52.51
CA GLN D 105 -15.35 -2.17 53.78
C GLN D 105 -16.85 -2.16 53.56
N ASN D 106 -17.53 -3.21 54.02
CA ASN D 106 -18.97 -3.41 53.78
C ASN D 106 -19.28 -3.64 52.31
N ILE D 107 -20.56 -3.76 52.01
CA ILE D 107 -21.02 -3.95 50.64
C ILE D 107 -21.50 -2.64 50.07
N ALA D 108 -20.81 -2.15 49.05
CA ALA D 108 -21.09 -0.86 48.49
C ALA D 108 -22.37 -0.85 47.69
N PRO D 109 -23.14 0.20 47.89
CA PRO D 109 -24.40 0.39 47.17
C PRO D 109 -24.24 0.26 45.66
N SER D 110 -23.16 0.77 45.10
CA SER D 110 -22.96 0.79 43.66
C SER D 110 -22.45 -0.52 43.07
N ALA D 111 -22.11 -1.47 43.92
CA ALA D 111 -21.68 -2.77 43.42
C ALA D 111 -22.86 -3.51 42.81
N VAL D 112 -22.64 -4.15 41.66
CA VAL D 112 -23.68 -4.92 41.00
C VAL D 112 -23.47 -6.40 41.30
N ILE D 113 -24.34 -6.95 42.15
CA ILE D 113 -24.17 -8.30 42.66
C ILE D 113 -25.38 -9.16 42.30
N ASP D 114 -25.15 -10.22 41.54
CA ASP D 114 -26.23 -11.11 41.10
C ASP D 114 -26.91 -11.79 42.29
N ALA D 115 -28.21 -12.03 42.18
CA ALA D 115 -28.96 -12.69 43.27
C ALA D 115 -28.44 -14.08 43.59
N THR D 116 -27.92 -14.76 42.56
CA THR D 116 -27.39 -16.12 42.68
C THR D 116 -26.10 -16.18 43.51
N ALA D 117 -25.40 -15.05 43.60
CA ALA D 117 -24.12 -15.01 44.31
C ALA D 117 -24.25 -15.33 45.80
N LYS D 118 -23.36 -16.18 46.29
CA LYS D 118 -23.32 -16.61 47.68
C LYS D 118 -22.25 -15.86 48.45
N LEU D 119 -22.68 -14.96 49.32
CA LEU D 119 -21.75 -14.11 50.07
C LEU D 119 -21.65 -14.57 51.52
N GLY D 120 -20.45 -14.94 51.95
CA GLY D 120 -20.22 -15.39 53.31
C GLY D 120 -20.23 -14.26 54.33
N ASN D 121 -20.01 -14.62 55.58
CA ASN D 121 -19.98 -13.67 56.68
C ASN D 121 -18.88 -12.61 56.53
N ASN D 122 -19.22 -11.35 56.79
CA ASN D 122 -18.25 -10.26 56.82
C ASN D 122 -17.50 -10.05 55.49
N VAL D 123 -18.21 -10.19 54.38
CA VAL D 123 -17.66 -9.88 53.07
C VAL D 123 -17.73 -8.38 52.81
N SER D 124 -16.68 -7.82 52.23
CA SER D 124 -16.68 -6.43 51.80
C SER D 124 -16.54 -6.39 50.29
N ILE D 125 -17.38 -5.57 49.65
CA ILE D 125 -17.35 -5.42 48.21
C ILE D 125 -17.30 -3.94 47.85
N GLY D 126 -16.27 -3.56 47.09
CA GLY D 126 -16.02 -2.16 46.83
C GLY D 126 -16.94 -1.58 45.80
N ALA D 127 -16.95 -0.25 45.74
CA ALA D 127 -17.77 0.48 44.79
C ALA D 127 -17.60 0.00 43.36
N ASN D 128 -18.72 -0.20 42.67
CA ASN D 128 -18.74 -0.52 41.25
C ASN D 128 -18.15 -1.86 40.86
N ALA D 129 -17.88 -2.71 41.84
CA ALA D 129 -17.47 -4.06 41.54
C ALA D 129 -18.65 -4.78 40.89
N VAL D 130 -18.35 -5.82 40.13
CA VAL D 130 -19.39 -6.60 39.47
C VAL D 130 -19.21 -8.08 39.75
N ILE D 131 -20.19 -8.68 40.41
CA ILE D 131 -20.14 -10.08 40.81
C ILE D 131 -21.16 -10.90 40.01
N GLU D 132 -20.68 -11.84 39.20
CA GLU D 132 -21.57 -12.63 38.34
C GLU D 132 -22.34 -13.71 39.09
N SER D 133 -23.20 -14.41 38.37
CA SER D 133 -24.06 -15.42 38.97
C SER D 133 -23.25 -16.65 39.33
N GLY D 134 -23.66 -17.33 40.40
CA GLY D 134 -23.05 -18.58 40.79
C GLY D 134 -21.78 -18.36 41.57
N VAL D 135 -21.37 -17.10 41.70
CA VAL D 135 -20.12 -16.79 42.40
C VAL D 135 -20.24 -17.09 43.89
N GLU D 136 -19.19 -17.69 44.45
CA GLU D 136 -19.14 -17.92 45.88
C GLU D 136 -17.96 -17.20 46.53
N LEU D 137 -18.25 -16.30 47.45
CA LEU D 137 -17.21 -15.60 48.20
C LEU D 137 -17.20 -16.08 49.66
N GLY D 138 -16.06 -16.60 50.12
CA GLY D 138 -15.97 -17.12 51.47
C GLY D 138 -15.95 -16.04 52.56
N ASP D 139 -15.92 -16.45 53.82
CA ASP D 139 -15.88 -15.48 54.93
C ASP D 139 -14.70 -14.53 54.81
N ASN D 140 -14.96 -13.26 55.12
CA ASN D 140 -13.91 -12.21 55.18
C ASN D 140 -13.23 -11.88 53.85
N VAL D 141 -13.76 -12.40 52.75
CA VAL D 141 -13.27 -12.01 51.43
C VAL D 141 -13.50 -10.51 51.25
N ILE D 142 -12.53 -9.81 50.67
CA ILE D 142 -12.71 -8.40 50.32
C ILE D 142 -12.45 -8.23 48.82
N ILE D 143 -13.46 -7.72 48.11
CA ILE D 143 -13.34 -7.43 46.69
C ILE D 143 -13.23 -5.91 46.51
N GLY D 144 -12.18 -5.45 45.84
CA GLY D 144 -11.92 -4.03 45.71
C GLY D 144 -12.81 -3.35 44.70
N ALA D 145 -12.72 -2.03 44.63
CA ALA D 145 -13.54 -1.27 43.72
C ALA D 145 -13.29 -1.69 42.27
N GLY D 146 -14.35 -1.74 41.48
CA GLY D 146 -14.21 -1.96 40.05
C GLY D 146 -13.79 -3.36 39.62
N CYS D 147 -13.75 -4.31 40.54
CA CYS D 147 -13.41 -5.68 40.13
C CYS D 147 -14.53 -6.32 39.32
N PHE D 148 -14.18 -7.35 38.55
CA PHE D 148 -15.15 -8.23 37.90
C PHE D 148 -14.83 -9.63 38.34
N VAL D 149 -15.83 -10.35 38.85
CA VAL D 149 -15.67 -11.75 39.22
C VAL D 149 -16.69 -12.54 38.41
N GLY D 150 -16.20 -13.38 37.49
CA GLY D 150 -17.06 -13.99 36.48
C GLY D 150 -17.84 -15.20 36.97
N LYS D 151 -18.69 -15.74 36.11
CA LYS D 151 -19.69 -16.74 36.51
C LYS D 151 -19.12 -17.99 37.19
N ASN D 152 -19.74 -18.37 38.30
CA ASN D 152 -19.44 -19.61 39.03
C ASN D 152 -18.04 -19.67 39.64
N SER D 153 -17.36 -18.54 39.72
CA SER D 153 -16.03 -18.55 40.31
C SER D 153 -16.12 -18.64 41.82
N LYS D 154 -15.07 -19.14 42.45
CA LYS D 154 -15.07 -19.31 43.89
C LYS D 154 -13.85 -18.65 44.49
N ILE D 155 -14.09 -17.82 45.49
CA ILE D 155 -12.99 -17.14 46.17
C ILE D 155 -13.01 -17.51 47.66
N GLY D 156 -11.91 -18.08 48.13
CA GLY D 156 -11.87 -18.67 49.47
C GLY D 156 -11.69 -17.69 50.60
N ALA D 157 -11.99 -18.16 51.81
CA ALA D 157 -11.94 -17.33 53.03
C ALA D 157 -10.67 -16.50 53.21
N GLY D 158 -10.84 -15.22 53.54
CA GLY D 158 -9.71 -14.34 53.83
C GLY D 158 -9.01 -13.78 52.58
N SER D 159 -9.44 -14.21 51.41
CA SER D 159 -8.78 -13.76 50.17
C SER D 159 -9.18 -12.35 49.79
N ARG D 160 -8.25 -11.60 49.20
CA ARG D 160 -8.49 -10.20 48.90
C ARG D 160 -8.01 -9.79 47.52
N LEU D 161 -8.85 -9.02 46.83
CA LEU D 161 -8.53 -8.46 45.53
C LEU D 161 -8.49 -6.96 45.68
N TRP D 162 -7.44 -6.33 45.17
CA TRP D 162 -7.40 -4.87 45.13
C TRP D 162 -8.28 -4.38 43.98
N ALA D 163 -8.29 -3.08 43.74
CA ALA D 163 -9.21 -2.49 42.76
C ALA D 163 -8.93 -2.97 41.34
N ASN D 164 -9.97 -3.08 40.51
CA ASN D 164 -9.80 -3.32 39.08
C ASN D 164 -9.06 -4.62 38.75
N VAL D 165 -9.39 -5.68 39.49
CA VAL D 165 -8.90 -7.02 39.19
C VAL D 165 -10.00 -7.74 38.41
N THR D 166 -9.59 -8.52 37.41
CA THR D 166 -10.56 -9.29 36.61
C THR D 166 -10.38 -10.81 36.80
N ILE D 167 -11.40 -11.44 37.37
CA ILE D 167 -11.45 -12.88 37.48
C ILE D 167 -12.49 -13.39 36.50
N TYR D 168 -12.09 -14.26 35.57
CA TYR D 168 -13.03 -14.85 34.62
C TYR D 168 -13.89 -15.92 35.31
N HIS D 169 -14.58 -16.71 34.49
CA HIS D 169 -15.57 -17.67 35.00
C HIS D 169 -14.92 -18.98 35.40
N GLU D 170 -15.55 -19.71 36.33
CA GLU D 170 -15.08 -21.04 36.76
C GLU D 170 -13.65 -21.03 37.30
N ILE D 171 -13.26 -19.93 37.92
CA ILE D 171 -11.94 -19.86 38.52
C ILE D 171 -12.07 -20.22 40.00
N GLN D 172 -11.11 -20.97 40.53
CA GLN D 172 -11.07 -21.24 41.97
C GLN D 172 -9.84 -20.59 42.58
N ILE D 173 -10.07 -19.82 43.64
CA ILE D 173 -8.97 -19.18 44.38
C ILE D 173 -9.08 -19.65 45.83
N GLY D 174 -7.99 -20.16 46.39
CA GLY D 174 -8.03 -20.66 47.76
C GLY D 174 -8.10 -19.58 48.84
N GLN D 175 -7.66 -19.90 50.05
CA GLN D 175 -7.80 -19.01 51.20
C GLN D 175 -6.60 -18.09 51.40
N ASN D 176 -6.86 -16.89 51.92
CA ASN D 176 -5.80 -15.95 52.27
C ASN D 176 -4.88 -15.58 51.10
N CYS D 177 -5.44 -15.54 49.90
CA CYS D 177 -4.71 -15.04 48.73
C CYS D 177 -4.80 -13.52 48.65
N LEU D 178 -3.88 -12.93 47.89
CA LEU D 178 -3.88 -11.49 47.69
C LEU D 178 -3.52 -11.20 46.25
N ILE D 179 -4.36 -10.44 45.58
CA ILE D 179 -4.12 -10.10 44.18
C ILE D 179 -4.17 -8.60 43.96
N GLN D 180 -3.10 -8.03 43.41
CA GLN D 180 -3.02 -6.58 43.20
C GLN D 180 -3.79 -6.17 41.95
N SER D 181 -3.97 -4.87 41.77
CA SER D 181 -4.80 -4.31 40.69
C SER D 181 -4.31 -4.63 39.29
N GLY D 182 -5.24 -4.66 38.35
CA GLY D 182 -4.89 -4.80 36.94
C GLY D 182 -4.58 -6.22 36.55
N THR D 183 -4.58 -7.13 37.52
CA THR D 183 -4.31 -8.53 37.20
C THR D 183 -5.54 -9.21 36.58
N VAL D 184 -5.30 -10.16 35.67
CA VAL D 184 -6.37 -10.88 35.00
C VAL D 184 -6.16 -12.38 35.15
N VAL D 185 -7.10 -13.02 35.83
CA VAL D 185 -7.05 -14.46 36.07
C VAL D 185 -8.11 -15.18 35.24
N GLY D 186 -7.68 -16.05 34.33
CA GLY D 186 -8.61 -16.94 33.64
C GLY D 186 -9.05 -16.50 32.26
N ALA D 187 -8.30 -15.60 31.62
CA ALA D 187 -8.57 -15.26 30.22
C ALA D 187 -8.29 -16.47 29.33
N ASP D 188 -8.87 -16.50 28.14
CA ASP D 188 -8.59 -17.59 27.20
C ASP D 188 -7.10 -17.75 26.97
N GLY D 189 -6.61 -18.99 27.10
CA GLY D 189 -5.25 -19.30 26.68
C GLY D 189 -5.13 -19.07 25.18
N PHE D 190 -3.91 -19.16 24.66
CA PHE D 190 -3.63 -18.74 23.29
C PHE D 190 -3.76 -19.96 22.37
N GLY D 191 -5.00 -20.38 22.15
CA GLY D 191 -5.28 -21.65 21.50
C GLY D 191 -5.94 -21.43 20.15
N TYR D 192 -5.22 -21.78 19.09
CA TYR D 192 -5.69 -21.63 17.72
C TYR D 192 -5.16 -22.77 16.88
N ALA D 193 -6.00 -23.26 15.97
CA ALA D 193 -5.55 -24.22 14.96
C ALA D 193 -5.43 -23.52 13.62
N ASN D 194 -4.50 -23.99 12.80
CA ASN D 194 -4.36 -23.48 11.44
C ASN D 194 -5.34 -24.15 10.45
N ASP D 195 -6.09 -23.34 9.72
CA ASP D 195 -7.01 -23.83 8.70
C ASP D 195 -6.79 -23.06 7.39
N ARG D 196 -5.92 -23.60 6.54
CA ARG D 196 -5.62 -23.01 5.23
C ARG D 196 -5.03 -21.62 5.40
N GLY D 197 -4.30 -21.41 6.48
CA GLY D 197 -3.69 -20.12 6.76
C GLY D 197 -4.48 -19.27 7.74
N ASN D 198 -5.79 -19.50 7.82
CA ASN D 198 -6.63 -18.81 8.81
C ASN D 198 -6.50 -19.41 10.21
N TRP D 199 -6.41 -18.57 11.22
CA TRP D 199 -6.41 -19.08 12.59
C TRP D 199 -7.84 -19.35 13.06
N VAL D 200 -8.06 -20.57 13.53
CA VAL D 200 -9.36 -20.98 14.03
C VAL D 200 -9.28 -21.13 15.54
N LYS D 201 -10.14 -20.40 16.25
CA LYS D 201 -10.07 -20.37 17.71
C LYS D 201 -10.40 -21.71 18.34
N ILE D 202 -9.56 -22.12 19.29
CA ILE D 202 -9.88 -23.24 20.17
C ILE D 202 -10.40 -22.66 21.47
N PRO D 203 -11.70 -22.88 21.76
CA PRO D 203 -12.26 -22.44 23.05
C PRO D 203 -11.46 -23.04 24.18
N GLN D 204 -11.26 -22.25 25.23
CA GLN D 204 -10.45 -22.67 26.35
C GLN D 204 -11.39 -22.94 27.50
N ILE D 205 -11.70 -24.20 27.73
CA ILE D 205 -12.74 -24.56 28.69
C ILE D 205 -12.23 -25.23 29.95
N GLY D 206 -10.91 -25.35 30.05
CA GLY D 206 -10.29 -25.62 31.33
C GLY D 206 -10.43 -24.39 32.23
N ARG D 207 -9.77 -24.43 33.38
CA ARG D 207 -9.94 -23.39 34.38
C ARG D 207 -8.59 -22.90 34.90
N VAL D 208 -8.63 -22.11 35.96
CA VAL D 208 -7.45 -21.82 36.75
C VAL D 208 -7.76 -22.24 38.19
N ILE D 209 -6.86 -23.01 38.78
CA ILE D 209 -6.98 -23.39 40.18
C ILE D 209 -5.81 -22.76 40.92
N ILE D 210 -6.11 -21.83 41.81
CA ILE D 210 -5.07 -21.15 42.60
C ILE D 210 -5.17 -21.63 44.04
N GLY D 211 -4.07 -22.11 44.61
CA GLY D 211 -4.11 -22.69 45.96
C GLY D 211 -4.26 -21.68 47.09
N ASP D 212 -3.82 -22.04 48.31
CA ASP D 212 -3.92 -21.14 49.45
C ASP D 212 -2.68 -20.26 49.62
N ARG D 213 -2.86 -19.07 50.21
CA ARG D 213 -1.77 -18.12 50.46
C ARG D 213 -0.98 -17.68 49.22
N VAL D 214 -1.64 -17.62 48.07
CA VAL D 214 -0.98 -17.17 46.85
C VAL D 214 -1.02 -15.65 46.77
N GLU D 215 0.10 -15.04 46.43
CA GLU D 215 0.14 -13.61 46.20
C GLU D 215 0.56 -13.30 44.77
N ILE D 216 -0.31 -12.57 44.07
CA ILE D 216 -0.09 -12.22 42.69
C ILE D 216 0.02 -10.70 42.55
N GLY D 217 0.99 -10.23 41.79
CA GLY D 217 1.22 -8.78 41.64
C GLY D 217 0.26 -8.15 40.64
N ALA D 218 0.64 -6.98 40.15
CA ALA D 218 -0.25 -6.14 39.34
C ALA D 218 0.02 -6.36 37.85
N CYS D 219 -1.04 -6.28 37.05
CA CYS D 219 -0.95 -6.46 35.60
C CYS D 219 -0.31 -7.78 35.24
N THR D 220 -0.60 -8.80 36.04
CA THR D 220 -0.18 -10.15 35.71
C THR D 220 -1.35 -10.87 35.03
N THR D 221 -1.05 -11.72 34.06
CA THR D 221 -2.10 -12.48 33.37
C THR D 221 -1.85 -13.97 33.50
N ILE D 222 -2.85 -14.67 33.99
CA ILE D 222 -2.79 -16.11 34.17
C ILE D 222 -3.93 -16.71 33.37
N ASP D 223 -3.62 -17.41 32.28
CA ASP D 223 -4.66 -17.90 31.38
C ASP D 223 -5.32 -19.21 31.86
N ARG D 224 -6.62 -19.36 31.61
CA ARG D 224 -7.30 -20.63 31.87
C ARG D 224 -6.77 -21.75 30.97
N GLY D 225 -7.01 -22.99 31.38
CA GLY D 225 -6.50 -24.13 30.63
C GLY D 225 -7.37 -24.39 29.42
N ALA D 226 -6.83 -25.13 28.46
CA ALA D 226 -7.61 -25.46 27.27
C ALA D 226 -8.67 -26.54 27.55
N LEU D 227 -8.25 -27.62 28.21
CA LEU D 227 -9.19 -28.68 28.60
C LEU D 227 -9.03 -28.98 30.08
N ASP D 228 -7.83 -29.39 30.47
CA ASP D 228 -7.48 -29.46 31.88
C ASP D 228 -7.04 -28.06 32.38
N ASP D 229 -6.56 -27.98 33.62
CA ASP D 229 -6.43 -26.70 34.31
C ASP D 229 -5.04 -26.07 34.38
N THR D 230 -5.03 -24.75 34.41
CA THR D 230 -3.85 -24.02 34.86
C THR D 230 -3.85 -24.10 36.37
N ILE D 231 -2.72 -24.45 36.97
CA ILE D 231 -2.68 -24.69 38.42
C ILE D 231 -1.52 -23.95 39.10
N ILE D 232 -1.87 -23.14 40.10
CA ILE D 232 -0.88 -22.40 40.89
C ILE D 232 -0.93 -22.98 42.30
N GLY D 233 0.17 -23.59 42.73
CA GLY D 233 0.18 -24.29 44.00
C GLY D 233 0.13 -23.37 45.22
N ASN D 234 0.00 -23.95 46.40
CA ASN D 234 -0.03 -23.17 47.63
C ASN D 234 1.23 -22.35 47.88
N GLY D 235 1.04 -21.15 48.41
CA GLY D 235 2.16 -20.34 48.88
C GLY D 235 2.99 -19.73 47.76
N VAL D 236 2.52 -19.83 46.52
CA VAL D 236 3.26 -19.26 45.39
C VAL D 236 3.20 -17.73 45.41
N ILE D 237 4.30 -17.08 45.02
CA ILE D 237 4.29 -15.63 44.91
C ILE D 237 4.68 -15.24 43.48
N ILE D 238 3.86 -14.38 42.89
CA ILE D 238 4.06 -13.94 41.51
C ILE D 238 4.09 -12.42 41.45
N ASP D 239 5.12 -11.87 40.84
CA ASP D 239 5.31 -10.42 40.81
C ASP D 239 4.51 -9.82 39.64
N ASN D 240 4.75 -8.55 39.34
CA ASN D 240 4.04 -7.81 38.28
C ASN D 240 4.37 -8.22 36.85
N GLN D 241 3.45 -7.94 35.95
CA GLN D 241 3.69 -8.11 34.49
C GLN D 241 4.08 -9.53 34.09
N CYS D 242 3.68 -10.56 34.83
CA CYS D 242 4.01 -11.92 34.42
C CYS D 242 2.93 -12.50 33.52
N GLN D 243 3.35 -13.41 32.66
CA GLN D 243 2.41 -14.10 31.77
C GLN D 243 2.51 -15.59 32.05
N ILE D 244 1.42 -16.15 32.54
CA ILE D 244 1.36 -17.58 32.82
C ILE D 244 0.37 -18.21 31.82
N ALA D 245 0.89 -18.99 30.89
CA ALA D 245 0.11 -19.48 29.76
C ALA D 245 -0.78 -20.62 30.18
N HIS D 246 -1.65 -21.03 29.26
CA HIS D 246 -2.59 -22.10 29.56
C HIS D 246 -1.86 -23.36 29.97
N ASN D 247 -2.45 -24.03 30.95
CA ASN D 247 -1.99 -25.32 31.41
C ASN D 247 -0.60 -25.32 32.02
N VAL D 248 -0.13 -24.14 32.44
CA VAL D 248 1.08 -24.09 33.26
C VAL D 248 0.74 -24.64 34.65
N VAL D 249 1.64 -25.44 35.22
CA VAL D 249 1.49 -25.95 36.57
C VAL D 249 2.67 -25.46 37.40
N ILE D 250 2.37 -24.76 38.49
CA ILE D 250 3.44 -24.22 39.33
C ILE D 250 3.35 -24.81 40.72
N GLY D 251 4.41 -25.51 41.14
CA GLY D 251 4.42 -26.17 42.44
C GLY D 251 4.50 -25.23 43.63
N ASP D 252 4.27 -25.80 44.82
CA ASP D 252 4.11 -25.02 46.04
C ASP D 252 5.34 -24.19 46.38
N ASN D 253 5.09 -23.01 46.92
CA ASN D 253 6.14 -22.11 47.45
C ASN D 253 7.14 -21.58 46.43
N THR D 254 6.85 -21.80 45.15
CA THR D 254 7.66 -21.21 44.09
C THR D 254 7.48 -19.68 43.98
N ALA D 255 8.58 -18.97 43.67
CA ALA D 255 8.58 -17.51 43.51
C ALA D 255 8.85 -17.14 42.06
N VAL D 256 8.01 -16.28 41.50
CA VAL D 256 8.22 -15.82 40.14
C VAL D 256 8.38 -14.30 40.14
N ALA D 257 9.56 -13.82 39.77
CA ALA D 257 9.79 -12.37 39.80
C ALA D 257 9.15 -11.69 38.59
N GLY D 258 9.27 -10.38 38.48
CA GLY D 258 8.47 -9.65 37.51
C GLY D 258 8.79 -9.87 36.03
N GLY D 259 7.75 -9.80 35.21
CA GLY D 259 7.91 -9.83 33.75
C GLY D 259 8.31 -11.19 33.17
N VAL D 260 8.09 -12.25 33.93
CA VAL D 260 8.39 -13.60 33.43
C VAL D 260 7.32 -14.07 32.43
N ILE D 261 7.79 -14.62 31.32
CA ILE D 261 6.93 -15.15 30.24
C ILE D 261 7.02 -16.69 30.25
N MET D 262 5.93 -17.35 30.63
CA MET D 262 5.90 -18.82 30.59
C MET D 262 5.02 -19.31 29.45
N ALA D 263 5.54 -20.23 28.64
CA ALA D 263 4.78 -20.77 27.52
C ALA D 263 3.90 -21.94 28.01
N GLY D 264 2.98 -22.39 27.16
CA GLY D 264 1.98 -23.36 27.57
C GLY D 264 2.50 -24.71 28.05
N SER D 265 1.79 -25.31 28.99
CA SER D 265 2.08 -26.65 29.49
C SER D 265 3.46 -26.77 30.12
N LEU D 266 3.97 -25.67 30.63
CA LEU D 266 5.17 -25.72 31.45
C LEU D 266 4.79 -26.25 32.84
N LYS D 267 5.57 -27.19 33.35
CA LYS D 267 5.45 -27.60 34.75
C LYS D 267 6.67 -27.15 35.57
N ILE D 268 6.41 -26.35 36.60
CA ILE D 268 7.49 -25.89 37.49
C ILE D 268 7.33 -26.57 38.85
N GLY D 269 8.44 -27.09 39.38
CA GLY D 269 8.38 -27.81 40.65
C GLY D 269 8.18 -26.87 41.84
N ARG D 270 8.28 -27.41 43.04
CA ARG D 270 8.13 -26.57 44.23
C ARG D 270 9.45 -25.95 44.67
N TYR D 271 9.36 -24.89 45.47
CA TYR D 271 10.55 -24.19 45.95
C TYR D 271 11.47 -23.67 44.85
N CYS D 272 10.94 -23.41 43.66
CA CYS D 272 11.76 -22.76 42.63
C CYS D 272 11.75 -21.24 42.80
N MET D 273 12.69 -20.58 42.15
CA MET D 273 12.75 -19.13 42.12
C MET D 273 13.11 -18.72 40.72
N ILE D 274 12.19 -18.04 40.05
CA ILE D 274 12.35 -17.67 38.63
C ILE D 274 12.63 -16.17 38.55
N GLY D 275 13.83 -15.83 38.09
CA GLY D 275 14.27 -14.44 38.06
C GLY D 275 13.53 -13.57 37.07
N GLY D 276 13.56 -12.26 37.31
CA GLY D 276 12.83 -11.30 36.50
C GLY D 276 13.14 -11.42 35.02
N ALA D 277 12.10 -11.24 34.21
CA ALA D 277 12.23 -11.23 32.75
C ALA D 277 12.76 -12.52 32.11
N SER D 278 12.69 -13.63 32.83
CA SER D 278 13.02 -14.92 32.23
C SER D 278 11.93 -15.32 31.24
N VAL D 279 12.32 -16.12 30.25
CA VAL D 279 11.41 -16.58 29.21
C VAL D 279 11.49 -18.08 29.18
N ILE D 280 10.37 -18.75 29.46
CA ILE D 280 10.45 -20.20 29.67
C ILE D 280 9.69 -20.98 28.62
N ASN D 281 10.39 -21.90 27.97
CA ASN D 281 9.76 -22.71 26.93
C ASN D 281 8.67 -23.61 27.53
N GLY D 282 7.72 -24.03 26.69
CA GLY D 282 6.59 -24.81 27.16
C GLY D 282 6.77 -26.31 26.93
N HIS D 283 5.75 -27.08 27.28
CA HIS D 283 5.74 -28.54 27.14
C HIS D 283 6.97 -29.22 27.72
N MET D 284 7.33 -28.81 28.93
CA MET D 284 8.49 -29.37 29.58
C MET D 284 8.39 -29.16 31.08
N GLU D 285 9.39 -29.67 31.80
CA GLU D 285 9.36 -29.65 33.24
C GLU D 285 10.61 -29.03 33.81
N ILE D 286 10.44 -28.29 34.89
CA ILE D 286 11.55 -27.78 35.67
C ILE D 286 11.37 -28.45 37.01
N CYS D 287 12.40 -29.13 37.49
CA CYS D 287 12.25 -29.91 38.74
C CYS D 287 12.21 -29.02 39.97
N ASP D 288 12.09 -29.64 41.15
CA ASP D 288 12.07 -28.89 42.41
C ASP D 288 13.36 -28.14 42.67
N LYS D 289 13.26 -27.04 43.42
CA LYS D 289 14.43 -26.29 43.93
C LYS D 289 15.42 -25.80 42.88
N VAL D 290 14.88 -25.23 41.80
CA VAL D 290 15.70 -24.65 40.74
C VAL D 290 15.67 -23.14 40.88
N THR D 291 16.83 -22.51 40.67
CA THR D 291 16.89 -21.07 40.59
C THR D 291 17.30 -20.66 39.18
N VAL D 292 16.47 -19.84 38.55
CA VAL D 292 16.85 -19.24 37.29
C VAL D 292 17.10 -17.77 37.55
N THR D 293 18.30 -17.30 37.20
CA THR D 293 18.63 -15.89 37.41
C THR D 293 18.00 -15.02 36.33
N GLY D 294 18.02 -13.70 36.55
CA GLY D 294 17.33 -12.75 35.71
C GLY D 294 17.58 -12.88 34.21
N MET D 295 16.52 -12.67 33.44
CA MET D 295 16.61 -12.71 31.97
C MET D 295 17.05 -14.08 31.48
N GLY D 296 16.78 -15.13 32.26
CA GLY D 296 17.08 -16.48 31.82
C GLY D 296 16.35 -16.91 30.55
N MET D 297 17.09 -17.48 29.61
CA MET D 297 16.45 -18.03 28.41
C MET D 297 16.33 -19.53 28.60
N VAL D 298 15.19 -19.96 29.12
CA VAL D 298 14.98 -21.35 29.52
C VAL D 298 14.40 -22.15 28.34
N MET D 299 15.29 -22.68 27.54
CA MET D 299 14.90 -23.42 26.34
C MET D 299 14.63 -24.88 26.72
N ARG D 300 15.45 -25.42 27.62
CA ARG D 300 15.46 -26.86 27.89
C ARG D 300 14.91 -27.24 29.26
N PRO D 301 14.46 -28.50 29.39
CA PRO D 301 14.02 -29.02 30.69
C PRO D 301 15.15 -28.96 31.72
N ILE D 302 14.81 -28.72 32.99
CA ILE D 302 15.78 -28.73 34.05
C ILE D 302 15.48 -29.87 35.03
N THR D 303 16.43 -30.80 35.17
CA THR D 303 16.24 -32.02 35.95
C THR D 303 17.07 -32.11 37.23
N GLU D 304 18.06 -31.22 37.37
CA GLU D 304 18.87 -31.17 38.58
C GLU D 304 18.67 -29.84 39.28
N PRO D 305 18.47 -29.87 40.61
CA PRO D 305 18.33 -28.63 41.38
C PRO D 305 19.58 -27.78 41.27
N GLY D 306 19.49 -26.49 41.58
CA GLY D 306 20.65 -25.63 41.43
C GLY D 306 20.34 -24.30 40.76
N VAL D 307 21.40 -23.52 40.52
CA VAL D 307 21.26 -22.18 39.99
C VAL D 307 21.66 -22.18 38.51
N TYR D 308 20.77 -21.66 37.67
CA TYR D 308 21.01 -21.63 36.22
C TYR D 308 20.89 -20.21 35.71
N SER D 309 21.73 -19.86 34.73
CA SER D 309 21.84 -18.49 34.25
C SER D 309 22.13 -18.44 32.76
N SER D 310 21.76 -17.32 32.12
CA SER D 310 22.18 -17.04 30.75
C SER D 310 22.35 -15.54 30.54
N GLY D 311 22.85 -15.16 29.37
CA GLY D 311 22.93 -13.75 29.02
C GLY D 311 24.32 -13.18 29.05
N ILE D 312 24.60 -12.27 28.11
CA ILE D 312 25.83 -11.50 28.11
C ILE D 312 25.52 -10.06 28.53
N PRO D 313 26.16 -9.58 29.61
CA PRO D 313 25.82 -8.25 30.15
C PRO D 313 26.32 -7.08 29.28
N LEU D 314 25.90 -5.87 29.67
CA LEU D 314 26.22 -4.64 28.95
C LEU D 314 27.69 -4.41 28.69
N GLN D 315 28.00 -3.83 27.53
CA GLN D 315 29.31 -3.24 27.26
C GLN D 315 29.10 -1.87 26.63
N PRO D 316 30.14 -1.02 26.66
CA PRO D 316 30.05 0.23 25.90
C PRO D 316 29.66 -0.07 24.46
N ASN D 317 28.86 0.79 23.84
CA ASN D 317 28.31 0.45 22.53
C ASN D 317 29.35 0.09 21.48
N LYS D 318 30.51 0.76 21.52
CA LYS D 318 31.55 0.50 20.54
C LYS D 318 32.24 -0.84 20.76
N VAL D 319 32.41 -1.23 22.02
CA VAL D 319 32.93 -2.54 22.34
C VAL D 319 31.90 -3.63 21.98
N TRP D 320 30.63 -3.35 22.26
CA TRP D 320 29.56 -4.32 22.00
C TRP D 320 29.43 -4.66 20.52
N ARG D 321 29.61 -3.65 19.67
CA ARG D 321 29.53 -3.85 18.23
C ARG D 321 30.54 -4.88 17.78
N LYS D 322 31.73 -4.81 18.36
CA LYS D 322 32.80 -5.73 18.01
C LYS D 322 32.47 -7.12 18.56
N THR D 323 31.98 -7.14 19.80
CA THR D 323 31.59 -8.38 20.47
C THR D 323 30.51 -9.09 19.64
N ALA D 324 29.54 -8.33 19.16
CA ALA D 324 28.45 -8.91 18.39
C ALA D 324 28.95 -9.46 17.05
N ALA D 325 29.80 -8.69 16.38
CA ALA D 325 30.36 -9.10 15.08
C ALA D 325 31.15 -10.41 15.21
N LEU D 326 32.02 -10.48 16.21
CA LEU D 326 32.83 -11.67 16.43
C LEU D 326 31.98 -12.90 16.81
N VAL D 327 30.99 -12.72 17.66
CA VAL D 327 30.15 -13.85 18.07
C VAL D 327 29.35 -14.40 16.92
N MET D 328 28.79 -13.52 16.10
CA MET D 328 27.98 -13.95 14.96
C MET D 328 28.82 -14.68 13.93
N ASN D 329 30.13 -14.41 13.94
CA ASN D 329 31.10 -15.11 13.08
C ASN D 329 31.91 -16.14 13.86
N ILE D 330 31.35 -16.69 14.94
CA ILE D 330 32.12 -17.60 15.79
C ILE D 330 32.45 -18.91 15.06
N ASP D 331 31.60 -19.30 14.10
CA ASP D 331 31.83 -20.50 13.30
C ASP D 331 33.11 -20.39 12.47
N ASP D 332 33.28 -19.25 11.79
CA ASP D 332 34.50 -18.98 11.04
C ASP D 332 35.73 -19.05 11.94
N MET D 333 35.59 -18.48 13.14
CA MET D 333 36.67 -18.43 14.10
C MET D 333 37.01 -19.84 14.57
N SER D 334 35.99 -20.68 14.74
CA SER D 334 36.18 -22.06 15.15
C SER D 334 36.94 -22.89 14.09
N LYS D 335 36.63 -22.63 12.82
CA LYS D 335 37.27 -23.34 11.72
C LYS D 335 38.75 -22.99 11.60
N ARG D 336 39.08 -21.74 11.88
CA ARG D 336 40.45 -21.25 11.78
C ARG D 336 41.34 -21.80 12.89
N LEU D 337 40.76 -22.03 14.06
CA LEU D 337 41.47 -22.65 15.16
C LEU D 337 41.71 -24.13 14.86
N LYS D 338 40.72 -24.78 14.27
CA LYS D 338 40.83 -26.17 13.84
C LYS D 338 41.90 -26.33 12.76
N SER D 339 41.94 -25.35 11.85
CA SER D 339 42.86 -25.37 10.71
C SER D 339 44.29 -25.05 11.15
N LEU D 340 44.42 -24.42 12.33
CA LEU D 340 45.73 -24.09 12.88
C LEU D 340 46.20 -25.17 13.84
N GLU D 341 45.29 -26.03 14.26
CA GLU D 341 45.65 -27.21 15.06
C GLU D 341 46.14 -28.32 14.14
N ARG D 342 45.73 -28.23 12.88
CA ARG D 342 46.17 -29.20 11.86
C ARG D 342 47.59 -28.90 11.38
N LYS D 343 47.90 -27.62 11.21
CA LYS D 343 49.24 -27.18 10.85
C LYS D 343 50.27 -27.59 11.88
N VAL D 344 49.86 -27.60 13.15
CA VAL D 344 50.76 -27.86 14.27
C VAL D 344 50.60 -29.27 14.83
N HIS E 7 -25.35 -21.72 22.53
CA HIS E 7 -24.99 -22.85 23.38
C HIS E 7 -25.44 -24.18 22.78
N HIS E 8 -24.95 -25.28 23.35
CA HIS E 8 -25.22 -26.64 22.90
C HIS E 8 -24.74 -27.58 24.00
N ALA E 9 -25.56 -27.80 25.02
CA ALA E 9 -25.16 -28.61 26.17
C ALA E 9 -24.77 -30.04 25.79
N SER E 10 -25.58 -30.68 24.93
CA SER E 10 -25.26 -32.02 24.46
C SER E 10 -25.64 -32.23 22.99
N ILE E 11 -25.14 -33.32 22.41
CA ILE E 11 -25.36 -33.57 20.98
C ILE E 11 -25.20 -35.06 20.63
N ARG E 12 -26.03 -35.54 19.71
CA ARG E 12 -25.92 -36.90 19.22
C ARG E 12 -24.64 -37.05 18.40
N LEU E 13 -23.97 -38.18 18.54
CA LEU E 13 -22.66 -38.38 17.90
C LEU E 13 -22.71 -38.26 16.39
N ALA E 14 -23.67 -38.92 15.75
CA ALA E 14 -23.76 -38.86 14.29
C ALA E 14 -24.04 -37.45 13.77
N ASP E 15 -24.82 -36.68 14.51
CA ASP E 15 -25.09 -35.28 14.15
C ASP E 15 -23.81 -34.46 14.25
N LEU E 16 -23.04 -34.69 15.31
CA LEU E 16 -21.74 -34.06 15.51
C LEU E 16 -20.80 -34.41 14.36
N ALA E 17 -20.75 -35.70 14.01
CA ALA E 17 -19.89 -36.18 12.93
C ALA E 17 -20.21 -35.46 11.63
N GLN E 18 -21.48 -35.16 11.43
CA GLN E 18 -21.90 -34.54 10.19
C GLN E 18 -21.52 -33.05 10.20
N GLN E 19 -21.67 -32.38 11.34
CA GLN E 19 -21.24 -30.98 11.41
C GLN E 19 -19.73 -30.87 11.20
N LEU E 20 -19.00 -31.92 11.51
CA LEU E 20 -17.55 -31.88 11.41
C LEU E 20 -17.01 -32.45 10.11
N ASP E 21 -17.90 -32.88 9.23
CA ASP E 21 -17.51 -33.58 8.00
C ASP E 21 -16.63 -34.80 8.31
N ALA E 22 -16.94 -35.50 9.39
CA ALA E 22 -16.15 -36.66 9.77
C ALA E 22 -16.89 -37.95 9.44
N GLU E 23 -16.12 -39.03 9.23
CA GLU E 23 -16.71 -40.36 9.08
C GLU E 23 -16.86 -41.02 10.44
N LEU E 24 -18.10 -41.38 10.78
CA LEU E 24 -18.40 -41.99 12.07
C LEU E 24 -18.20 -43.51 12.06
N HIS E 25 -17.29 -43.99 12.90
CA HIS E 25 -17.11 -45.42 13.10
C HIS E 25 -17.61 -45.82 14.50
N GLY E 26 -18.85 -46.30 14.59
CA GLY E 26 -19.42 -46.71 15.86
C GLY E 26 -20.86 -46.23 16.06
N ASP E 27 -21.34 -46.34 17.30
CA ASP E 27 -22.74 -46.00 17.61
C ASP E 27 -23.08 -44.52 17.39
N GLY E 28 -23.91 -44.27 16.37
CA GLY E 28 -24.30 -42.92 16.00
C GLY E 28 -25.11 -42.20 17.03
N ASP E 29 -25.79 -42.96 17.88
CA ASP E 29 -26.71 -42.37 18.87
C ASP E 29 -26.07 -42.08 20.22
N ILE E 30 -24.78 -42.39 20.37
CA ILE E 30 -24.05 -42.00 21.60
C ILE E 30 -24.22 -40.49 21.84
N VAL E 31 -24.52 -40.12 23.09
CA VAL E 31 -24.74 -38.71 23.42
C VAL E 31 -23.48 -38.04 23.97
N ILE E 32 -23.02 -37.00 23.27
CA ILE E 32 -21.81 -36.26 23.67
C ILE E 32 -22.18 -35.00 24.43
N THR E 33 -21.67 -34.87 25.65
CA THR E 33 -21.99 -33.73 26.52
C THR E 33 -20.91 -32.64 26.53
N GLY E 34 -19.69 -33.01 26.12
CA GLY E 34 -18.58 -32.06 26.09
C GLY E 34 -17.30 -32.66 25.53
N VAL E 35 -16.28 -31.82 25.41
CA VAL E 35 -14.93 -32.21 24.99
C VAL E 35 -14.05 -32.35 26.22
N ALA E 36 -13.10 -33.29 26.20
CA ALA E 36 -12.19 -33.49 27.33
C ALA E 36 -10.83 -33.92 26.79
N SER E 37 -9.80 -33.80 27.61
CA SER E 37 -8.50 -34.36 27.25
C SER E 37 -8.60 -35.87 27.28
N MET E 38 -7.63 -36.53 26.65
CA MET E 38 -7.62 -37.99 26.62
C MET E 38 -7.53 -38.57 28.03
N GLN E 39 -6.70 -37.96 28.88
CA GLN E 39 -6.50 -38.48 30.23
C GLN E 39 -7.70 -38.24 31.16
N SER E 40 -8.44 -37.15 30.93
CA SER E 40 -9.57 -36.78 31.77
C SER E 40 -10.93 -37.29 31.28
N ALA E 41 -11.00 -37.73 30.03
CA ALA E 41 -12.29 -38.02 29.39
C ALA E 41 -13.09 -39.13 30.08
N GLN E 42 -14.39 -38.89 30.25
CA GLN E 42 -15.29 -39.89 30.82
C GLN E 42 -16.42 -40.10 29.84
N THR E 43 -17.35 -40.99 30.18
CA THR E 43 -18.49 -41.27 29.31
C THR E 43 -19.24 -39.98 28.98
N GLY E 44 -19.66 -39.83 27.72
CA GLY E 44 -20.30 -38.60 27.28
C GLY E 44 -19.33 -37.59 26.69
N HIS E 45 -18.03 -37.83 26.85
CA HIS E 45 -17.00 -36.94 26.33
C HIS E 45 -16.38 -37.43 25.03
N ILE E 46 -16.12 -36.48 24.14
CA ILE E 46 -15.34 -36.74 22.94
C ILE E 46 -13.93 -36.16 23.12
N THR E 47 -12.93 -36.91 22.68
CA THR E 47 -11.55 -36.41 22.78
C THR E 47 -10.91 -36.52 21.39
N PHE E 48 -9.61 -36.27 21.30
CA PHE E 48 -8.95 -36.32 19.99
C PHE E 48 -7.51 -36.76 20.18
N MET E 49 -6.85 -37.18 19.10
CA MET E 49 -5.42 -37.46 19.17
C MET E 49 -4.71 -37.15 17.87
N VAL E 50 -3.49 -36.64 17.99
CA VAL E 50 -2.70 -36.22 16.84
C VAL E 50 -1.42 -37.06 16.75
N ASN E 51 -0.67 -37.09 17.85
CA ASN E 51 0.57 -37.86 17.92
C ASN E 51 0.30 -39.35 18.02
N PRO E 52 0.80 -40.12 17.04
CA PRO E 52 0.67 -41.59 17.02
C PRO E 52 1.20 -42.27 18.29
N LYS E 53 2.08 -41.59 19.01
CA LYS E 53 2.61 -42.10 20.27
C LYS E 53 1.50 -42.36 21.31
N TYR E 54 0.34 -41.77 21.08
CA TYR E 54 -0.79 -41.91 22.01
C TYR E 54 -1.74 -43.04 21.64
N ARG E 55 -1.37 -43.82 20.63
CA ARG E 55 -2.20 -44.95 20.22
C ARG E 55 -2.32 -45.99 21.32
N GLU E 56 -1.22 -46.19 22.05
CA GLU E 56 -1.19 -47.17 23.12
C GLU E 56 -1.90 -46.67 24.38
N HIS E 57 -2.46 -45.47 24.30
CA HIS E 57 -3.21 -44.90 25.41
C HIS E 57 -4.71 -44.88 25.12
N LEU E 58 -5.09 -45.22 23.89
CA LEU E 58 -6.51 -45.36 23.58
C LEU E 58 -7.11 -46.51 24.38
N GLY E 59 -6.27 -47.48 24.74
CA GLY E 59 -6.72 -48.68 25.44
C GLY E 59 -7.15 -48.40 26.88
N LEU E 60 -6.78 -47.23 27.39
CA LEU E 60 -7.11 -46.88 28.77
C LEU E 60 -8.00 -45.65 28.84
N CYS E 61 -8.28 -45.06 27.68
CA CYS E 61 -9.12 -43.87 27.62
C CYS E 61 -10.60 -44.21 27.83
N GLN E 62 -11.32 -43.35 28.55
CA GLN E 62 -12.73 -43.63 28.89
C GLN E 62 -13.72 -42.77 28.09
N ALA E 63 -13.22 -42.07 27.08
CA ALA E 63 -14.05 -41.21 26.25
C ALA E 63 -15.09 -42.04 25.53
N SER E 64 -16.26 -41.45 25.31
CA SER E 64 -17.29 -42.09 24.48
C SER E 64 -16.89 -42.08 23.01
N ALA E 65 -16.03 -41.14 22.63
CA ALA E 65 -15.62 -41.02 21.22
C ALA E 65 -14.27 -40.33 21.04
N VAL E 66 -13.53 -40.72 20.01
CA VAL E 66 -12.21 -40.12 19.77
C VAL E 66 -12.07 -39.65 18.32
N VAL E 67 -11.74 -38.38 18.13
CA VAL E 67 -11.42 -37.87 16.80
C VAL E 67 -10.00 -38.30 16.42
N MET E 68 -9.85 -38.93 15.25
CA MET E 68 -8.53 -39.42 14.83
C MET E 68 -8.49 -39.55 13.30
N THR E 69 -7.38 -40.07 12.78
CA THR E 69 -7.23 -40.32 11.33
C THR E 69 -7.50 -41.77 10.98
N GLN E 70 -7.58 -42.06 9.68
CA GLN E 70 -7.85 -43.42 9.20
C GLN E 70 -6.75 -44.41 9.62
N ASP E 71 -5.49 -43.96 9.59
CA ASP E 71 -4.36 -44.79 10.00
C ASP E 71 -4.38 -45.11 11.49
N ASP E 72 -5.04 -44.25 12.28
CA ASP E 72 -5.18 -44.46 13.71
C ASP E 72 -6.29 -45.44 14.01
N LEU E 73 -7.27 -45.53 13.11
CA LEU E 73 -8.46 -46.35 13.28
C LEU E 73 -8.24 -47.80 13.82
N PRO E 74 -7.18 -48.50 13.38
CA PRO E 74 -7.04 -49.88 13.87
C PRO E 74 -6.67 -49.97 15.37
N PHE E 75 -6.42 -48.84 16.01
CA PHE E 75 -6.05 -48.83 17.42
C PHE E 75 -7.20 -48.33 18.29
N ALA E 76 -8.33 -48.02 17.65
CA ALA E 76 -9.47 -47.45 18.36
C ALA E 76 -10.17 -48.48 19.24
N LYS E 77 -10.60 -48.05 20.42
CA LYS E 77 -11.28 -48.93 21.37
C LYS E 77 -12.66 -48.36 21.73
N SER E 78 -13.15 -47.48 20.87
CA SER E 78 -14.44 -46.82 21.07
C SER E 78 -14.88 -46.27 19.74
N ALA E 79 -16.05 -45.66 19.71
CA ALA E 79 -16.51 -44.92 18.53
C ALA E 79 -15.40 -43.96 18.14
N ALA E 80 -15.19 -43.81 16.83
CA ALA E 80 -14.16 -42.89 16.33
C ALA E 80 -14.73 -41.99 15.24
N LEU E 81 -14.28 -40.74 15.22
CA LEU E 81 -14.52 -39.84 14.09
C LEU E 81 -13.24 -39.75 13.29
N VAL E 82 -13.29 -40.19 12.03
CA VAL E 82 -12.10 -40.12 11.18
C VAL E 82 -12.10 -38.82 10.37
N VAL E 83 -11.01 -38.07 10.47
CA VAL E 83 -10.85 -36.83 9.72
C VAL E 83 -9.45 -36.79 9.15
N LYS E 84 -9.21 -35.82 8.27
CA LYS E 84 -7.85 -35.55 7.81
C LYS E 84 -7.05 -34.80 8.87
N ASN E 85 -7.69 -33.82 9.53
CA ASN E 85 -7.00 -32.96 10.50
C ASN E 85 -7.69 -32.95 11.89
N PRO E 86 -7.23 -33.83 12.78
CA PRO E 86 -7.81 -33.99 14.12
C PRO E 86 -7.75 -32.69 14.91
N TYR E 87 -6.59 -32.02 14.92
CA TYR E 87 -6.43 -30.78 15.69
C TYR E 87 -7.43 -29.72 15.24
N LEU E 88 -7.60 -29.57 13.93
CA LEU E 88 -8.56 -28.61 13.38
C LEU E 88 -9.98 -29.00 13.78
N THR E 89 -10.28 -30.28 13.64
CA THR E 89 -11.60 -30.81 13.99
C THR E 89 -11.90 -30.57 15.47
N TYR E 90 -10.91 -30.82 16.31
CA TYR E 90 -10.97 -30.51 17.73
C TYR E 90 -11.39 -29.05 17.94
N ALA E 91 -10.76 -28.13 17.21
CA ALA E 91 -11.10 -26.72 17.33
C ALA E 91 -12.58 -26.54 17.03
N ARG E 92 -13.04 -27.15 15.94
CA ARG E 92 -14.43 -27.05 15.53
C ARG E 92 -15.42 -27.65 16.54
N MET E 93 -15.15 -28.86 17.01
CA MET E 93 -16.08 -29.50 17.96
C MET E 93 -16.09 -28.77 19.30
N ALA E 94 -14.92 -28.25 19.68
CA ALA E 94 -14.83 -27.45 20.89
C ALA E 94 -15.72 -26.20 20.75
N GLN E 95 -15.76 -25.61 19.57
CA GLN E 95 -16.67 -24.48 19.34
C GLN E 95 -18.15 -24.90 19.45
N ILE E 96 -18.54 -25.99 18.80
CA ILE E 96 -19.90 -26.50 18.92
C ILE E 96 -20.29 -26.78 20.38
N LEU E 97 -19.37 -27.39 21.13
CA LEU E 97 -19.67 -27.74 22.53
C LEU E 97 -19.14 -26.75 23.56
N ASP E 98 -18.91 -25.52 23.11
CA ASP E 98 -18.32 -24.48 23.96
C ASP E 98 -19.19 -24.15 25.19
N THR E 99 -18.60 -24.19 26.38
CA THR E 99 -19.28 -23.78 27.60
C THR E 99 -18.96 -22.35 28.05
N THR E 100 -18.12 -21.65 27.27
CA THR E 100 -17.76 -20.27 27.61
C THR E 100 -18.99 -19.36 27.66
N PRO E 101 -19.20 -18.65 28.78
CA PRO E 101 -20.30 -17.68 28.80
C PRO E 101 -20.02 -16.45 27.91
N GLN E 102 -21.01 -15.59 27.76
CA GLN E 102 -20.83 -14.32 27.05
C GLN E 102 -20.39 -13.28 28.06
N PRO E 103 -19.68 -12.24 27.60
CA PRO E 103 -19.19 -11.24 28.56
C PRO E 103 -20.33 -10.45 29.20
N ALA E 104 -21.48 -10.42 28.52
CA ALA E 104 -22.65 -9.67 28.98
C ALA E 104 -23.91 -10.18 28.24
N GLN E 105 -25.08 -10.05 28.86
CA GLN E 105 -26.35 -10.28 28.17
C GLN E 105 -27.31 -9.10 28.41
N ASN E 106 -27.98 -8.67 27.36
CA ASN E 106 -28.81 -7.45 27.39
C ASN E 106 -28.01 -6.20 27.76
N ILE E 107 -28.70 -5.09 27.96
CA ILE E 107 -28.05 -3.85 28.36
C ILE E 107 -28.29 -3.53 29.83
N ALA E 108 -27.21 -3.61 30.61
CA ALA E 108 -27.31 -3.42 32.06
C ALA E 108 -27.73 -1.99 32.43
N PRO E 109 -28.58 -1.87 33.46
CA PRO E 109 -29.05 -0.58 34.01
C PRO E 109 -27.90 0.31 34.44
N SER E 110 -26.86 -0.28 35.03
CA SER E 110 -25.72 0.47 35.57
C SER E 110 -24.75 0.94 34.49
N ALA E 111 -24.95 0.48 33.26
CA ALA E 111 -24.09 0.93 32.15
C ALA E 111 -24.36 2.39 31.84
N VAL E 112 -23.31 3.12 31.44
CA VAL E 112 -23.44 4.54 31.14
C VAL E 112 -23.23 4.81 29.66
N ILE E 113 -24.33 5.08 28.96
CA ILE E 113 -24.32 5.18 27.51
C ILE E 113 -24.74 6.58 27.04
N ASP E 114 -23.86 7.23 26.29
CA ASP E 114 -24.16 8.55 25.75
C ASP E 114 -25.34 8.47 24.78
N ALA E 115 -26.09 9.56 24.68
CA ALA E 115 -27.30 9.60 23.85
C ALA E 115 -26.99 9.50 22.37
N THR E 116 -25.82 10.00 21.97
CA THR E 116 -25.44 9.99 20.55
C THR E 116 -24.76 8.67 20.14
N ALA E 117 -24.65 7.74 21.07
CA ALA E 117 -24.14 6.42 20.75
C ALA E 117 -25.12 5.65 19.87
N LYS E 118 -24.65 5.07 18.78
CA LYS E 118 -25.50 4.23 17.93
C LYS E 118 -25.30 2.73 18.17
N LEU E 119 -26.37 2.06 18.57
CA LEU E 119 -26.36 0.62 18.85
C LEU E 119 -27.11 -0.16 17.76
N GLY E 120 -26.56 -1.30 17.37
CA GLY E 120 -27.25 -2.17 16.43
C GLY E 120 -28.20 -3.10 17.17
N ASN E 121 -28.62 -4.17 16.49
CA ASN E 121 -29.54 -5.13 17.06
C ASN E 121 -28.83 -6.15 17.91
N ASN E 122 -29.44 -6.52 19.03
CA ASN E 122 -28.90 -7.56 19.90
C ASN E 122 -27.48 -7.22 20.40
N VAL E 123 -27.27 -5.94 20.73
CA VAL E 123 -26.04 -5.52 21.36
C VAL E 123 -26.16 -5.75 22.85
N SER E 124 -25.13 -6.31 23.49
CA SER E 124 -25.12 -6.48 24.94
C SER E 124 -24.05 -5.62 25.59
N ILE E 125 -24.41 -4.95 26.68
CA ILE E 125 -23.48 -4.11 27.41
C ILE E 125 -23.52 -4.36 28.92
N GLY E 126 -22.37 -4.74 29.46
CA GLY E 126 -22.24 -5.18 30.84
C GLY E 126 -22.33 -4.10 31.90
N ALA E 127 -22.50 -4.55 33.14
CA ALA E 127 -22.60 -3.65 34.27
C ALA E 127 -21.45 -2.64 34.31
N ASN E 128 -21.78 -1.37 34.52
CA ASN E 128 -20.80 -0.30 34.74
C ASN E 128 -19.88 0.00 33.57
N ALA E 129 -20.23 -0.50 32.39
CA ALA E 129 -19.52 -0.12 31.17
C ALA E 129 -19.84 1.33 30.86
N VAL E 130 -18.92 1.99 30.15
CA VAL E 130 -19.07 3.40 29.81
C VAL E 130 -18.83 3.57 28.33
N ILE E 131 -19.87 4.02 27.63
CA ILE E 131 -19.83 4.23 26.19
C ILE E 131 -19.90 5.73 25.96
N GLU E 132 -18.92 6.28 25.22
CA GLU E 132 -18.83 7.72 25.00
C GLU E 132 -19.63 8.20 23.81
N SER E 133 -19.64 9.51 23.56
CA SER E 133 -20.39 10.06 22.43
C SER E 133 -19.86 9.56 21.07
N GLY E 134 -20.78 9.42 20.12
CA GLY E 134 -20.43 9.11 18.75
C GLY E 134 -20.03 7.66 18.50
N VAL E 135 -20.07 6.84 19.55
CA VAL E 135 -19.67 5.45 19.41
C VAL E 135 -20.68 4.67 18.57
N GLU E 136 -20.18 3.82 17.67
CA GLU E 136 -21.05 2.99 16.85
C GLU E 136 -20.79 1.50 17.14
N LEU E 137 -21.76 0.84 17.76
CA LEU E 137 -21.66 -0.60 18.02
C LEU E 137 -22.52 -1.41 17.05
N GLY E 138 -21.88 -2.25 16.24
CA GLY E 138 -22.60 -3.05 15.26
C GLY E 138 -23.48 -4.12 15.88
N ASP E 139 -24.22 -4.83 15.01
CA ASP E 139 -25.07 -5.95 15.42
C ASP E 139 -24.32 -7.00 16.19
N ASN E 140 -24.95 -7.49 17.26
CA ASN E 140 -24.45 -8.60 18.07
C ASN E 140 -23.14 -8.32 18.81
N VAL E 141 -22.74 -7.06 18.88
CA VAL E 141 -21.57 -6.66 19.67
C VAL E 141 -21.83 -6.87 21.16
N ILE E 142 -20.85 -7.45 21.85
CA ILE E 142 -20.94 -7.61 23.29
C ILE E 142 -19.82 -6.84 23.96
N ILE E 143 -20.19 -5.87 24.78
CA ILE E 143 -19.24 -5.13 25.59
C ILE E 143 -19.31 -5.64 27.04
N GLY E 144 -18.20 -6.15 27.56
CA GLY E 144 -18.15 -6.69 28.92
C GLY E 144 -18.26 -5.63 30.00
N ALA E 145 -18.48 -6.08 31.23
CA ALA E 145 -18.55 -5.17 32.38
C ALA E 145 -17.31 -4.27 32.52
N GLY E 146 -17.53 -3.01 32.90
CA GLY E 146 -16.43 -2.11 33.24
C GLY E 146 -15.60 -1.63 32.06
N CYS E 147 -16.01 -1.96 30.83
CA CYS E 147 -15.27 -1.47 29.66
C CYS E 147 -15.46 0.03 29.47
N PHE E 148 -14.48 0.64 28.84
CA PHE E 148 -14.60 2.02 28.38
C PHE E 148 -14.44 2.01 26.88
N VAL E 149 -15.37 2.64 26.19
CA VAL E 149 -15.27 2.81 24.75
C VAL E 149 -15.34 4.30 24.41
N GLY E 150 -14.21 4.86 23.99
CA GLY E 150 -14.07 6.31 23.89
C GLY E 150 -14.74 6.93 22.68
N LYS E 151 -14.69 8.26 22.61
CA LYS E 151 -15.46 9.02 21.61
C LYS E 151 -15.26 8.60 20.15
N ASN E 152 -16.38 8.53 19.43
CA ASN E 152 -16.40 8.24 17.99
C ASN E 152 -15.79 6.90 17.59
N SER E 153 -15.62 6.01 18.54
CA SER E 153 -15.03 4.73 18.21
C SER E 153 -16.08 3.79 17.61
N LYS E 154 -15.64 2.91 16.71
CA LYS E 154 -16.53 2.03 15.97
C LYS E 154 -16.16 0.58 16.19
N ILE E 155 -17.11 -0.21 16.66
CA ILE E 155 -16.89 -1.64 16.84
C ILE E 155 -17.84 -2.45 15.95
N GLY E 156 -17.26 -3.25 15.05
CA GLY E 156 -18.03 -3.96 14.05
C GLY E 156 -18.87 -5.13 14.54
N ALA E 157 -19.81 -5.53 13.70
CA ALA E 157 -20.73 -6.63 14.01
C ALA E 157 -20.05 -7.90 14.53
N GLY E 158 -20.60 -8.47 15.60
CA GLY E 158 -20.12 -9.73 16.12
C GLY E 158 -18.92 -9.64 17.07
N SER E 159 -18.29 -8.47 17.14
CA SER E 159 -17.09 -8.31 17.98
C SER E 159 -17.43 -8.30 19.47
N ARG E 160 -16.53 -8.88 20.28
CA ARG E 160 -16.77 -8.94 21.71
C ARG E 160 -15.57 -8.47 22.52
N LEU E 161 -15.86 -7.75 23.59
CA LEU E 161 -14.85 -7.27 24.52
C LEU E 161 -15.19 -7.89 25.87
N TRP E 162 -14.19 -8.46 26.52
CA TRP E 162 -14.41 -8.98 27.87
C TRP E 162 -14.34 -7.83 28.86
N ALA E 163 -14.51 -8.12 30.14
CA ALA E 163 -14.58 -7.06 31.17
C ALA E 163 -13.35 -6.20 31.17
N ASN E 164 -13.52 -4.93 31.52
CA ASN E 164 -12.40 -4.02 31.78
C ASN E 164 -11.39 -3.87 30.62
N VAL E 165 -11.90 -3.85 29.39
CA VAL E 165 -11.10 -3.47 28.23
C VAL E 165 -11.25 -1.96 28.07
N THR E 166 -10.18 -1.29 27.67
CA THR E 166 -10.24 0.15 27.41
C THR E 166 -9.97 0.43 25.94
N ILE E 167 -10.96 1.02 25.27
CA ILE E 167 -10.81 1.42 23.88
C ILE E 167 -10.83 2.94 23.88
N TYR E 168 -9.82 3.55 23.28
CA TYR E 168 -9.79 5.01 23.23
C TYR E 168 -10.69 5.56 22.11
N HIS E 169 -10.50 6.83 21.80
CA HIS E 169 -11.34 7.56 20.85
C HIS E 169 -10.90 7.32 19.41
N GLU E 170 -11.82 7.46 18.46
CA GLU E 170 -11.52 7.27 17.03
C GLU E 170 -10.92 5.91 16.67
N ILE E 171 -11.20 4.89 17.48
CA ILE E 171 -10.65 3.57 17.16
C ILE E 171 -11.65 2.83 16.27
N GLN E 172 -11.14 2.10 15.29
CA GLN E 172 -11.97 1.23 14.44
C GLN E 172 -11.67 -0.26 14.65
N ILE E 173 -12.70 -1.02 15.00
CA ILE E 173 -12.58 -2.46 15.13
C ILE E 173 -13.53 -3.17 14.17
N GLY E 174 -13.02 -4.08 13.36
CA GLY E 174 -13.83 -4.81 12.41
C GLY E 174 -14.79 -5.83 13.03
N GLN E 175 -15.22 -6.79 12.22
CA GLN E 175 -16.23 -7.78 12.62
C GLN E 175 -15.65 -9.01 13.30
N ASN E 176 -16.39 -9.54 14.26
CA ASN E 176 -16.02 -10.81 14.90
C ASN E 176 -14.64 -10.82 15.54
N CYS E 177 -14.23 -9.69 16.12
CA CYS E 177 -12.99 -9.68 16.88
C CYS E 177 -13.29 -10.07 18.32
N LEU E 178 -12.23 -10.35 19.08
CA LEU E 178 -12.36 -10.71 20.49
C LEU E 178 -11.16 -10.15 21.25
N ILE E 179 -11.45 -9.39 22.30
CA ILE E 179 -10.41 -8.78 23.07
C ILE E 179 -10.57 -9.16 24.54
N GLN E 180 -9.51 -9.71 25.13
CA GLN E 180 -9.56 -10.15 26.54
C GLN E 180 -9.33 -8.99 27.51
N SER E 181 -9.77 -9.16 28.75
CA SER E 181 -9.68 -8.12 29.78
C SER E 181 -8.32 -7.44 29.94
N GLY E 182 -8.33 -6.19 30.40
CA GLY E 182 -7.09 -5.49 30.77
C GLY E 182 -6.37 -4.90 29.57
N THR E 183 -6.85 -5.22 28.38
CA THR E 183 -6.21 -4.71 27.16
C THR E 183 -6.62 -3.26 26.87
N VAL E 184 -5.66 -2.49 26.35
CA VAL E 184 -5.82 -1.07 26.09
C VAL E 184 -5.49 -0.79 24.63
N VAL E 185 -6.48 -0.28 23.90
CA VAL E 185 -6.32 -0.02 22.48
C VAL E 185 -6.44 1.47 22.19
N GLY E 186 -5.37 2.05 21.65
CA GLY E 186 -5.45 3.42 21.19
C GLY E 186 -4.92 4.47 22.15
N ALA E 187 -4.15 4.05 23.15
CA ALA E 187 -3.51 5.03 24.03
C ALA E 187 -2.45 5.79 23.24
N ASP E 188 -2.05 6.96 23.74
CA ASP E 188 -1.07 7.80 23.03
C ASP E 188 0.20 7.03 22.75
N GLY E 189 0.66 7.07 21.50
CA GLY E 189 1.98 6.57 21.16
C GLY E 189 3.05 7.30 21.98
N PHE E 190 4.25 6.75 22.04
CA PHE E 190 5.31 7.32 22.86
C PHE E 190 6.04 8.44 22.12
N GLY E 191 5.35 9.55 21.85
CA GLY E 191 5.92 10.59 21.02
C GLY E 191 6.28 11.84 21.82
N TYR E 192 7.57 12.13 21.87
CA TYR E 192 8.08 13.32 22.56
C TYR E 192 9.21 13.89 21.74
N ALA E 193 9.32 15.22 21.75
CA ALA E 193 10.47 15.89 21.16
C ALA E 193 11.33 16.35 22.33
N ASN E 194 12.63 16.48 22.09
CA ASN E 194 13.52 16.95 23.15
C ASN E 194 13.83 18.44 22.97
N ASP E 195 13.63 19.22 24.02
CA ASP E 195 13.97 20.64 24.03
C ASP E 195 14.94 20.91 25.18
N ARG E 196 16.23 20.79 24.89
CA ARG E 196 17.27 20.98 25.89
C ARG E 196 17.07 20.05 27.08
N GLY E 197 16.83 18.77 26.80
CA GLY E 197 16.75 17.76 27.85
C GLY E 197 15.37 17.63 28.45
N ASN E 198 14.50 18.59 28.16
CA ASN E 198 13.08 18.49 28.53
C ASN E 198 12.27 17.83 27.42
N TRP E 199 11.39 16.91 27.80
CA TRP E 199 10.55 16.21 26.82
C TRP E 199 9.28 17.00 26.54
N VAL E 200 9.04 17.26 25.26
CA VAL E 200 7.86 18.00 24.85
C VAL E 200 6.90 17.05 24.11
N LYS E 201 5.68 16.92 24.63
CA LYS E 201 4.75 15.93 24.13
C LYS E 201 4.30 16.19 22.70
N ILE E 202 4.29 15.13 21.89
CA ILE E 202 3.69 15.20 20.56
C ILE E 202 2.36 14.52 20.62
N PRO E 203 1.26 15.29 20.54
CA PRO E 203 -0.08 14.73 20.50
C PRO E 203 -0.17 13.65 19.42
N GLN E 204 -0.87 12.57 19.73
CA GLN E 204 -0.92 11.43 18.81
C GLN E 204 -2.32 11.40 18.25
N ILE E 205 -2.48 11.90 17.02
CA ILE E 205 -3.84 12.13 16.50
C ILE E 205 -4.21 11.17 15.38
N GLY E 206 -3.32 10.23 15.08
CA GLY E 206 -3.69 9.08 14.26
C GLY E 206 -4.54 8.14 15.13
N ARG E 207 -4.83 6.98 14.58
CA ARG E 207 -5.79 6.08 15.21
C ARG E 207 -5.26 4.66 15.30
N VAL E 208 -6.13 3.73 15.67
CA VAL E 208 -5.85 2.32 15.48
C VAL E 208 -6.93 1.76 14.59
N ILE E 209 -6.52 1.00 13.59
CA ILE E 209 -7.48 0.31 12.74
C ILE E 209 -7.26 -1.18 12.92
N ILE E 210 -8.26 -1.87 13.47
CA ILE E 210 -8.16 -3.30 13.64
C ILE E 210 -9.10 -3.96 12.65
N GLY E 211 -8.59 -4.91 11.88
CA GLY E 211 -9.42 -5.56 10.87
C GLY E 211 -10.41 -6.56 11.45
N ASP E 212 -10.84 -7.50 10.60
CA ASP E 212 -11.85 -8.49 11.00
C ASP E 212 -11.19 -9.75 11.58
N ARG E 213 -11.90 -10.41 12.49
CA ARG E 213 -11.43 -11.70 13.08
C ARG E 213 -10.11 -11.58 13.83
N VAL E 214 -9.80 -10.40 14.33
CA VAL E 214 -8.58 -10.21 15.13
C VAL E 214 -8.86 -10.66 16.57
N GLU E 215 -7.94 -11.41 17.15
CA GLU E 215 -8.08 -11.83 18.55
C GLU E 215 -6.92 -11.30 19.33
N ILE E 216 -7.22 -10.54 20.37
CA ILE E 216 -6.17 -9.96 21.22
C ILE E 216 -6.30 -10.46 22.65
N GLY E 217 -5.18 -10.86 23.24
CA GLY E 217 -5.16 -11.36 24.60
C GLY E 217 -5.31 -10.25 25.64
N ALA E 218 -4.91 -10.56 26.87
CA ALA E 218 -5.13 -9.71 28.03
C ALA E 218 -3.92 -8.83 28.34
N CYS E 219 -4.17 -7.66 28.91
CA CYS E 219 -3.10 -6.69 29.27
C CYS E 219 -2.14 -6.43 28.13
N THR E 220 -2.69 -6.31 26.92
CA THR E 220 -1.88 -5.98 25.77
C THR E 220 -2.16 -4.52 25.47
N THR E 221 -1.17 -3.80 24.95
CA THR E 221 -1.31 -2.39 24.67
C THR E 221 -1.01 -2.07 23.19
N ILE E 222 -1.98 -1.48 22.52
CA ILE E 222 -1.84 -1.10 21.12
C ILE E 222 -2.01 0.41 21.02
N ASP E 223 -0.90 1.12 20.79
CA ASP E 223 -0.91 2.59 20.76
C ASP E 223 -1.48 3.11 19.45
N ARG E 224 -2.17 4.26 19.50
CA ARG E 224 -2.65 4.93 18.29
C ARG E 224 -1.49 5.55 17.54
N GLY E 225 -1.66 5.78 16.25
CA GLY E 225 -0.61 6.40 15.44
C GLY E 225 -0.40 7.89 15.74
N ALA E 226 0.74 8.42 15.34
CA ALA E 226 1.07 9.83 15.57
C ALA E 226 0.28 10.75 14.64
N LEU E 227 0.19 10.37 13.36
CA LEU E 227 -0.53 11.14 12.34
C LEU E 227 -1.33 10.18 11.46
N ASP E 228 -0.63 9.25 10.82
CA ASP E 228 -1.31 8.11 10.20
C ASP E 228 -1.57 7.03 11.25
N ASP E 229 -2.04 5.86 10.82
CA ASP E 229 -2.63 4.91 11.74
C ASP E 229 -1.74 3.74 12.13
N THR E 230 -1.94 3.23 13.35
CA THR E 230 -1.48 1.89 13.73
C THR E 230 -2.47 0.88 13.15
N ILE E 231 -1.98 -0.15 12.46
CA ILE E 231 -2.88 -1.01 11.68
C ILE E 231 -2.70 -2.50 11.96
N ILE E 232 -3.78 -3.16 12.36
CA ILE E 232 -3.73 -4.60 12.64
C ILE E 232 -4.58 -5.30 11.58
N GLY E 233 -3.92 -6.05 10.69
CA GLY E 233 -4.63 -6.70 9.57
C GLY E 233 -5.62 -7.78 9.98
N ASN E 234 -6.39 -8.28 9.02
CA ASN E 234 -7.42 -9.27 9.30
C ASN E 234 -6.82 -10.59 9.79
N GLY E 235 -7.54 -11.27 10.68
CA GLY E 235 -7.15 -12.59 11.16
C GLY E 235 -5.91 -12.66 12.03
N VAL E 236 -5.42 -11.51 12.46
CA VAL E 236 -4.22 -11.46 13.31
C VAL E 236 -4.55 -11.98 14.72
N ILE E 237 -3.64 -12.74 15.29
CA ILE E 237 -3.79 -13.14 16.70
C ILE E 237 -2.64 -12.60 17.52
N ILE E 238 -2.97 -11.96 18.64
CA ILE E 238 -1.96 -11.38 19.52
C ILE E 238 -2.18 -11.88 20.95
N ASP E 239 -1.12 -12.39 21.58
CA ASP E 239 -1.24 -12.98 22.92
C ASP E 239 -1.18 -11.89 24.02
N ASN E 240 -0.88 -12.29 25.24
CA ASN E 240 -0.92 -11.36 26.36
C ASN E 240 0.34 -10.51 26.49
N GLN E 241 0.20 -9.37 27.16
CA GLN E 241 1.32 -8.53 27.55
C GLN E 241 2.16 -8.04 26.38
N CYS E 242 1.59 -7.95 25.18
CA CYS E 242 2.35 -7.40 24.07
C CYS E 242 2.31 -5.87 24.07
N GLN E 243 3.34 -5.27 23.50
CA GLN E 243 3.37 -3.83 23.31
C GLN E 243 3.49 -3.56 21.83
N ILE E 244 2.47 -2.93 21.25
CA ILE E 244 2.53 -2.57 19.86
C ILE E 244 2.50 -1.06 19.78
N ALA E 245 3.63 -0.48 19.37
CA ALA E 245 3.82 0.97 19.41
C ALA E 245 3.12 1.70 18.27
N HIS E 246 3.21 3.02 18.30
CA HIS E 246 2.49 3.83 17.33
C HIS E 246 2.97 3.51 15.93
N ASN E 247 2.01 3.43 15.00
CA ASN E 247 2.29 3.24 13.57
C ASN E 247 2.90 1.90 13.17
N VAL E 248 2.83 0.91 14.05
CA VAL E 248 3.15 -0.45 13.64
C VAL E 248 2.07 -0.90 12.66
N VAL E 249 2.47 -1.64 11.63
CA VAL E 249 1.48 -2.23 10.71
C VAL E 249 1.71 -3.74 10.65
N ILE E 250 0.67 -4.52 10.98
CA ILE E 250 0.81 -5.97 11.03
C ILE E 250 -0.07 -6.59 9.93
N GLY E 251 0.54 -7.32 9.00
CA GLY E 251 -0.21 -7.93 7.91
C GLY E 251 -1.10 -9.09 8.32
N ASP E 252 -2.03 -9.44 7.42
CA ASP E 252 -3.07 -10.43 7.71
C ASP E 252 -2.52 -11.76 8.20
N ASN E 253 -3.25 -12.37 9.14
CA ASN E 253 -2.97 -13.72 9.66
C ASN E 253 -1.65 -13.90 10.41
N THR E 254 -1.00 -12.80 10.73
CA THR E 254 0.19 -12.88 11.56
C THR E 254 -0.17 -13.21 13.00
N ALA E 255 0.71 -13.95 13.67
CA ALA E 255 0.52 -14.37 15.05
C ALA E 255 1.61 -13.76 15.87
N VAL E 256 1.23 -13.11 16.96
CA VAL E 256 2.22 -12.52 17.86
C VAL E 256 2.07 -13.20 19.24
N ALA E 257 3.12 -13.88 19.70
CA ALA E 257 3.03 -14.59 20.98
C ALA E 257 3.25 -13.64 22.18
N GLY E 258 3.09 -14.14 23.40
CA GLY E 258 3.06 -13.25 24.55
C GLY E 258 4.31 -12.41 24.78
N GLY E 259 4.14 -11.19 25.29
CA GLY E 259 5.28 -10.43 25.81
C GLY E 259 6.18 -9.80 24.75
N VAL E 260 5.72 -9.75 23.52
CA VAL E 260 6.50 -9.13 22.44
C VAL E 260 6.48 -7.60 22.51
N ILE E 261 7.66 -6.99 22.38
CA ILE E 261 7.79 -5.53 22.42
C ILE E 261 8.16 -5.00 21.05
N MET E 262 7.23 -4.31 20.39
CA MET E 262 7.52 -3.73 19.07
C MET E 262 7.72 -2.23 19.17
N ALA E 263 8.73 -1.70 18.50
CA ALA E 263 9.00 -0.25 18.49
C ALA E 263 8.21 0.39 17.36
N GLY E 264 8.22 1.73 17.31
CA GLY E 264 7.38 2.47 16.40
C GLY E 264 7.64 2.29 14.92
N SER E 265 6.58 2.37 14.12
CA SER E 265 6.69 2.30 12.66
C SER E 265 7.33 1.01 12.14
N LEU E 266 7.14 -0.07 12.88
CA LEU E 266 7.54 -1.37 12.37
C LEU E 266 6.47 -1.87 11.41
N LYS E 267 6.90 -2.42 10.29
CA LYS E 267 5.96 -3.09 9.39
C LYS E 267 6.22 -4.59 9.38
N ILE E 268 5.19 -5.37 9.70
CA ILE E 268 5.30 -6.83 9.64
C ILE E 268 4.39 -7.38 8.54
N GLY E 269 4.92 -8.30 7.74
CA GLY E 269 4.15 -8.87 6.64
C GLY E 269 3.05 -9.83 7.05
N ARG E 270 2.51 -10.55 6.07
CA ARG E 270 1.42 -11.50 6.28
C ARG E 270 1.99 -12.84 6.72
N TYR E 271 1.19 -13.59 7.48
CA TYR E 271 1.57 -14.96 7.84
C TYR E 271 2.91 -15.07 8.58
N CYS E 272 3.28 -14.05 9.34
CA CYS E 272 4.46 -14.17 10.18
C CYS E 272 4.08 -14.76 11.54
N MET E 273 5.10 -15.24 12.25
CA MET E 273 4.97 -15.83 13.57
C MET E 273 6.05 -15.22 14.42
N ILE E 274 5.68 -14.36 15.35
CA ILE E 274 6.65 -13.70 16.22
C ILE E 274 6.62 -14.37 17.59
N GLY E 275 7.71 -15.04 17.97
CA GLY E 275 7.74 -15.83 19.19
C GLY E 275 7.79 -14.99 20.46
N GLY E 276 7.41 -15.59 21.58
CA GLY E 276 7.26 -14.87 22.84
C GLY E 276 8.44 -14.05 23.30
N ALA E 277 8.15 -12.86 23.85
CA ALA E 277 9.17 -11.96 24.41
C ALA E 277 10.27 -11.51 23.43
N SER E 278 10.00 -11.61 22.14
CA SER E 278 10.89 -10.98 21.16
C SER E 278 10.84 -9.47 21.30
N VAL E 279 11.93 -8.84 20.88
CA VAL E 279 12.04 -7.39 20.92
C VAL E 279 12.41 -6.95 19.52
N ILE E 280 11.61 -6.07 18.94
CA ILE E 280 11.77 -5.73 17.54
C ILE E 280 12.00 -4.23 17.40
N ASN E 281 13.09 -3.84 16.72
CA ASN E 281 13.37 -2.43 16.45
C ASN E 281 12.35 -1.81 15.51
N GLY E 282 12.25 -0.48 15.53
CA GLY E 282 11.27 0.20 14.71
C GLY E 282 11.81 0.72 13.38
N HIS E 283 10.96 1.41 12.63
CA HIS E 283 11.33 2.02 11.35
C HIS E 283 11.97 1.03 10.42
N MET E 284 11.36 -0.13 10.30
CA MET E 284 11.89 -1.18 9.45
C MET E 284 10.80 -2.18 9.12
N GLU E 285 11.16 -3.17 8.30
CA GLU E 285 10.18 -4.08 7.75
C GLU E 285 10.58 -5.54 7.91
N ILE E 286 9.60 -6.37 8.18
CA ILE E 286 9.77 -7.81 8.20
C ILE E 286 8.84 -8.34 7.13
N CYS E 287 9.40 -9.08 6.16
CA CYS E 287 8.59 -9.53 5.02
C CYS E 287 7.58 -10.62 5.39
N ASP E 288 6.85 -11.10 4.39
CA ASP E 288 5.88 -12.16 4.62
C ASP E 288 6.55 -13.46 5.05
N LYS E 289 5.79 -14.31 5.74
CA LYS E 289 6.22 -15.66 6.15
C LYS E 289 7.56 -15.73 6.87
N VAL E 290 7.77 -14.82 7.81
CA VAL E 290 8.92 -14.87 8.68
C VAL E 290 8.53 -15.46 10.04
N THR E 291 9.39 -16.31 10.59
CA THR E 291 9.20 -16.86 11.92
C THR E 291 10.35 -16.39 12.77
N VAL E 292 10.05 -15.73 13.88
CA VAL E 292 11.09 -15.36 14.84
C VAL E 292 10.85 -16.20 16.07
N THR E 293 11.87 -16.91 16.53
CA THR E 293 11.69 -17.79 17.68
C THR E 293 11.76 -16.96 18.96
N GLY E 294 11.35 -17.56 20.07
CA GLY E 294 11.20 -16.86 21.34
C GLY E 294 12.41 -16.03 21.76
N MET E 295 12.16 -14.86 22.35
CA MET E 295 13.23 -13.99 22.87
C MET E 295 14.16 -13.49 21.75
N GLY E 296 13.67 -13.51 20.52
CA GLY E 296 14.45 -12.96 19.42
C GLY E 296 14.79 -11.49 19.55
N MET E 297 16.06 -11.17 19.31
CA MET E 297 16.50 -9.79 19.31
C MET E 297 16.46 -9.33 17.85
N VAL E 298 15.36 -8.72 17.45
CA VAL E 298 15.18 -8.34 16.05
C VAL E 298 15.67 -6.91 15.82
N MET E 299 16.94 -6.81 15.49
CA MET E 299 17.62 -5.53 15.36
C MET E 299 17.55 -4.96 13.94
N ARG E 300 17.58 -5.85 12.93
CA ARG E 300 17.67 -5.45 11.53
C ARG E 300 16.46 -5.93 10.73
N PRO E 301 16.17 -5.26 9.60
CA PRO E 301 15.11 -5.69 8.69
C PRO E 301 15.28 -7.15 8.28
N ILE E 302 14.17 -7.84 8.01
CA ILE E 302 14.23 -9.22 7.55
C ILE E 302 13.57 -9.27 6.19
N THR E 303 14.34 -9.58 5.15
CA THR E 303 13.88 -9.44 3.77
C THR E 303 13.56 -10.76 3.07
N GLU E 304 13.96 -11.87 3.69
CA GLU E 304 13.67 -13.19 3.14
C GLU E 304 12.85 -14.00 4.13
N PRO E 305 11.88 -14.79 3.63
CA PRO E 305 11.08 -15.63 4.52
C PRO E 305 11.95 -16.72 5.17
N GLY E 306 11.44 -17.37 6.20
CA GLY E 306 12.23 -18.37 6.89
C GLY E 306 12.21 -18.17 8.40
N VAL E 307 13.05 -18.94 9.10
CA VAL E 307 13.06 -18.95 10.55
C VAL E 307 14.33 -18.29 11.10
N TYR E 308 14.16 -17.38 12.06
CA TYR E 308 15.27 -16.60 12.57
C TYR E 308 15.31 -16.67 14.08
N SER E 309 16.51 -16.73 14.66
CA SER E 309 16.68 -16.97 16.09
C SER E 309 17.83 -16.17 16.67
N SER E 310 17.80 -16.01 17.99
CA SER E 310 18.93 -15.44 18.71
C SER E 310 18.93 -15.96 20.13
N GLY E 311 20.01 -15.69 20.86
CA GLY E 311 20.07 -15.99 22.27
C GLY E 311 20.89 -17.21 22.63
N ILE E 312 21.55 -17.13 23.79
CA ILE E 312 22.27 -18.25 24.36
C ILE E 312 21.47 -18.79 25.53
N PRO E 313 21.10 -20.10 25.48
CA PRO E 313 20.29 -20.75 26.50
C PRO E 313 20.97 -20.93 27.86
N LEU E 314 20.20 -21.35 28.86
CA LEU E 314 20.70 -21.50 30.23
C LEU E 314 21.90 -22.43 30.33
N GLN E 315 22.76 -22.10 31.28
CA GLN E 315 23.86 -22.96 31.69
C GLN E 315 23.89 -22.89 33.21
N PRO E 316 24.45 -23.93 33.86
CA PRO E 316 24.66 -23.85 35.30
C PRO E 316 25.43 -22.58 35.62
N ASN E 317 25.05 -21.90 36.70
CA ASN E 317 25.60 -20.58 36.98
C ASN E 317 27.12 -20.49 36.85
N LYS E 318 27.82 -21.46 37.42
CA LYS E 318 29.29 -21.45 37.44
C LYS E 318 29.85 -21.55 36.03
N VAL E 319 29.21 -22.36 35.18
CA VAL E 319 29.58 -22.45 33.77
C VAL E 319 29.29 -21.15 33.01
N TRP E 320 28.10 -20.59 33.25
CA TRP E 320 27.69 -19.36 32.60
C TRP E 320 28.66 -18.21 32.87
N ARG E 321 29.14 -18.12 34.12
CA ARG E 321 30.06 -17.06 34.51
C ARG E 321 31.26 -17.03 33.58
N LYS E 322 31.82 -18.22 33.32
CA LYS E 322 32.98 -18.34 32.45
C LYS E 322 32.61 -18.01 31.00
N THR E 323 31.47 -18.55 30.56
CA THR E 323 30.97 -18.27 29.21
C THR E 323 30.79 -16.77 28.98
N ALA E 324 30.17 -16.11 29.94
CA ALA E 324 29.93 -14.67 29.84
C ALA E 324 31.23 -13.88 29.77
N ALA E 325 32.19 -14.20 30.64
CA ALA E 325 33.45 -13.47 30.66
C ALA E 325 34.31 -13.72 29.41
N LEU E 326 34.21 -14.92 28.84
CA LEU E 326 34.92 -15.23 27.59
C LEU E 326 34.31 -14.51 26.38
N VAL E 327 32.98 -14.48 26.30
CA VAL E 327 32.30 -13.74 25.24
C VAL E 327 32.65 -12.26 25.31
N MET E 328 32.61 -11.69 26.52
CA MET E 328 32.87 -10.27 26.68
C MET E 328 34.31 -9.91 26.32
N ASN E 329 35.19 -10.91 26.39
CA ASN E 329 36.59 -10.71 26.02
C ASN E 329 36.94 -11.34 24.67
N ILE E 330 35.94 -11.51 23.81
CA ILE E 330 36.14 -12.22 22.55
C ILE E 330 37.05 -11.46 21.57
N ASP E 331 37.18 -10.15 21.75
CA ASP E 331 38.09 -9.37 20.91
C ASP E 331 39.55 -9.81 21.11
N ASP E 332 40.01 -9.85 22.37
CA ASP E 332 41.35 -10.35 22.67
C ASP E 332 41.58 -11.79 22.21
N MET E 333 40.54 -12.61 22.31
CA MET E 333 40.62 -14.01 21.87
C MET E 333 40.87 -14.05 20.37
N SER E 334 40.18 -13.20 19.63
CA SER E 334 40.37 -13.09 18.19
C SER E 334 41.73 -12.48 17.84
N LYS E 335 42.19 -11.56 18.67
CA LYS E 335 43.52 -10.96 18.52
C LYS E 335 44.62 -12.02 18.61
N ARG E 336 44.45 -12.94 19.57
CA ARG E 336 45.44 -13.98 19.82
C ARG E 336 45.38 -15.11 18.80
N LEU E 337 44.25 -15.25 18.12
CA LEU E 337 44.12 -16.26 17.07
C LEU E 337 44.83 -15.77 15.81
N LYS E 338 44.78 -14.46 15.59
CA LYS E 338 45.43 -13.85 14.43
C LYS E 338 46.95 -13.84 14.59
N SER E 339 47.41 -13.42 15.77
CA SER E 339 48.84 -13.40 16.09
C SER E 339 49.48 -14.78 15.97
N LEU E 340 48.75 -15.80 16.39
CA LEU E 340 49.22 -17.18 16.34
C LEU E 340 49.22 -17.70 14.91
N GLU E 341 48.32 -17.17 14.09
CA GLU E 341 48.26 -17.53 12.67
C GLU E 341 49.38 -16.82 11.92
N ARG E 342 49.68 -15.60 12.34
CA ARG E 342 50.73 -14.81 11.73
C ARG E 342 52.10 -15.35 12.15
N LYS E 343 52.12 -16.25 13.12
CA LYS E 343 53.37 -16.85 13.60
C LYS E 343 53.63 -18.25 13.05
N VAL E 344 52.58 -19.04 12.88
CA VAL E 344 52.68 -20.33 12.21
C VAL E 344 53.03 -20.11 10.73
N ASN E 345 52.39 -19.11 10.13
CA ASN E 345 52.61 -18.77 8.74
C ASN E 345 53.81 -17.85 8.53
N GLN E 346 54.66 -17.77 9.57
CA GLN E 346 55.96 -17.13 9.46
C GLN E 346 56.95 -18.10 8.82
N HIS F 8 -8.70 24.74 19.48
CA HIS F 8 -8.39 25.43 18.23
C HIS F 8 -8.55 24.54 16.99
N ALA F 9 -9.66 24.71 16.30
CA ALA F 9 -9.99 23.88 15.13
C ALA F 9 -9.37 24.45 13.85
N SER F 10 -8.99 25.72 13.91
CA SER F 10 -8.53 26.44 12.72
C SER F 10 -7.64 27.64 13.07
N ILE F 11 -6.68 27.94 12.20
CA ILE F 11 -5.75 29.06 12.42
C ILE F 11 -5.16 29.52 11.09
N ARG F 12 -4.95 30.83 10.94
CA ARG F 12 -4.28 31.39 9.76
C ARG F 12 -2.80 31.07 9.80
N LEU F 13 -2.22 30.79 8.63
CA LEU F 13 -0.82 30.40 8.57
C LEU F 13 0.13 31.42 9.22
N ALA F 14 -0.15 32.69 9.03
CA ALA F 14 0.68 33.76 9.62
C ALA F 14 0.60 33.78 11.14
N ASP F 15 -0.61 33.59 11.67
CA ASP F 15 -0.82 33.50 13.10
C ASP F 15 -0.07 32.27 13.65
N LEU F 16 -0.08 31.18 12.88
CA LEU F 16 0.61 29.96 13.30
C LEU F 16 2.13 30.11 13.21
N ALA F 17 2.61 30.77 12.16
CA ALA F 17 4.05 31.02 12.02
C ALA F 17 4.58 31.85 13.17
N GLN F 18 3.76 32.79 13.66
CA GLN F 18 4.20 33.66 14.76
C GLN F 18 4.21 32.93 16.10
N GLN F 19 3.22 32.09 16.35
CA GLN F 19 3.20 31.30 17.58
C GLN F 19 4.38 30.35 17.63
N LEU F 20 4.82 29.89 16.46
CA LEU F 20 5.88 28.91 16.36
C LEU F 20 7.26 29.53 16.23
N ASP F 21 7.32 30.86 16.25
CA ASP F 21 8.55 31.60 15.96
C ASP F 21 9.17 31.09 14.66
N ALA F 22 8.34 30.93 13.63
CA ALA F 22 8.78 30.44 12.33
C ALA F 22 8.79 31.59 11.35
N GLU F 23 9.74 31.59 10.41
CA GLU F 23 9.68 32.58 9.33
C GLU F 23 8.88 32.03 8.14
N LEU F 24 7.83 32.78 7.77
CA LEU F 24 6.88 32.34 6.77
C LEU F 24 7.28 32.69 5.33
N HIS F 25 7.47 31.69 4.49
CA HIS F 25 7.64 31.89 3.05
C HIS F 25 6.39 31.40 2.33
N GLY F 26 5.51 32.34 1.99
CA GLY F 26 4.25 32.03 1.35
C GLY F 26 3.10 32.83 1.94
N ASP F 27 1.88 32.42 1.63
CA ASP F 27 0.66 33.18 1.93
C ASP F 27 0.16 33.01 3.38
N GLY F 28 0.26 34.08 4.17
CA GLY F 28 -0.20 34.06 5.56
C GLY F 28 -1.68 33.87 5.78
N ASP F 29 -2.48 34.03 4.73
CA ASP F 29 -3.94 33.93 4.85
C ASP F 29 -4.49 32.50 4.68
N ILE F 30 -3.62 31.56 4.31
CA ILE F 30 -4.00 30.15 4.24
C ILE F 30 -4.54 29.66 5.58
N VAL F 31 -5.67 28.96 5.55
CA VAL F 31 -6.28 28.43 6.77
C VAL F 31 -5.76 27.04 7.08
N ILE F 32 -5.07 26.88 8.21
CA ILE F 32 -4.60 25.56 8.64
C ILE F 32 -5.61 24.95 9.60
N THR F 33 -6.08 23.75 9.27
CA THR F 33 -7.10 23.05 10.08
C THR F 33 -6.50 21.92 10.91
N GLY F 34 -5.28 21.50 10.58
CA GLY F 34 -4.69 20.36 11.24
C GLY F 34 -3.33 19.92 10.71
N VAL F 35 -2.72 18.99 11.44
CA VAL F 35 -1.44 18.42 11.07
C VAL F 35 -1.73 17.10 10.35
N ALA F 36 -0.90 16.77 9.36
CA ALA F 36 -1.03 15.50 8.65
C ALA F 36 0.36 15.02 8.24
N SER F 37 0.49 13.74 7.92
CA SER F 37 1.78 13.24 7.43
C SER F 37 1.97 13.75 6.00
N MET F 38 3.18 13.67 5.48
CA MET F 38 3.44 14.16 4.13
C MET F 38 2.62 13.46 3.05
N GLN F 39 2.54 12.13 3.13
CA GLN F 39 1.82 11.36 2.10
C GLN F 39 0.32 11.54 2.24
N SER F 40 -0.14 11.90 3.43
CA SER F 40 -1.58 12.01 3.66
C SER F 40 -2.14 13.44 3.59
N ALA F 41 -1.26 14.44 3.69
CA ALA F 41 -1.71 15.85 3.73
C ALA F 41 -2.46 16.31 2.47
N GLN F 42 -3.57 17.00 2.70
CA GLN F 42 -4.30 17.69 1.64
C GLN F 42 -4.50 19.17 2.00
N THR F 43 -5.43 19.84 1.33
CA THR F 43 -5.67 21.28 1.56
C THR F 43 -6.05 21.56 3.01
N GLY F 44 -5.45 22.61 3.58
CA GLY F 44 -5.66 22.93 4.99
C GLY F 44 -4.69 22.30 5.97
N HIS F 45 -3.89 21.34 5.49
CA HIS F 45 -2.99 20.64 6.40
C HIS F 45 -1.57 21.20 6.36
N ILE F 46 -0.93 21.20 7.53
CA ILE F 46 0.49 21.51 7.61
C ILE F 46 1.22 20.20 7.94
N THR F 47 2.42 20.04 7.38
CA THR F 47 3.24 18.88 7.71
C THR F 47 4.65 19.36 7.98
N PHE F 48 5.62 18.46 8.07
CA PHE F 48 7.00 18.85 8.38
C PHE F 48 7.94 17.84 7.77
N MET F 49 9.23 18.18 7.74
CA MET F 49 10.23 17.19 7.36
C MET F 49 11.52 17.52 8.08
N VAL F 50 12.28 16.49 8.42
CA VAL F 50 13.58 16.64 9.08
C VAL F 50 14.69 16.07 8.20
N ASN F 51 14.51 14.83 7.78
CA ASN F 51 15.46 14.12 6.94
C ASN F 51 15.40 14.69 5.52
N PRO F 52 16.53 15.20 5.02
CA PRO F 52 16.59 15.83 3.69
C PRO F 52 16.26 14.88 2.54
N LYS F 53 16.22 13.57 2.81
CA LYS F 53 15.84 12.59 1.79
C LYS F 53 14.38 12.80 1.37
N TYR F 54 13.59 13.47 2.21
CA TYR F 54 12.19 13.74 1.92
C TYR F 54 11.99 14.93 0.99
N ARG F 55 13.08 15.51 0.49
CA ARG F 55 12.98 16.64 -0.42
C ARG F 55 12.30 16.25 -1.74
N GLU F 56 12.43 14.99 -2.15
CA GLU F 56 11.75 14.51 -3.34
C GLU F 56 10.25 14.35 -3.07
N HIS F 57 9.90 13.99 -1.84
CA HIS F 57 8.49 13.94 -1.45
C HIS F 57 7.79 15.30 -1.61
N LEU F 58 8.55 16.39 -1.63
CA LEU F 58 7.93 17.71 -1.64
C LEU F 58 7.14 17.99 -2.91
N GLY F 59 7.60 17.48 -4.04
CA GLY F 59 6.87 17.65 -5.29
C GLY F 59 5.69 16.69 -5.37
N LEU F 60 5.57 15.85 -4.34
CA LEU F 60 4.55 14.81 -4.28
C LEU F 60 3.53 15.12 -3.18
N CYS F 61 3.84 16.10 -2.34
CA CYS F 61 3.03 16.42 -1.17
C CYS F 61 1.94 17.46 -1.49
N GLN F 62 0.75 17.26 -0.95
CA GLN F 62 -0.37 18.21 -1.14
C GLN F 62 -0.70 19.04 0.10
N ALA F 63 0.23 19.15 1.04
CA ALA F 63 0.02 20.00 2.22
C ALA F 63 -0.11 21.46 1.80
N SER F 64 -0.93 22.20 2.51
CA SER F 64 -0.97 23.66 2.38
C SER F 64 0.33 24.30 2.87
N ALA F 65 1.00 23.67 3.83
CA ALA F 65 2.25 24.22 4.37
C ALA F 65 3.22 23.15 4.89
N VAL F 66 4.52 23.37 4.70
CA VAL F 66 5.52 22.44 5.22
C VAL F 66 6.52 23.13 6.18
N VAL F 67 6.71 22.57 7.37
CA VAL F 67 7.72 23.07 8.30
C VAL F 67 9.07 22.45 7.93
N MET F 68 10.08 23.29 7.67
CA MET F 68 11.38 22.79 7.21
C MET F 68 12.53 23.71 7.66
N THR F 69 13.74 23.42 7.21
CA THR F 69 14.90 24.26 7.51
C THR F 69 15.27 25.11 6.30
N GLN F 70 16.20 26.03 6.51
CA GLN F 70 16.62 27.01 5.52
C GLN F 70 17.00 26.39 4.17
N ASP F 71 17.83 25.34 4.17
CA ASP F 71 18.23 24.75 2.89
C ASP F 71 17.32 23.64 2.38
N ASP F 72 16.14 23.51 2.99
CA ASP F 72 15.11 22.68 2.42
C ASP F 72 14.28 23.56 1.49
N LEU F 73 14.30 24.86 1.77
CA LEU F 73 13.48 25.87 1.08
C LEU F 73 13.49 25.82 -0.46
N PRO F 74 14.66 25.71 -1.11
CA PRO F 74 14.66 25.69 -2.58
C PRO F 74 13.86 24.53 -3.18
N PHE F 75 13.47 23.57 -2.35
CA PHE F 75 12.72 22.42 -2.84
C PHE F 75 11.24 22.57 -2.54
N ALA F 76 10.89 23.62 -1.79
CA ALA F 76 9.50 23.83 -1.39
C ALA F 76 8.56 23.97 -2.58
N LYS F 77 7.39 23.37 -2.44
CA LYS F 77 6.40 23.39 -3.51
C LYS F 77 5.07 23.83 -2.90
N SER F 78 5.18 24.59 -1.82
CA SER F 78 4.02 25.04 -1.07
C SER F 78 4.52 26.12 -0.14
N ALA F 79 3.63 26.77 0.60
CA ALA F 79 4.06 27.64 1.68
C ALA F 79 4.99 26.89 2.63
N ALA F 80 6.02 27.57 3.12
CA ALA F 80 7.00 26.91 3.97
C ALA F 80 7.21 27.69 5.26
N LEU F 81 7.40 26.97 6.35
CA LEU F 81 7.76 27.61 7.62
C LEU F 81 9.18 27.19 7.93
N VAL F 82 10.09 28.15 7.90
CA VAL F 82 11.49 27.88 8.17
C VAL F 82 11.79 28.13 9.65
N VAL F 83 12.32 27.10 10.30
CA VAL F 83 12.70 27.13 11.70
C VAL F 83 14.02 26.40 11.78
N LYS F 84 14.58 26.35 12.97
CA LYS F 84 15.84 25.64 13.15
C LYS F 84 15.64 24.18 13.57
N ASN F 85 14.58 23.87 14.31
CA ASN F 85 14.26 22.49 14.72
C ASN F 85 12.85 22.02 14.32
N PRO F 86 12.71 21.49 13.09
CA PRO F 86 11.37 21.11 12.59
C PRO F 86 10.64 20.10 13.48
N TYR F 87 11.34 19.09 14.02
CA TYR F 87 10.71 18.11 14.90
C TYR F 87 10.11 18.77 16.15
N LEU F 88 10.83 19.72 16.72
CA LEU F 88 10.32 20.40 17.93
C LEU F 88 9.14 21.30 17.62
N THR F 89 9.27 22.03 16.51
CA THR F 89 8.18 22.83 15.96
C THR F 89 6.96 21.96 15.70
N TYR F 90 7.18 20.77 15.11
CA TYR F 90 6.08 19.81 14.89
C TYR F 90 5.36 19.52 16.20
N ALA F 91 6.13 19.28 17.25
CA ALA F 91 5.56 19.00 18.56
C ALA F 91 4.70 20.17 19.00
N ARG F 92 5.20 21.38 18.80
CA ARG F 92 4.48 22.59 19.20
C ARG F 92 3.20 22.81 18.39
N MET F 93 3.28 22.67 17.08
CA MET F 93 2.08 22.89 16.27
C MET F 93 1.06 21.80 16.51
N ALA F 94 1.54 20.57 16.71
CA ALA F 94 0.61 19.46 17.02
C ALA F 94 -0.19 19.80 18.26
N GLN F 95 0.48 20.43 19.24
CA GLN F 95 -0.21 20.81 20.48
C GLN F 95 -1.23 21.92 20.20
N ILE F 96 -0.88 22.88 19.36
CA ILE F 96 -1.81 23.96 19.03
C ILE F 96 -3.04 23.41 18.28
N LEU F 97 -2.80 22.46 17.40
CA LEU F 97 -3.85 21.87 16.58
C LEU F 97 -4.36 20.51 17.12
N ASP F 98 -4.15 20.26 18.41
CA ASP F 98 -4.51 18.97 19.01
C ASP F 98 -6.03 18.70 18.94
N THR F 99 -6.41 17.51 18.51
CA THR F 99 -7.82 17.14 18.50
C THR F 99 -8.17 16.11 19.57
N THR F 100 -7.17 15.74 20.38
CA THR F 100 -7.38 14.75 21.43
C THR F 100 -8.45 15.23 22.41
N PRO F 101 -9.46 14.40 22.68
CA PRO F 101 -10.46 14.80 23.68
C PRO F 101 -9.92 14.73 25.12
N GLN F 102 -10.73 15.16 26.09
CA GLN F 102 -10.41 14.95 27.51
C GLN F 102 -10.96 13.63 28.06
N PRO F 103 -10.27 13.06 29.07
CA PRO F 103 -10.73 11.79 29.67
C PRO F 103 -12.14 11.91 30.26
N ALA F 104 -12.52 13.13 30.66
CA ALA F 104 -13.82 13.38 31.25
C ALA F 104 -14.12 14.87 31.27
N GLN F 105 -15.38 15.23 31.55
CA GLN F 105 -15.78 16.62 31.70
C GLN F 105 -16.92 16.69 32.72
N ASN F 106 -16.87 17.69 33.61
CA ASN F 106 -17.77 17.77 34.77
C ASN F 106 -17.64 16.56 35.70
N ILE F 107 -18.48 16.51 36.72
CA ILE F 107 -18.49 15.37 37.64
C ILE F 107 -19.67 14.43 37.37
N ALA F 108 -19.34 13.24 36.89
CA ALA F 108 -20.32 12.24 36.52
C ALA F 108 -21.11 11.75 37.71
N PRO F 109 -22.42 11.68 37.54
CA PRO F 109 -23.36 11.19 38.55
C PRO F 109 -23.02 9.81 39.09
N SER F 110 -22.54 8.94 38.23
CA SER F 110 -22.19 7.59 38.63
C SER F 110 -20.83 7.48 39.31
N ALA F 111 -20.10 8.56 39.38
CA ALA F 111 -18.85 8.57 40.16
C ALA F 111 -19.17 8.45 41.64
N VAL F 112 -18.40 7.62 42.35
CA VAL F 112 -18.52 7.49 43.80
C VAL F 112 -17.37 8.24 44.49
N ILE F 113 -17.70 9.36 45.13
CA ILE F 113 -16.72 10.22 45.75
C ILE F 113 -16.95 10.31 47.26
N ASP F 114 -15.95 9.92 48.04
CA ASP F 114 -16.06 10.02 49.49
C ASP F 114 -16.27 11.45 49.97
N ALA F 115 -16.99 11.58 51.08
CA ALA F 115 -17.34 12.88 51.64
C ALA F 115 -16.10 13.70 51.99
N THR F 116 -15.06 13.04 52.48
CA THR F 116 -13.82 13.73 52.88
C THR F 116 -12.89 14.10 51.72
N ALA F 117 -13.22 13.66 50.52
CA ALA F 117 -12.41 14.01 49.35
C ALA F 117 -12.45 15.53 49.12
N LYS F 118 -11.28 16.13 48.94
CA LYS F 118 -11.17 17.56 48.64
C LYS F 118 -11.01 17.79 47.14
N LEU F 119 -11.98 18.46 46.52
CA LEU F 119 -11.92 18.76 45.10
C LEU F 119 -11.56 20.22 44.79
N GLY F 120 -10.63 20.43 43.88
CA GLY F 120 -10.26 21.77 43.46
C GLY F 120 -11.22 22.33 42.42
N ASN F 121 -10.86 23.47 41.85
CA ASN F 121 -11.69 24.13 40.85
C ASN F 121 -11.58 23.47 39.48
N ASN F 122 -12.70 23.37 38.78
CA ASN F 122 -12.75 22.79 37.44
C ASN F 122 -12.18 21.37 37.40
N VAL F 123 -12.48 20.57 38.41
CA VAL F 123 -12.14 19.15 38.39
C VAL F 123 -13.19 18.39 37.57
N SER F 124 -12.73 17.46 36.72
CA SER F 124 -13.66 16.57 36.04
C SER F 124 -13.43 15.11 36.46
N ILE F 125 -14.52 14.44 36.82
CA ILE F 125 -14.45 13.03 37.18
C ILE F 125 -15.40 12.21 36.30
N GLY F 126 -14.88 11.16 35.68
CA GLY F 126 -15.64 10.40 34.70
C GLY F 126 -16.55 9.36 35.34
N ALA F 127 -17.42 8.78 34.52
CA ALA F 127 -18.41 7.82 35.00
C ALA F 127 -17.78 6.63 35.69
N ASN F 128 -18.37 6.26 36.83
CA ASN F 128 -17.96 5.09 37.61
C ASN F 128 -16.55 5.11 38.21
N ALA F 129 -15.91 6.27 38.18
CA ALA F 129 -14.66 6.44 38.89
C ALA F 129 -14.95 6.36 40.37
N VAL F 130 -13.95 5.93 41.14
CA VAL F 130 -14.11 5.79 42.58
C VAL F 130 -13.02 6.57 43.28
N ILE F 131 -13.42 7.52 44.13
CA ILE F 131 -12.47 8.34 44.84
C ILE F 131 -12.60 8.06 46.34
N GLU F 132 -11.51 7.61 46.96
CA GLU F 132 -11.53 7.19 48.37
C GLU F 132 -11.44 8.37 49.33
N SER F 133 -11.49 8.06 50.63
CA SER F 133 -11.44 9.09 51.66
C SER F 133 -10.10 9.81 51.69
N GLY F 134 -10.13 11.10 52.02
CA GLY F 134 -8.93 11.89 52.22
C GLY F 134 -8.23 12.25 50.92
N VAL F 135 -8.80 11.90 49.79
CA VAL F 135 -8.15 12.20 48.51
C VAL F 135 -8.16 13.71 48.26
N GLU F 136 -7.08 14.25 47.71
CA GLU F 136 -7.05 15.65 47.29
C GLU F 136 -6.73 15.76 45.80
N LEU F 137 -7.65 16.37 45.06
CA LEU F 137 -7.49 16.56 43.63
C LEU F 137 -7.36 18.07 43.37
N GLY F 138 -6.25 18.48 42.76
CA GLY F 138 -6.00 19.90 42.54
C GLY F 138 -6.83 20.49 41.42
N ASP F 139 -6.68 21.79 41.18
CA ASP F 139 -7.41 22.46 40.13
C ASP F 139 -7.14 21.87 38.76
N ASN F 140 -8.20 21.76 37.96
CA ASN F 140 -8.16 21.25 36.59
C ASN F 140 -7.70 19.80 36.45
N VAL F 141 -7.73 19.06 37.55
CA VAL F 141 -7.42 17.63 37.48
C VAL F 141 -8.57 16.92 36.74
N ILE F 142 -8.23 15.98 35.87
CA ILE F 142 -9.23 15.16 35.21
C ILE F 142 -8.99 13.68 35.48
N ILE F 143 -10.00 13.04 36.06
CA ILE F 143 -9.98 11.61 36.36
C ILE F 143 -10.90 10.92 35.35
N GLY F 144 -10.37 10.01 34.55
CA GLY F 144 -11.18 9.33 33.54
C GLY F 144 -12.13 8.30 34.13
N ALA F 145 -12.96 7.72 33.27
CA ALA F 145 -13.95 6.74 33.68
C ALA F 145 -13.29 5.50 34.27
N GLY F 146 -13.89 4.97 35.34
CA GLY F 146 -13.46 3.70 35.86
C GLY F 146 -12.20 3.75 36.73
N CYS F 147 -11.59 4.92 36.86
CA CYS F 147 -10.38 5.02 37.70
C CYS F 147 -10.65 4.71 39.17
N PHE F 148 -9.61 4.28 39.88
CA PHE F 148 -9.67 4.19 41.33
C PHE F 148 -8.56 5.06 41.90
N VAL F 149 -8.87 5.88 42.89
CA VAL F 149 -7.85 6.68 43.58
C VAL F 149 -7.95 6.39 45.08
N GLY F 150 -6.91 5.77 45.63
CA GLY F 150 -6.99 5.23 46.97
C GLY F 150 -6.83 6.27 48.07
N LYS F 151 -6.97 5.81 49.32
CA LYS F 151 -6.99 6.70 50.48
C LYS F 151 -5.82 7.67 50.59
N ASN F 152 -6.14 8.93 50.80
CA ASN F 152 -5.16 9.98 51.10
C ASN F 152 -4.20 10.31 49.98
N SER F 153 -4.54 9.88 48.77
CA SER F 153 -3.69 10.19 47.63
C SER F 153 -3.91 11.61 47.14
N LYS F 154 -2.86 12.20 46.60
CA LYS F 154 -2.93 13.59 46.16
C LYS F 154 -2.51 13.69 44.71
N ILE F 155 -3.35 14.36 43.92
CA ILE F 155 -3.06 14.54 42.51
C ILE F 155 -2.99 16.05 42.23
N GLY F 156 -1.80 16.51 41.86
CA GLY F 156 -1.56 17.94 41.66
C GLY F 156 -2.28 18.55 40.47
N ALA F 157 -2.30 19.88 40.43
CA ALA F 157 -3.08 20.66 39.48
C ALA F 157 -2.76 20.33 38.01
N GLY F 158 -3.78 20.29 37.17
CA GLY F 158 -3.60 20.03 35.74
C GLY F 158 -3.29 18.59 35.34
N SER F 159 -3.09 17.68 36.30
CA SER F 159 -2.82 16.26 36.01
C SER F 159 -4.06 15.53 35.53
N ARG F 160 -3.86 14.56 34.64
CA ARG F 160 -4.97 13.85 34.01
C ARG F 160 -4.74 12.33 33.99
N LEU F 161 -5.76 11.58 34.42
CA LEU F 161 -5.76 10.12 34.31
C LEU F 161 -6.73 9.71 33.21
N TRP F 162 -6.29 8.89 32.27
CA TRP F 162 -7.23 8.28 31.34
C TRP F 162 -8.05 7.20 32.05
N ALA F 163 -8.92 6.52 31.32
CA ALA F 163 -9.86 5.57 31.91
C ALA F 163 -9.14 4.39 32.52
N ASN F 164 -9.72 3.83 33.58
CA ASN F 164 -9.24 2.56 34.17
C ASN F 164 -7.78 2.61 34.66
N VAL F 165 -7.40 3.73 35.27
CA VAL F 165 -6.14 3.83 35.99
C VAL F 165 -6.35 3.54 37.46
N THR F 166 -5.39 2.85 38.07
CA THR F 166 -5.49 2.56 39.49
C THR F 166 -4.37 3.27 40.25
N ILE F 167 -4.75 4.13 41.18
CA ILE F 167 -3.77 4.75 42.05
C ILE F 167 -4.03 4.19 43.43
N TYR F 168 -3.02 3.62 44.08
CA TYR F 168 -3.23 3.13 45.43
C TYR F 168 -3.27 4.28 46.46
N HIS F 169 -3.13 3.92 47.73
CA HIS F 169 -3.26 4.88 48.82
C HIS F 169 -1.93 5.59 49.11
N GLU F 170 -2.05 6.81 49.64
CA GLU F 170 -0.89 7.64 50.05
C GLU F 170 0.07 7.94 48.89
N ILE F 171 -0.44 7.99 47.68
CA ILE F 171 0.40 8.27 46.53
C ILE F 171 0.38 9.78 46.29
N GLN F 172 1.52 10.33 45.89
CA GLN F 172 1.56 11.74 45.52
C GLN F 172 1.95 11.89 44.06
N ILE F 173 1.09 12.57 43.33
CA ILE F 173 1.38 12.85 41.93
C ILE F 173 1.47 14.38 41.79
N GLY F 174 2.49 14.87 41.10
CA GLY F 174 2.67 16.31 40.95
C GLY F 174 1.75 16.95 39.92
N GLN F 175 2.15 18.11 39.40
CA GLN F 175 1.33 18.89 38.49
C GLN F 175 1.54 18.51 37.03
N ASN F 176 0.48 18.69 36.26
CA ASN F 176 0.48 18.43 34.81
C ASN F 176 1.05 17.08 34.41
N CYS F 177 0.72 16.02 35.15
CA CYS F 177 1.09 14.67 34.73
C CYS F 177 -0.01 14.10 33.87
N LEU F 178 0.32 13.01 33.16
CA LEU F 178 -0.64 12.33 32.30
C LEU F 178 -0.39 10.84 32.43
N ILE F 179 -1.42 10.08 32.77
CA ILE F 179 -1.26 8.64 32.91
C ILE F 179 -2.28 7.90 32.04
N GLN F 180 -1.79 6.98 31.21
CA GLN F 180 -2.63 6.26 30.26
C GLN F 180 -3.36 5.12 30.97
N SER F 181 -4.35 4.54 30.31
CA SER F 181 -5.19 3.50 30.89
C SER F 181 -4.46 2.25 31.33
N GLY F 182 -5.00 1.58 32.35
CA GLY F 182 -4.52 0.27 32.75
C GLY F 182 -3.27 0.30 33.61
N THR F 183 -2.76 1.50 33.85
CA THR F 183 -1.56 1.66 34.65
C THR F 183 -1.90 1.57 36.13
N VAL F 184 -0.99 1.00 36.90
CA VAL F 184 -1.17 0.84 38.34
C VAL F 184 -0.01 1.48 39.11
N VAL F 185 -0.33 2.46 39.93
CA VAL F 185 0.67 3.17 40.69
C VAL F 185 0.47 2.91 42.18
N GLY F 186 1.47 2.31 42.81
CA GLY F 186 1.47 2.18 44.25
C GLY F 186 1.05 0.81 44.77
N ALA F 187 1.06 -0.20 43.92
CA ALA F 187 0.76 -1.55 44.43
C ALA F 187 1.90 -2.00 45.34
N ASP F 188 1.66 -2.99 46.20
CA ASP F 188 2.70 -3.50 47.09
C ASP F 188 3.91 -3.89 46.29
N GLY F 189 5.10 -3.48 46.75
CA GLY F 189 6.35 -4.00 46.20
C GLY F 189 6.43 -5.50 46.45
N PHE F 190 7.42 -6.16 45.86
CA PHE F 190 7.50 -7.62 45.93
C PHE F 190 8.34 -8.03 47.16
N GLY F 191 7.79 -7.81 48.36
CA GLY F 191 8.56 -7.97 49.57
C GLY F 191 8.13 -9.20 50.37
N TYR F 192 9.04 -10.16 50.50
CA TYR F 192 8.74 -11.36 51.26
C TYR F 192 9.98 -11.84 51.98
N ALA F 193 9.79 -12.38 53.18
CA ALA F 193 10.87 -13.07 53.88
C ALA F 193 10.60 -14.57 53.78
N ASN F 194 11.66 -15.36 53.73
CA ASN F 194 11.47 -16.80 53.68
C ASN F 194 11.51 -17.42 55.09
N ASP F 195 10.43 -18.12 55.46
CA ASP F 195 10.37 -18.81 56.74
C ASP F 195 10.26 -20.30 56.47
N ARG F 196 11.41 -20.99 56.47
CA ARG F 196 11.45 -22.43 56.23
C ARG F 196 10.70 -22.79 54.94
N GLY F 197 10.99 -22.06 53.87
CA GLY F 197 10.43 -22.36 52.55
C GLY F 197 9.10 -21.68 52.28
N ASN F 198 8.39 -21.26 53.32
CA ASN F 198 7.17 -20.48 53.14
C ASN F 198 7.55 -18.99 53.00
N TRP F 199 6.88 -18.29 52.10
CA TRP F 199 7.13 -16.85 51.91
C TRP F 199 6.21 -16.08 52.83
N VAL F 200 6.79 -15.20 53.63
CA VAL F 200 6.03 -14.38 54.58
C VAL F 200 5.98 -12.91 54.11
N LYS F 201 4.77 -12.35 54.02
CA LYS F 201 4.60 -11.05 53.38
C LYS F 201 5.22 -9.95 54.22
N ILE F 202 5.99 -9.09 53.58
CA ILE F 202 6.42 -7.84 54.21
C ILE F 202 5.51 -6.73 53.70
N PRO F 203 4.63 -6.20 54.58
CA PRO F 203 3.82 -5.04 54.21
C PRO F 203 4.70 -3.94 53.63
N GLN F 204 4.19 -3.24 52.63
CA GLN F 204 4.95 -2.23 51.93
C GLN F 204 4.34 -0.90 52.29
N ILE F 205 4.95 -0.17 53.22
CA ILE F 205 4.27 0.98 53.76
C ILE F 205 4.93 2.29 53.33
N GLY F 206 5.94 2.20 52.48
CA GLY F 206 6.41 3.38 51.78
C GLY F 206 5.38 3.78 50.73
N ARG F 207 5.76 4.73 49.89
CA ARG F 207 4.82 5.33 48.96
C ARG F 207 5.41 5.39 47.56
N VAL F 208 4.68 6.07 46.68
CA VAL F 208 5.26 6.50 45.42
C VAL F 208 5.17 8.01 45.40
N ILE F 209 6.26 8.66 45.03
CA ILE F 209 6.23 10.11 44.85
C ILE F 209 6.54 10.39 43.38
N ILE F 210 5.57 10.99 42.69
CA ILE F 210 5.75 11.29 41.29
C ILE F 210 5.84 12.81 41.16
N GLY F 211 6.86 13.29 40.45
CA GLY F 211 7.06 14.72 40.28
C GLY F 211 6.12 15.37 39.28
N ASP F 212 6.52 16.56 38.79
CA ASP F 212 5.70 17.32 37.86
C ASP F 212 5.99 16.91 36.42
N ARG F 213 5.00 17.10 35.55
CA ARG F 213 5.11 16.80 34.11
C ARG F 213 5.56 15.38 33.78
N VAL F 214 5.22 14.42 34.63
CA VAL F 214 5.56 13.02 34.35
C VAL F 214 4.49 12.43 33.45
N GLU F 215 4.91 11.73 32.42
CA GLU F 215 3.97 11.07 31.52
C GLU F 215 4.21 9.58 31.60
N ILE F 216 3.16 8.82 31.90
CA ILE F 216 3.28 7.37 32.06
C ILE F 216 2.34 6.68 31.09
N GLY F 217 2.84 5.65 30.42
CA GLY F 217 2.07 4.95 29.42
C GLY F 217 1.05 3.99 30.04
N ALA F 218 0.59 3.03 29.23
CA ALA F 218 -0.51 2.12 29.55
C ALA F 218 -0.02 0.77 30.09
N CYS F 219 -0.80 0.18 31.00
CA CYS F 219 -0.40 -1.09 31.63
C CYS F 219 1.02 -1.06 32.23
N THR F 220 1.38 0.08 32.78
CA THR F 220 2.65 0.16 33.49
C THR F 220 2.39 -0.02 34.96
N THR F 221 3.31 -0.70 35.65
CA THR F 221 3.19 -0.87 37.10
C THR F 221 4.36 -0.22 37.87
N ILE F 222 4.02 0.68 38.79
CA ILE F 222 5.01 1.35 39.62
C ILE F 222 4.72 1.03 41.08
N ASP F 223 5.55 0.19 41.70
CA ASP F 223 5.28 -0.29 43.06
C ASP F 223 5.63 0.73 44.15
N ARG F 224 4.85 0.73 45.23
CA ARG F 224 5.15 1.59 46.37
C ARG F 224 6.38 1.09 47.10
N GLY F 225 7.05 1.97 47.86
CA GLY F 225 8.22 1.60 48.64
C GLY F 225 7.90 0.68 49.82
N ALA F 226 8.90 -0.06 50.27
CA ALA F 226 8.75 -0.95 51.44
C ALA F 226 8.62 -0.15 52.75
N LEU F 227 9.51 0.82 52.91
CA LEU F 227 9.52 1.69 54.10
C LEU F 227 9.64 3.14 53.63
N ASP F 228 10.74 3.46 52.97
CA ASP F 228 10.87 4.71 52.22
C ASP F 228 10.20 4.60 50.83
N ASP F 229 10.37 5.64 50.01
CA ASP F 229 9.51 5.79 48.83
C ASP F 229 10.13 5.40 47.50
N THR F 230 9.26 5.00 46.56
CA THR F 230 9.60 4.94 45.15
C THR F 230 9.48 6.37 44.63
N ILE F 231 10.46 6.83 43.87
CA ILE F 231 10.47 8.23 43.44
C ILE F 231 10.70 8.40 41.95
N ILE F 232 9.73 9.05 41.31
CA ILE F 232 9.84 9.41 39.89
C ILE F 232 10.03 10.93 39.76
N GLY F 233 11.20 11.36 39.31
CA GLY F 233 11.55 12.78 39.30
C GLY F 233 10.78 13.56 38.24
N ASN F 234 10.96 14.89 38.22
CA ASN F 234 10.22 15.73 37.30
C ASN F 234 10.55 15.46 35.86
N GLY F 235 9.56 15.61 35.00
CA GLY F 235 9.76 15.53 33.56
C GLY F 235 10.07 14.14 33.01
N VAL F 236 9.93 13.12 33.84
CA VAL F 236 10.22 11.75 33.42
C VAL F 236 9.13 11.23 32.48
N ILE F 237 9.54 10.51 31.46
CA ILE F 237 8.57 9.86 30.58
C ILE F 237 8.79 8.34 30.63
N ILE F 238 7.70 7.62 30.82
CA ILE F 238 7.72 6.16 30.94
C ILE F 238 6.71 5.56 29.98
N ASP F 239 7.14 4.60 29.17
CA ASP F 239 6.27 4.03 28.11
C ASP F 239 5.39 2.88 28.67
N ASN F 240 4.80 2.08 27.80
CA ASN F 240 3.88 1.00 28.19
C ASN F 240 4.56 -0.25 28.76
N GLN F 241 3.83 -0.98 29.60
CA GLN F 241 4.25 -2.32 30.07
C GLN F 241 5.55 -2.30 30.87
N CYS F 242 5.90 -1.18 31.48
CA CYS F 242 7.10 -1.16 32.32
C CYS F 242 6.81 -1.63 33.74
N GLN F 243 7.84 -2.18 34.36
CA GLN F 243 7.75 -2.55 35.77
C GLN F 243 8.81 -1.80 36.56
N ILE F 244 8.37 -0.96 37.48
CA ILE F 244 9.26 -0.21 38.32
C ILE F 244 9.05 -0.68 39.76
N ALA F 245 10.02 -1.41 40.26
CA ALA F 245 9.88 -2.10 41.54
C ALA F 245 9.96 -1.13 42.70
N HIS F 246 9.75 -1.65 43.90
CA HIS F 246 9.74 -0.82 45.10
C HIS F 246 11.09 -0.14 45.32
N ASN F 247 11.01 1.12 45.73
CA ASN F 247 12.18 1.92 46.08
C ASN F 247 13.10 2.26 44.92
N VAL F 248 12.62 2.13 43.69
CA VAL F 248 13.37 2.65 42.57
C VAL F 248 13.36 4.19 42.66
N VAL F 249 14.46 4.82 42.29
CA VAL F 249 14.51 6.29 42.23
C VAL F 249 14.95 6.65 40.83
N ILE F 250 14.10 7.41 40.14
CA ILE F 250 14.39 7.81 38.77
C ILE F 250 14.59 9.32 38.67
N GLY F 251 15.78 9.74 38.25
CA GLY F 251 16.11 11.17 38.16
C GLY F 251 15.36 11.94 37.11
N ASP F 252 15.35 13.27 37.26
CA ASP F 252 14.62 14.16 36.35
C ASP F 252 14.90 13.95 34.86
N ASN F 253 13.83 14.07 34.06
CA ASN F 253 13.89 14.00 32.58
C ASN F 253 14.40 12.70 31.97
N THR F 254 14.47 11.66 32.78
CA THR F 254 14.82 10.34 32.26
C THR F 254 13.68 9.74 31.42
N ALA F 255 14.07 9.00 30.39
CA ALA F 255 13.11 8.35 29.49
C ALA F 255 13.25 6.85 29.61
N VAL F 256 12.13 6.19 29.86
CA VAL F 256 12.08 4.74 29.94
C VAL F 256 11.14 4.21 28.85
N ALA F 257 11.68 3.49 27.88
CA ALA F 257 10.88 3.01 26.76
C ALA F 257 10.10 1.75 27.15
N GLY F 258 9.45 1.12 26.19
CA GLY F 258 8.48 0.08 26.51
C GLY F 258 9.03 -1.19 27.14
N GLY F 259 8.33 -1.74 28.12
CA GLY F 259 8.61 -3.09 28.60
C GLY F 259 9.90 -3.25 29.37
N VAL F 260 10.37 -2.15 29.97
CA VAL F 260 11.56 -2.20 30.83
C VAL F 260 11.21 -2.78 32.20
N ILE F 261 12.06 -3.67 32.69
CA ILE F 261 11.89 -4.24 34.03
C ILE F 261 13.01 -3.78 34.95
N MET F 262 12.67 -3.02 35.98
CA MET F 262 13.66 -2.54 36.94
C MET F 262 13.45 -3.22 38.29
N ALA F 263 14.53 -3.77 38.84
CA ALA F 263 14.47 -4.45 40.14
C ALA F 263 14.56 -3.43 41.28
N GLY F 264 14.35 -3.92 42.51
CA GLY F 264 14.22 -3.05 43.67
C GLY F 264 15.44 -2.20 44.01
N SER F 265 15.17 -0.98 44.44
CA SER F 265 16.21 -0.05 44.93
C SER F 265 17.23 0.32 43.87
N LEU F 266 16.81 0.33 42.61
CA LEU F 266 17.66 0.87 41.56
C LEU F 266 17.57 2.39 41.61
N LYS F 267 18.72 3.06 41.48
CA LYS F 267 18.73 4.52 41.32
C LYS F 267 19.27 4.89 39.95
N ILE F 268 18.46 5.61 39.18
CA ILE F 268 18.84 6.05 37.83
C ILE F 268 18.95 7.57 37.83
N GLY F 269 20.02 8.09 37.26
CA GLY F 269 20.24 9.52 37.27
C GLY F 269 19.38 10.28 36.29
N ARG F 270 19.74 11.54 36.06
CA ARG F 270 18.99 12.44 35.20
C ARG F 270 19.40 12.25 33.75
N TYR F 271 18.47 12.58 32.85
CA TYR F 271 18.70 12.56 31.40
C TYR F 271 19.20 11.22 30.90
N CYS F 272 18.74 10.12 31.50
CA CYS F 272 19.04 8.81 30.93
C CYS F 272 17.98 8.40 29.93
N MET F 273 18.32 7.42 29.08
CA MET F 273 17.41 6.85 28.07
C MET F 273 17.55 5.34 28.19
N ILE F 274 16.51 4.68 28.70
CA ILE F 274 16.55 3.23 28.87
C ILE F 274 15.71 2.64 27.76
N GLY F 275 16.35 1.86 26.89
CA GLY F 275 15.67 1.34 25.70
C GLY F 275 14.72 0.20 26.01
N GLY F 276 13.80 -0.06 25.09
CA GLY F 276 12.73 -1.01 25.30
C GLY F 276 13.21 -2.37 25.75
N ALA F 277 12.52 -2.94 26.73
CA ALA F 277 12.73 -4.31 27.15
C ALA F 277 14.09 -4.60 27.78
N SER F 278 14.78 -3.54 28.19
CA SER F 278 15.95 -3.71 29.08
C SER F 278 15.53 -4.26 30.43
N VAL F 279 16.44 -5.03 31.04
CA VAL F 279 16.25 -5.61 32.36
C VAL F 279 17.36 -5.10 33.24
N ILE F 280 17.00 -4.40 34.31
CA ILE F 280 18.01 -3.75 35.13
C ILE F 280 18.05 -4.29 36.55
N ASN F 281 19.24 -4.75 36.93
CA ASN F 281 19.50 -5.25 38.28
C ASN F 281 19.28 -4.19 39.35
N GLY F 282 18.95 -4.61 40.57
CA GLY F 282 18.59 -3.66 41.60
C GLY F 282 19.73 -3.35 42.56
N HIS F 283 19.44 -2.56 43.59
CA HIS F 283 20.42 -2.18 44.62
C HIS F 283 21.71 -1.68 44.00
N MET F 284 21.61 -0.75 43.07
CA MET F 284 22.78 -0.18 42.42
C MET F 284 22.38 1.11 41.75
N GLU F 285 23.38 1.80 41.21
CA GLU F 285 23.16 3.11 40.66
C GLU F 285 23.61 3.22 39.21
N ILE F 286 22.82 3.95 38.45
CA ILE F 286 23.18 4.32 37.08
C ILE F 286 23.29 5.83 37.08
N CYS F 287 24.46 6.34 36.73
CA CYS F 287 24.71 7.79 36.77
C CYS F 287 23.95 8.55 35.67
N ASP F 288 24.08 9.88 35.68
CA ASP F 288 23.41 10.75 34.70
C ASP F 288 23.85 10.49 33.26
N LYS F 289 22.95 10.78 32.33
CA LYS F 289 23.25 10.77 30.90
C LYS F 289 23.75 9.42 30.38
N VAL F 290 23.17 8.34 30.87
CA VAL F 290 23.44 7.02 30.33
C VAL F 290 22.35 6.59 29.34
N THR F 291 22.76 6.05 28.21
CA THR F 291 21.82 5.46 27.27
C THR F 291 22.05 3.97 27.25
N VAL F 292 21.01 3.21 27.58
CA VAL F 292 21.04 1.75 27.43
C VAL F 292 20.16 1.40 26.23
N THR F 293 20.73 0.72 25.25
CA THR F 293 19.96 0.36 24.04
C THR F 293 19.00 -0.80 24.35
N GLY F 294 18.04 -1.04 23.46
CA GLY F 294 16.97 -1.99 23.73
C GLY F 294 17.42 -3.40 24.08
N MET F 295 16.65 -4.04 24.97
CA MET F 295 16.96 -5.39 25.44
C MET F 295 18.30 -5.47 26.18
N GLY F 296 18.82 -4.33 26.62
CA GLY F 296 20.03 -4.34 27.43
C GLY F 296 19.90 -5.16 28.70
N MET F 297 20.93 -5.97 28.99
CA MET F 297 21.00 -6.73 30.23
C MET F 297 21.91 -5.97 31.18
N VAL F 298 21.32 -5.28 32.14
CA VAL F 298 22.08 -4.34 32.96
C VAL F 298 22.34 -4.96 34.31
N MET F 299 23.48 -5.61 34.43
CA MET F 299 23.81 -6.35 35.63
C MET F 299 24.60 -5.48 36.64
N ARG F 300 25.40 -4.56 36.13
CA ARG F 300 26.31 -3.79 36.96
C ARG F 300 25.99 -2.30 37.01
N PRO F 301 26.45 -1.63 38.06
CA PRO F 301 26.36 -0.17 38.15
C PRO F 301 27.04 0.50 36.95
N ILE F 302 26.52 1.64 36.52
CA ILE F 302 27.12 2.38 35.41
C ILE F 302 27.54 3.75 35.92
N THR F 303 28.85 3.98 35.97
CA THR F 303 29.40 5.17 36.62
C THR F 303 29.87 6.23 35.62
N GLU F 304 29.83 5.87 34.34
CA GLU F 304 30.31 6.76 33.28
C GLU F 304 29.22 7.01 32.24
N PRO F 305 29.00 8.28 31.85
CA PRO F 305 28.00 8.63 30.84
C PRO F 305 28.28 7.93 29.52
N GLY F 306 27.27 7.79 28.66
CA GLY F 306 27.50 7.18 27.36
C GLY F 306 26.48 6.13 26.97
N VAL F 307 26.70 5.50 25.81
CA VAL F 307 25.78 4.50 25.27
C VAL F 307 26.30 3.09 25.54
N TYR F 308 25.43 2.25 26.12
CA TYR F 308 25.83 0.88 26.43
C TYR F 308 24.84 -0.10 25.80
N SER F 309 25.33 -1.27 25.43
CA SER F 309 24.51 -2.25 24.72
C SER F 309 24.82 -3.70 25.12
N SER F 310 23.88 -4.61 24.86
CA SER F 310 24.14 -6.04 24.99
C SER F 310 23.28 -6.83 24.02
N GLY F 311 23.58 -8.13 23.91
CA GLY F 311 22.77 -9.01 23.09
C GLY F 311 23.41 -9.44 21.79
N ILE F 312 23.16 -10.66 21.38
CA ILE F 312 23.52 -11.13 20.05
C ILE F 312 22.31 -11.07 19.14
N PRO F 313 22.44 -10.35 18.05
CA PRO F 313 21.35 -10.13 17.10
C PRO F 313 20.86 -11.41 16.42
N LEU F 314 19.71 -11.33 15.78
CA LEU F 314 19.09 -12.43 15.08
C LEU F 314 19.99 -13.07 14.02
N GLN F 315 19.92 -14.37 13.88
CA GLN F 315 20.54 -15.05 12.74
C GLN F 315 19.55 -16.04 12.15
N PRO F 316 19.77 -16.47 10.87
CA PRO F 316 18.91 -17.53 10.36
C PRO F 316 19.02 -18.76 11.29
N ASN F 317 17.92 -19.46 11.53
CA ASN F 317 17.87 -20.49 12.58
C ASN F 317 19.04 -21.50 12.55
N LYS F 318 19.33 -22.05 11.37
CA LYS F 318 20.41 -23.03 11.23
C LYS F 318 21.77 -22.45 11.60
N VAL F 319 21.97 -21.17 11.32
CA VAL F 319 23.20 -20.49 11.68
C VAL F 319 23.27 -20.29 13.20
N TRP F 320 22.17 -19.78 13.76
CA TRP F 320 22.07 -19.58 15.21
C TRP F 320 22.39 -20.84 16.02
N ARG F 321 21.86 -21.99 15.60
CA ARG F 321 22.08 -23.25 16.30
C ARG F 321 23.56 -23.49 16.49
N LYS F 322 24.30 -23.31 15.41
CA LYS F 322 25.75 -23.42 15.44
C LYS F 322 26.38 -22.36 16.36
N THR F 323 25.99 -21.10 16.16
CA THR F 323 26.51 -20.01 16.99
C THR F 323 26.27 -20.30 18.46
N ALA F 324 25.06 -20.72 18.79
CA ALA F 324 24.69 -20.96 20.18
C ALA F 324 25.52 -22.07 20.79
N ALA F 325 25.64 -23.18 20.05
CA ALA F 325 26.42 -24.32 20.53
C ALA F 325 27.89 -23.95 20.73
N LEU F 326 28.46 -23.19 19.79
CA LEU F 326 29.86 -22.77 19.90
C LEU F 326 30.11 -21.83 21.07
N VAL F 327 29.19 -20.90 21.31
CA VAL F 327 29.31 -19.99 22.45
C VAL F 327 29.25 -20.78 23.76
N MET F 328 28.38 -21.78 23.82
CA MET F 328 28.22 -22.56 25.03
C MET F 328 29.47 -23.39 25.36
N ASN F 329 30.27 -23.70 24.34
CA ASN F 329 31.55 -24.39 24.55
C ASN F 329 32.77 -23.48 24.39
N ILE F 330 32.58 -22.18 24.59
CA ILE F 330 33.66 -21.22 24.38
C ILE F 330 34.83 -21.42 25.35
N ASP F 331 34.55 -22.03 26.51
CA ASP F 331 35.60 -22.40 27.45
C ASP F 331 36.56 -23.42 26.84
N ASP F 332 35.99 -24.44 26.21
CA ASP F 332 36.77 -25.44 25.51
C ASP F 332 37.61 -24.80 24.39
N MET F 333 36.98 -23.91 23.61
CA MET F 333 37.67 -23.19 22.55
C MET F 333 38.83 -22.36 23.09
N SER F 334 38.67 -21.81 24.29
CA SER F 334 39.70 -20.99 24.91
C SER F 334 40.91 -21.85 25.28
N LYS F 335 40.65 -23.03 25.84
CA LYS F 335 41.73 -23.92 26.24
C LYS F 335 42.50 -24.45 25.04
N ARG F 336 41.77 -24.82 23.98
CA ARG F 336 42.41 -25.27 22.74
C ARG F 336 43.31 -24.19 22.16
N LEU F 337 42.96 -22.93 22.40
CA LEU F 337 43.76 -21.81 21.92
C LEU F 337 45.05 -21.65 22.72
N LYS F 338 44.97 -21.84 24.03
CA LYS F 338 46.14 -21.66 24.89
C LYS F 338 46.95 -22.94 25.03
N SER F 339 46.43 -24.02 24.44
CA SER F 339 47.16 -25.29 24.36
C SER F 339 47.81 -25.39 22.99
N LEU F 340 47.57 -24.38 22.16
CA LEU F 340 48.14 -24.31 20.82
C LEU F 340 49.16 -23.18 20.78
N GLU F 341 48.99 -22.22 21.68
CA GLU F 341 49.95 -21.15 21.87
C GLU F 341 51.21 -21.71 22.54
N ARG F 342 51.00 -22.68 23.42
CA ARG F 342 52.08 -23.41 24.07
C ARG F 342 52.74 -24.37 23.09
N LYS F 343 51.93 -25.19 22.45
CA LYS F 343 52.38 -26.19 21.46
C LYS F 343 52.85 -25.52 20.16
N VAL F 344 53.20 -24.24 20.25
CA VAL F 344 53.90 -23.52 19.18
C VAL F 344 55.31 -23.22 19.71
N ASN F 345 55.37 -22.96 21.03
CA ASN F 345 56.64 -22.88 21.73
C ASN F 345 57.02 -24.23 22.34
N GLU G 7 7.45 -11.09 -74.46
CA GLU G 7 6.29 -10.32 -74.06
C GLU G 7 5.43 -11.06 -73.05
N GLU G 8 5.05 -12.30 -73.38
CA GLU G 8 4.21 -13.11 -72.51
C GLU G 8 4.83 -13.32 -71.12
N ARG G 9 6.17 -13.32 -71.08
CA ARG G 9 6.89 -13.38 -69.81
C ARG G 9 6.54 -12.18 -68.93
N VAL G 10 6.75 -10.98 -69.46
CA VAL G 10 6.34 -9.73 -68.83
C VAL G 10 4.87 -9.80 -68.40
N LYS G 11 4.01 -10.20 -69.33
CA LYS G 11 2.57 -10.25 -69.11
C LYS G 11 2.13 -11.24 -68.02
N LYS G 12 2.94 -12.27 -67.76
CA LYS G 12 2.66 -13.19 -66.67
C LYS G 12 3.04 -12.56 -65.33
N ILE G 13 4.11 -11.78 -65.34
CA ILE G 13 4.56 -11.04 -64.16
C ILE G 13 3.57 -9.93 -63.80
N ILE G 14 3.19 -9.14 -64.80
CA ILE G 14 2.19 -8.08 -64.64
C ILE G 14 0.86 -8.67 -64.17
N GLY G 15 0.51 -9.84 -64.73
CA GLY G 15 -0.69 -10.54 -64.34
C GLY G 15 -0.65 -11.07 -62.91
N GLU G 16 0.50 -11.56 -62.48
CA GLU G 16 0.62 -12.15 -61.14
C GLU G 16 0.68 -11.10 -60.02
N GLN G 17 1.48 -10.05 -60.23
CA GLN G 17 1.57 -8.95 -59.27
C GLN G 17 0.22 -8.27 -59.11
N LEU G 18 -0.27 -7.71 -60.21
CA LEU G 18 -1.53 -6.93 -60.21
C LEU G 18 -2.78 -7.76 -59.90
N GLY G 19 -2.61 -9.06 -59.67
CA GLY G 19 -3.71 -9.94 -59.33
C GLY G 19 -4.79 -10.03 -60.39
N VAL G 20 -4.39 -10.18 -61.65
CA VAL G 20 -5.34 -10.23 -62.76
C VAL G 20 -5.23 -11.53 -63.55
N LYS G 21 -6.19 -11.74 -64.44
CA LYS G 21 -6.14 -12.85 -65.38
C LYS G 21 -5.52 -12.35 -66.69
N GLN G 22 -4.71 -13.21 -67.31
CA GLN G 22 -3.95 -12.88 -68.52
C GLN G 22 -4.80 -12.29 -69.65
N GLU G 23 -6.09 -12.63 -69.66
CA GLU G 23 -7.04 -12.11 -70.65
C GLU G 23 -7.27 -10.60 -70.49
N GLU G 24 -6.78 -10.04 -69.40
CA GLU G 24 -6.95 -8.62 -69.13
C GLU G 24 -5.70 -7.81 -69.47
N VAL G 25 -4.57 -8.49 -69.55
CA VAL G 25 -3.33 -7.82 -69.93
C VAL G 25 -3.34 -7.48 -71.42
N THR G 26 -3.83 -6.29 -71.73
CA THR G 26 -3.89 -5.78 -73.09
C THR G 26 -2.64 -4.95 -73.35
N ASN G 27 -2.10 -5.03 -74.58
CA ASN G 27 -1.00 -4.17 -75.01
C ASN G 27 -1.26 -2.68 -74.75
N ASN G 28 -2.53 -2.34 -74.60
CA ASN G 28 -2.99 -0.97 -74.36
C ASN G 28 -3.03 -0.62 -72.88
N ALA G 29 -3.30 -1.63 -72.05
CA ALA G 29 -3.63 -1.45 -70.64
C ALA G 29 -2.65 -0.64 -69.77
N SER G 30 -3.17 0.35 -69.07
CA SER G 30 -2.41 1.10 -68.08
C SER G 30 -2.61 0.45 -66.71
N PHE G 31 -1.54 0.36 -65.93
CA PHE G 31 -1.57 -0.31 -64.62
C PHE G 31 -2.64 0.25 -63.67
N VAL G 32 -2.62 1.57 -63.48
CA VAL G 32 -3.55 2.21 -62.57
C VAL G 32 -4.99 2.24 -63.12
N GLU G 33 -5.14 2.76 -64.34
CA GLU G 33 -6.47 2.94 -64.94
C GLU G 33 -7.17 1.62 -65.27
N ASP G 34 -6.47 0.75 -66.01
CA ASP G 34 -7.06 -0.49 -66.50
C ASP G 34 -6.93 -1.67 -65.53
N LEU G 35 -5.85 -1.70 -64.76
CA LEU G 35 -5.50 -2.90 -63.99
C LEU G 35 -5.48 -2.71 -62.47
N GLY G 36 -6.15 -1.68 -61.97
CA GLY G 36 -6.32 -1.47 -60.53
C GLY G 36 -5.07 -1.46 -59.69
N ALA G 37 -3.99 -0.90 -60.23
CA ALA G 37 -2.74 -0.78 -59.50
C ALA G 37 -2.84 0.26 -58.39
N ASP G 38 -2.43 -0.12 -57.18
CA ASP G 38 -2.40 0.83 -56.07
C ASP G 38 -1.10 1.63 -56.04
N SER G 39 -0.90 2.37 -54.95
CA SER G 39 0.24 3.27 -54.83
C SER G 39 1.60 2.55 -54.78
N LEU G 40 1.61 1.31 -54.31
CA LEU G 40 2.85 0.53 -54.25
C LEU G 40 2.95 -0.51 -55.38
N ASP G 41 1.87 -0.68 -56.14
CA ASP G 41 1.79 -1.76 -57.13
C ASP G 41 2.82 -1.67 -58.26
N THR G 42 2.94 -0.52 -58.91
CA THR G 42 3.85 -0.38 -60.05
C THR G 42 5.33 -0.45 -59.63
N VAL G 43 5.66 0.19 -58.51
CA VAL G 43 7.02 0.11 -57.98
C VAL G 43 7.40 -1.34 -57.69
N GLU G 44 6.47 -2.08 -57.08
CA GLU G 44 6.70 -3.51 -56.79
C GLU G 44 6.70 -4.37 -58.06
N LEU G 45 5.97 -3.93 -59.07
CA LEU G 45 5.93 -4.61 -60.36
C LEU G 45 7.22 -4.37 -61.15
N VAL G 46 7.75 -3.16 -61.04
CA VAL G 46 9.03 -2.81 -61.65
C VAL G 46 10.19 -3.59 -60.99
N MET G 47 10.06 -3.84 -59.69
CA MET G 47 11.03 -4.66 -58.98
C MET G 47 10.91 -6.11 -59.43
N ALA G 48 9.69 -6.53 -59.77
CA ALA G 48 9.44 -7.89 -60.21
C ALA G 48 10.07 -8.15 -61.58
N LEU G 49 10.03 -7.15 -62.45
CA LEU G 49 10.64 -7.24 -63.77
C LEU G 49 12.17 -7.13 -63.69
N GLU G 50 12.65 -6.59 -62.57
CA GLU G 50 14.09 -6.48 -62.33
C GLU G 50 14.70 -7.87 -62.09
N GLU G 51 13.92 -8.74 -61.48
CA GLU G 51 14.40 -10.05 -61.03
C GLU G 51 14.39 -11.10 -62.13
N GLU G 52 13.31 -11.16 -62.89
CA GLU G 52 13.17 -12.17 -63.95
C GLU G 52 13.84 -11.71 -65.26
N PHE G 53 14.39 -10.51 -65.25
CA PHE G 53 15.15 -10.03 -66.40
C PHE G 53 16.60 -9.70 -66.04
N ASP G 54 17.03 -10.21 -64.88
CA ASP G 54 18.42 -10.11 -64.41
C ASP G 54 19.07 -8.76 -64.70
N THR G 55 18.39 -7.67 -64.33
CA THR G 55 18.86 -6.34 -64.66
C THR G 55 18.50 -5.28 -63.63
N GLU G 56 18.65 -4.01 -64.01
CA GLU G 56 18.35 -2.89 -63.14
C GLU G 56 17.81 -1.71 -63.96
N ILE G 57 16.61 -1.25 -63.60
CA ILE G 57 15.94 -0.20 -64.36
C ILE G 57 16.16 1.19 -63.76
N PRO G 58 16.71 2.12 -64.55
CA PRO G 58 17.01 3.48 -64.09
C PRO G 58 15.75 4.29 -63.78
N ASP G 59 15.87 5.28 -62.90
CA ASP G 59 14.72 6.03 -62.43
C ASP G 59 14.14 6.96 -63.49
N GLU G 60 14.96 7.31 -64.47
CA GLU G 60 14.52 8.12 -65.60
C GLU G 60 13.66 7.30 -66.56
N GLU G 61 13.65 5.98 -66.36
CA GLU G 61 13.02 5.07 -67.30
C GLU G 61 11.82 4.34 -66.72
N ALA G 62 11.96 3.83 -65.50
CA ALA G 62 10.86 3.14 -64.82
C ALA G 62 9.66 4.07 -64.66
N GLU G 63 9.97 5.34 -64.42
CA GLU G 63 8.98 6.41 -64.36
C GLU G 63 8.09 6.42 -65.62
N LYS G 64 8.65 5.94 -66.72
CA LYS G 64 7.97 5.89 -68.01
C LYS G 64 7.38 4.50 -68.27
N ILE G 65 7.23 3.71 -67.21
CA ILE G 65 6.66 2.36 -67.32
C ILE G 65 5.34 2.25 -66.55
N THR G 66 4.27 2.75 -67.16
CA THR G 66 2.96 2.81 -66.50
C THR G 66 1.89 1.99 -67.23
N THR G 67 2.30 1.39 -68.34
CA THR G 67 1.42 0.57 -69.15
C THR G 67 2.23 -0.57 -69.78
N VAL G 68 1.59 -1.69 -70.11
CA VAL G 68 2.31 -2.89 -70.55
C VAL G 68 3.10 -2.70 -71.85
N GLN G 69 2.67 -1.78 -72.71
CA GLN G 69 3.44 -1.42 -73.90
C GLN G 69 4.75 -0.77 -73.48
N ALA G 70 4.69 0.19 -72.57
CA ALA G 70 5.89 0.82 -72.01
C ALA G 70 6.79 -0.18 -71.29
N ALA G 71 6.18 -1.21 -70.71
CA ALA G 71 6.92 -2.29 -70.06
C ALA G 71 7.68 -3.13 -71.09
N ILE G 72 6.94 -3.68 -72.05
CA ILE G 72 7.52 -4.48 -73.13
C ILE G 72 8.50 -3.68 -74.01
N ASP G 73 8.12 -2.46 -74.37
CA ASP G 73 8.93 -1.65 -75.30
C ASP G 73 10.29 -1.22 -74.73
N TYR G 74 10.44 -1.32 -73.40
CA TYR G 74 11.72 -0.99 -72.75
C TYR G 74 12.67 -2.18 -72.69
N ILE G 75 12.16 -3.34 -72.28
CA ILE G 75 12.96 -4.56 -72.28
C ILE G 75 13.39 -4.91 -73.72
N ASN G 76 12.61 -4.44 -74.69
CA ASN G 76 12.99 -4.52 -76.10
C ASN G 76 13.55 -3.19 -76.60
N ASP H 38 9.32 -12.61 -26.55
CA ASP H 38 8.13 -11.95 -27.09
C ASP H 38 7.98 -12.16 -28.60
N SER H 39 7.32 -11.20 -29.26
CA SER H 39 7.08 -11.28 -30.70
C SER H 39 8.35 -11.09 -31.54
N LEU H 40 9.33 -10.39 -30.98
CA LEU H 40 10.56 -10.09 -31.72
C LEU H 40 11.79 -10.75 -31.09
N ASP H 41 11.61 -11.40 -29.95
CA ASP H 41 12.73 -11.98 -29.20
C ASP H 41 13.43 -13.12 -29.94
N THR H 42 12.65 -14.10 -30.41
CA THR H 42 13.23 -15.28 -31.04
C THR H 42 13.84 -14.98 -32.41
N VAL H 43 13.21 -14.09 -33.18
CA VAL H 43 13.81 -13.63 -34.44
C VAL H 43 15.18 -13.03 -34.16
N GLU H 44 15.22 -12.10 -33.19
CA GLU H 44 16.46 -11.44 -32.79
C GLU H 44 17.51 -12.42 -32.27
N LEU H 45 17.06 -13.48 -31.59
CA LEU H 45 17.96 -14.51 -31.08
C LEU H 45 18.68 -15.23 -32.22
N VAL H 46 17.91 -15.68 -33.20
CA VAL H 46 18.44 -16.30 -34.41
C VAL H 46 19.49 -15.41 -35.11
N MET H 47 19.26 -14.10 -35.08
CA MET H 47 20.23 -13.15 -35.61
C MET H 47 21.54 -13.21 -34.81
N MET I 3 45.27 -13.37 -10.42
CA MET I 3 45.72 -12.00 -10.13
C MET I 3 44.62 -10.98 -10.36
N SER I 4 44.58 -9.95 -9.53
CA SER I 4 43.59 -8.89 -9.69
C SER I 4 44.07 -7.55 -9.10
N THR I 5 43.45 -6.45 -9.51
CA THR I 5 43.85 -5.14 -9.05
C THR I 5 43.48 -4.94 -7.60
N ILE I 6 44.04 -3.91 -6.98
CA ILE I 6 43.66 -3.51 -5.63
C ILE I 6 42.16 -3.18 -5.60
N GLU I 7 41.73 -2.44 -6.61
CA GLU I 7 40.32 -2.07 -6.82
C GLU I 7 39.38 -3.28 -6.77
N GLU I 8 39.67 -4.30 -7.58
CA GLU I 8 38.89 -5.53 -7.60
C GLU I 8 38.78 -6.15 -6.21
N ARG I 9 39.91 -6.35 -5.55
CA ARG I 9 39.94 -7.02 -4.25
C ARG I 9 39.05 -6.34 -3.20
N VAL I 10 39.15 -5.01 -3.12
CA VAL I 10 38.33 -4.24 -2.20
C VAL I 10 36.84 -4.40 -2.53
N LYS I 11 36.49 -4.28 -3.81
CA LYS I 11 35.10 -4.45 -4.25
C LYS I 11 34.57 -5.85 -3.95
N LYS I 12 35.39 -6.87 -4.17
CA LYS I 12 34.99 -8.25 -3.91
C LYS I 12 34.61 -8.45 -2.45
N ILE I 13 35.42 -7.89 -1.56
CA ILE I 13 35.16 -7.95 -0.12
C ILE I 13 33.89 -7.21 0.28
N ILE I 14 33.72 -5.99 -0.24
CA ILE I 14 32.52 -5.21 0.00
C ILE I 14 31.29 -5.96 -0.49
N GLY I 15 31.37 -6.46 -1.73
CA GLY I 15 30.28 -7.21 -2.34
C GLY I 15 29.89 -8.46 -1.56
N GLU I 16 30.85 -9.08 -0.90
CA GLU I 16 30.58 -10.26 -0.07
C GLU I 16 29.96 -9.85 1.28
N GLN I 17 30.68 -9.00 2.01
CA GLN I 17 30.27 -8.56 3.35
C GLN I 17 28.95 -7.77 3.36
N LEU I 18 28.42 -7.47 2.18
CA LEU I 18 27.14 -6.75 2.08
C LEU I 18 26.18 -7.53 1.20
N GLY I 19 26.58 -8.76 0.86
CA GLY I 19 25.79 -9.67 0.05
C GLY I 19 25.14 -9.08 -1.18
N VAL I 20 25.95 -8.58 -2.11
CA VAL I 20 25.40 -7.98 -3.33
C VAL I 20 26.18 -8.36 -4.60
N LYS I 21 25.67 -7.89 -5.74
CA LYS I 21 26.32 -8.07 -7.03
C LYS I 21 27.43 -7.05 -7.20
N GLN I 22 28.48 -7.43 -7.92
CA GLN I 22 29.58 -6.51 -8.16
C GLN I 22 29.22 -5.38 -9.13
N GLU I 23 28.11 -5.56 -9.85
CA GLU I 23 27.64 -4.52 -10.76
C GLU I 23 27.16 -3.27 -10.01
N GLU I 24 26.65 -3.47 -8.79
CA GLU I 24 26.12 -2.36 -8.00
C GLU I 24 27.21 -1.58 -7.29
N VAL I 25 28.33 -2.25 -7.01
CA VAL I 25 29.42 -1.61 -6.29
C VAL I 25 30.30 -0.75 -7.22
N THR I 26 29.83 0.48 -7.43
CA THR I 26 30.57 1.48 -8.18
C THR I 26 31.65 2.05 -7.28
N ASN I 27 32.36 3.06 -7.77
CA ASN I 27 33.38 3.70 -6.95
C ASN I 27 32.78 4.76 -6.01
N ASN I 28 31.72 5.41 -6.46
CA ASN I 28 31.06 6.46 -5.68
C ASN I 28 30.00 5.92 -4.71
N ALA I 29 29.61 4.65 -4.90
CA ALA I 29 28.61 4.00 -4.05
C ALA I 29 28.92 4.12 -2.56
N SER I 30 27.99 4.70 -1.81
CA SER I 30 28.13 4.77 -0.36
C SER I 30 27.60 3.49 0.28
N PHE I 31 28.22 3.07 1.38
CA PHE I 31 27.83 1.83 2.05
C PHE I 31 26.39 1.88 2.57
N VAL I 32 26.08 2.93 3.32
CA VAL I 32 24.74 3.12 3.85
C VAL I 32 23.76 3.59 2.77
N GLU I 33 24.06 4.73 2.17
CA GLU I 33 23.15 5.41 1.25
C GLU I 33 22.75 4.60 0.00
N ASP I 34 23.73 3.99 -0.67
CA ASP I 34 23.48 3.29 -1.92
C ASP I 34 23.59 1.76 -1.82
N LEU I 35 24.22 1.26 -0.76
CA LEU I 35 24.44 -0.18 -0.62
C LEU I 35 23.62 -0.87 0.47
N GLY I 36 22.78 -0.09 1.16
CA GLY I 36 21.85 -0.65 2.14
C GLY I 36 22.48 -1.42 3.30
N ALA I 37 23.45 -0.79 3.96
CA ALA I 37 24.09 -1.39 5.13
C ALA I 37 23.88 -0.51 6.35
N ASP I 38 24.00 -1.09 7.54
CA ASP I 38 23.94 -0.33 8.78
C ASP I 38 25.34 -0.11 9.34
N SER I 39 25.42 0.51 10.51
CA SER I 39 26.71 0.86 11.12
C SER I 39 27.44 -0.36 11.70
N LEU I 40 26.69 -1.43 11.96
CA LEU I 40 27.32 -2.69 12.40
C LEU I 40 27.95 -3.37 11.20
N ASP I 41 27.24 -3.35 10.08
CA ASP I 41 27.73 -3.88 8.80
C ASP I 41 29.09 -3.30 8.42
N THR I 42 29.27 -2.01 8.67
CA THR I 42 30.50 -1.31 8.29
C THR I 42 31.63 -1.64 9.26
N VAL I 43 31.27 -1.98 10.50
CA VAL I 43 32.23 -2.52 11.46
C VAL I 43 32.75 -3.87 10.98
N GLU I 44 31.83 -4.74 10.54
CA GLU I 44 32.20 -6.05 10.00
C GLU I 44 32.95 -5.91 8.68
N LEU I 45 32.61 -4.87 7.90
CA LEU I 45 33.26 -4.63 6.62
C LEU I 45 34.71 -4.24 6.82
N VAL I 46 34.96 -3.35 7.77
CA VAL I 46 36.33 -2.96 8.10
C VAL I 46 37.14 -4.15 8.61
N MET I 47 36.52 -4.97 9.45
CA MET I 47 37.14 -6.21 9.94
C MET I 47 37.53 -7.11 8.77
N ALA I 48 36.69 -7.17 7.75
CA ALA I 48 36.98 -7.95 6.55
C ALA I 48 38.14 -7.33 5.76
N LEU I 49 38.12 -6.01 5.59
CA LEU I 49 39.21 -5.30 4.92
C LEU I 49 40.52 -5.48 5.69
N GLU I 50 40.44 -5.36 7.02
CA GLU I 50 41.60 -5.53 7.89
C GLU I 50 42.29 -6.87 7.67
N GLU I 51 41.50 -7.95 7.68
CA GLU I 51 42.03 -9.29 7.48
C GLU I 51 42.72 -9.37 6.12
N GLU I 52 41.94 -9.25 5.05
CA GLU I 52 42.44 -9.46 3.70
C GLU I 52 43.68 -8.67 3.31
N PHE I 53 43.83 -7.46 3.83
CA PHE I 53 45.01 -6.64 3.54
C PHE I 53 45.99 -6.62 4.71
N ASP I 54 45.77 -7.53 5.66
CA ASP I 54 46.66 -7.77 6.79
C ASP I 54 47.17 -6.49 7.47
N THR I 55 46.28 -5.52 7.66
CA THR I 55 46.60 -4.30 8.37
C THR I 55 45.62 -4.06 9.52
N GLU I 56 45.93 -3.09 10.37
CA GLU I 56 45.05 -2.74 11.48
C GLU I 56 44.48 -1.35 11.27
N ILE I 57 43.33 -1.25 10.62
CA ILE I 57 42.71 0.05 10.41
C ILE I 57 42.28 0.65 11.75
N PRO I 58 42.87 1.80 12.10
CA PRO I 58 42.54 2.52 13.35
C PRO I 58 41.09 2.98 13.34
N ASP I 59 40.51 3.13 14.52
CA ASP I 59 39.15 3.63 14.66
C ASP I 59 39.01 5.03 14.06
N GLU I 60 40.08 5.81 14.14
CA GLU I 60 40.07 7.20 13.65
C GLU I 60 40.02 7.26 12.12
N GLU I 61 40.48 6.21 11.46
CA GLU I 61 40.33 6.12 10.01
C GLU I 61 39.21 5.15 9.62
N ALA I 62 38.85 4.26 10.53
CA ALA I 62 37.74 3.34 10.31
C ALA I 62 36.42 4.09 10.14
N GLU I 63 36.31 5.21 10.86
CA GLU I 63 35.13 6.08 10.79
C GLU I 63 35.01 6.78 9.44
N LYS I 64 36.13 6.90 8.73
CA LYS I 64 36.18 7.65 7.47
C LYS I 64 35.68 6.84 6.27
N ILE I 65 35.79 5.52 6.36
CA ILE I 65 35.45 4.63 5.24
C ILE I 65 33.93 4.48 5.08
N THR I 66 33.32 5.50 4.44
CA THR I 66 31.88 5.58 4.26
C THR I 66 31.46 5.03 2.90
N THR I 67 32.32 5.23 1.91
CA THR I 67 32.02 4.80 0.55
C THR I 67 33.03 3.81 -0.03
N VAL I 68 32.74 3.32 -1.23
CA VAL I 68 33.62 2.38 -1.93
C VAL I 68 34.98 3.02 -2.28
N GLN I 69 34.97 4.25 -2.77
CA GLN I 69 36.22 4.94 -3.10
C GLN I 69 37.11 5.18 -1.88
N ALA I 70 36.49 5.52 -0.75
CA ALA I 70 37.23 5.77 0.49
C ALA I 70 37.93 4.50 0.97
N ALA I 71 37.30 3.36 0.73
CA ALA I 71 37.90 2.07 1.05
C ALA I 71 39.12 1.85 0.17
N ILE I 72 38.95 2.05 -1.13
CA ILE I 72 40.04 1.95 -2.10
C ILE I 72 41.21 2.88 -1.75
N ASP I 73 40.90 4.15 -1.51
CA ASP I 73 41.91 5.16 -1.18
C ASP I 73 42.70 4.80 0.07
N TYR I 74 42.00 4.32 1.10
CA TYR I 74 42.70 3.96 2.33
C TYR I 74 43.64 2.77 2.08
N ILE I 75 43.23 1.86 1.21
CA ILE I 75 44.10 0.77 0.81
C ILE I 75 45.26 1.29 -0.07
N ASN I 76 45.00 2.37 -0.81
CA ASN I 76 46.04 3.04 -1.61
C ASN I 76 46.99 3.89 -0.76
N GLY I 77 46.56 4.26 0.44
CA GLY I 77 47.34 5.12 1.32
C GLY I 77 47.38 4.62 2.75
N HIS J 2 63.01 0.06 45.17
CA HIS J 2 63.02 -1.40 45.25
C HIS J 2 62.04 -2.07 44.29
N MET J 3 62.36 -3.29 43.88
CA MET J 3 61.52 -4.05 42.95
C MET J 3 60.18 -4.43 43.57
N SER J 4 59.10 -4.31 42.80
CA SER J 4 57.77 -4.67 43.27
C SER J 4 57.63 -6.18 43.50
N THR J 5 57.22 -6.57 44.71
CA THR J 5 57.04 -7.98 45.04
C THR J 5 55.85 -8.59 44.31
N ILE J 6 55.78 -9.91 44.29
CA ILE J 6 54.63 -10.63 43.76
C ILE J 6 53.37 -10.21 44.51
N GLU J 7 53.44 -10.21 45.83
CA GLU J 7 52.33 -9.82 46.69
C GLU J 7 51.87 -8.38 46.41
N GLU J 8 52.82 -7.47 46.22
CA GLU J 8 52.50 -6.08 45.92
C GLU J 8 51.67 -5.95 44.64
N ARG J 9 52.05 -6.71 43.62
CA ARG J 9 51.41 -6.62 42.31
C ARG J 9 50.06 -7.34 42.23
N VAL J 10 49.89 -8.37 43.06
CA VAL J 10 48.60 -9.04 43.18
C VAL J 10 47.57 -8.07 43.78
N LYS J 11 47.98 -7.33 44.81
CA LYS J 11 47.13 -6.30 45.43
C LYS J 11 46.81 -5.14 44.47
N LYS J 12 47.74 -4.86 43.56
CA LYS J 12 47.54 -3.82 42.55
C LYS J 12 46.52 -4.25 41.48
N ILE J 13 46.58 -5.52 41.08
CA ILE J 13 45.64 -6.07 40.08
C ILE J 13 44.27 -6.34 40.70
N ILE J 14 44.27 -6.85 41.93
CA ILE J 14 43.03 -7.04 42.69
C ILE J 14 42.30 -5.71 42.90
N GLY J 15 43.03 -4.71 43.38
CA GLY J 15 42.47 -3.39 43.62
C GLY J 15 41.89 -2.74 42.38
N GLU J 16 42.59 -2.85 41.26
CA GLU J 16 42.13 -2.29 39.99
C GLU J 16 40.89 -3.01 39.48
N GLN J 17 40.87 -4.32 39.62
CA GLN J 17 39.78 -5.16 39.09
C GLN J 17 38.48 -4.99 39.87
N LEU J 18 38.59 -4.81 41.19
CA LEU J 18 37.41 -4.69 42.04
C LEU J 18 37.06 -3.23 42.36
N GLY J 19 37.84 -2.31 41.80
CA GLY J 19 37.57 -0.89 41.96
C GLY J 19 37.60 -0.37 43.38
N VAL J 20 38.55 -0.85 44.17
CA VAL J 20 38.79 -0.28 45.50
C VAL J 20 40.20 0.28 45.57
N LYS J 21 40.66 0.63 46.77
CA LYS J 21 42.03 1.09 46.95
C LYS J 21 42.79 0.23 47.97
N GLN J 22 44.11 0.17 47.77
CA GLN J 22 45.01 -0.75 48.48
C GLN J 22 44.75 -0.94 49.98
N GLU J 23 44.33 0.13 50.66
CA GLU J 23 43.96 0.09 52.07
C GLU J 23 42.92 -1.00 52.36
N GLU J 24 41.98 -1.15 51.43
CA GLU J 24 40.86 -2.09 51.56
C GLU J 24 41.30 -3.54 51.36
N VAL J 25 42.40 -3.72 50.62
CA VAL J 25 42.84 -5.05 50.19
C VAL J 25 43.71 -5.80 51.21
N THR J 26 43.14 -6.15 52.35
CA THR J 26 43.88 -6.94 53.35
C THR J 26 44.07 -8.38 52.89
N ASN J 27 45.09 -9.04 53.42
CA ASN J 27 45.41 -10.41 53.07
C ASN J 27 44.29 -11.40 53.34
N ASN J 28 43.63 -11.26 54.49
CA ASN J 28 42.54 -12.16 54.88
C ASN J 28 41.22 -11.87 54.16
N ALA J 29 41.16 -10.75 53.44
CA ALA J 29 39.94 -10.30 52.77
C ALA J 29 39.51 -11.19 51.61
N SER J 30 38.21 -11.46 51.54
CA SER J 30 37.63 -12.22 50.44
C SER J 30 37.04 -11.28 49.39
N PHE J 31 36.95 -11.76 48.16
CA PHE J 31 36.45 -10.96 47.04
C PHE J 31 34.97 -10.63 47.20
N VAL J 32 34.18 -11.65 47.50
CA VAL J 32 32.73 -11.50 47.63
C VAL J 32 32.34 -10.77 48.92
N GLU J 33 32.57 -11.41 50.07
CA GLU J 33 32.15 -10.88 51.36
C GLU J 33 32.65 -9.46 51.66
N ASP J 34 33.95 -9.24 51.49
CA ASP J 34 34.59 -8.01 51.96
C ASP J 34 34.86 -6.97 50.85
N LEU J 35 35.29 -7.44 49.68
CA LEU J 35 35.64 -6.54 48.59
C LEU J 35 34.49 -6.34 47.58
N GLY J 36 33.38 -7.03 47.81
CA GLY J 36 32.18 -6.87 47.00
C GLY J 36 32.31 -7.21 45.52
N ALA J 37 32.85 -8.39 45.24
CA ALA J 37 32.95 -8.87 43.87
C ALA J 37 31.59 -9.38 43.41
N ASP J 38 31.23 -9.12 42.16
CA ASP J 38 29.96 -9.66 41.65
C ASP J 38 30.16 -11.04 41.04
N SER J 39 29.11 -11.57 40.42
CA SER J 39 29.13 -12.94 39.87
C SER J 39 30.19 -13.15 38.80
N LEU J 40 30.55 -12.09 38.08
CA LEU J 40 31.56 -12.18 37.02
C LEU J 40 32.95 -11.67 37.43
N ASP J 41 33.05 -11.02 38.59
CA ASP J 41 34.29 -10.36 39.00
C ASP J 41 35.46 -11.32 39.25
N THR J 42 35.23 -12.39 39.98
CA THR J 42 36.28 -13.36 40.28
C THR J 42 36.87 -14.00 39.04
N VAL J 43 36.00 -14.55 38.19
CA VAL J 43 36.41 -15.07 36.89
C VAL J 43 37.25 -14.04 36.11
N GLU J 44 36.78 -12.80 36.09
CA GLU J 44 37.48 -11.73 35.39
C GLU J 44 38.84 -11.44 36.04
N LEU J 45 38.89 -11.58 37.36
CA LEU J 45 40.10 -11.32 38.13
C LEU J 45 41.15 -12.39 37.91
N VAL J 46 40.72 -13.65 37.95
CA VAL J 46 41.58 -14.80 37.66
C VAL J 46 42.17 -14.68 36.25
N MET J 47 41.35 -14.25 35.31
CA MET J 47 41.80 -14.00 33.94
C MET J 47 42.87 -12.90 33.89
N ALA J 48 42.75 -11.90 34.75
CA ALA J 48 43.69 -10.79 34.78
C ALA J 48 44.98 -11.16 35.52
N LEU J 49 44.87 -12.10 36.44
CA LEU J 49 46.04 -12.65 37.13
C LEU J 49 46.91 -13.42 36.15
N GLU J 50 46.26 -14.27 35.34
CA GLU J 50 46.93 -15.03 34.30
C GLU J 50 47.61 -14.13 33.27
N GLU J 51 47.17 -12.89 33.19
CA GLU J 51 47.63 -11.94 32.19
C GLU J 51 48.86 -11.15 32.66
N GLU J 52 48.97 -10.96 33.97
CA GLU J 52 50.04 -10.17 34.57
C GLU J 52 51.25 -11.05 34.86
N PHE J 53 50.98 -12.29 35.25
CA PHE J 53 52.05 -13.25 35.54
C PHE J 53 52.28 -14.28 34.43
N ASP J 54 51.50 -14.18 33.37
CA ASP J 54 51.69 -14.96 32.15
C ASP J 54 51.59 -16.46 32.37
N THR J 55 50.90 -16.84 33.44
CA THR J 55 50.63 -18.23 33.71
C THR J 55 49.30 -18.61 33.09
N GLU J 56 48.78 -19.75 33.52
CA GLU J 56 47.49 -20.24 33.06
C GLU J 56 46.91 -21.11 34.17
N ILE J 57 46.00 -20.53 34.95
CA ILE J 57 45.49 -21.19 36.14
C ILE J 57 44.45 -22.26 35.80
N PRO J 58 44.59 -23.46 36.39
CA PRO J 58 43.65 -24.58 36.19
C PRO J 58 42.40 -24.45 37.06
N ASP J 59 41.28 -24.99 36.58
CA ASP J 59 39.98 -24.86 37.24
C ASP J 59 39.95 -25.42 38.66
N GLU J 60 40.66 -26.51 38.89
CA GLU J 60 40.81 -27.09 40.22
C GLU J 60 41.42 -26.07 41.17
N GLU J 61 42.39 -25.31 40.66
CA GLU J 61 43.11 -24.31 41.44
C GLU J 61 42.35 -22.98 41.52
N ALA J 62 41.94 -22.47 40.36
CA ALA J 62 41.23 -21.20 40.26
C ALA J 62 39.97 -21.17 41.13
N GLU J 63 39.44 -22.36 41.42
CA GLU J 63 38.27 -22.52 42.28
C GLU J 63 38.55 -22.04 43.71
N LYS J 64 39.73 -22.37 44.23
CA LYS J 64 40.09 -21.97 45.61
C LYS J 64 40.45 -20.49 45.74
N ILE J 65 40.82 -19.86 44.63
CA ILE J 65 41.20 -18.44 44.63
C ILE J 65 39.96 -17.55 44.83
N THR J 66 39.58 -17.35 46.09
CA THR J 66 38.37 -16.63 46.45
C THR J 66 38.69 -15.51 47.44
N THR J 67 39.94 -15.50 47.89
CA THR J 67 40.41 -14.49 48.83
C THR J 67 41.81 -14.00 48.45
N VAL J 68 42.14 -12.76 48.80
CA VAL J 68 43.42 -12.14 48.48
C VAL J 68 44.62 -13.02 48.83
N GLN J 69 44.56 -13.65 49.99
CA GLN J 69 45.62 -14.53 50.48
C GLN J 69 45.92 -15.65 49.48
N ALA J 70 44.89 -16.40 49.14
CA ALA J 70 44.98 -17.53 48.21
C ALA J 70 45.38 -17.11 46.79
N ALA J 71 45.13 -15.85 46.46
CA ALA J 71 45.55 -15.31 45.17
C ALA J 71 47.08 -15.17 45.11
N ILE J 72 47.66 -14.65 46.20
CA ILE J 72 49.10 -14.50 46.33
C ILE J 72 49.81 -15.85 46.40
N ASP J 73 49.35 -16.70 47.32
CA ASP J 73 49.92 -18.02 47.52
C ASP J 73 50.02 -18.84 46.24
N TYR J 74 48.98 -18.79 45.41
CA TYR J 74 49.01 -19.51 44.14
C TYR J 74 50.15 -19.01 43.25
N ILE J 75 50.20 -17.70 43.05
CA ILE J 75 51.16 -17.08 42.14
C ILE J 75 52.61 -17.43 42.51
N ASN J 76 52.88 -17.54 43.82
CA ASN J 76 54.17 -18.04 44.30
C ASN J 76 54.52 -19.37 43.63
N GLY J 77 53.65 -20.36 43.79
CA GLY J 77 53.83 -21.65 43.13
C GLY J 77 53.61 -21.58 41.63
N ILE K 6 32.28 -49.76 16.63
CA ILE K 6 31.87 -48.51 15.99
C ILE K 6 30.36 -48.31 16.01
N GLU K 7 29.62 -49.31 15.52
CA GLU K 7 28.16 -49.23 15.47
C GLU K 7 27.57 -49.01 16.87
N GLU K 8 28.25 -49.52 17.88
CA GLU K 8 27.81 -49.35 19.26
C GLU K 8 28.34 -48.07 19.88
N ARG K 9 29.50 -47.62 19.39
CA ARG K 9 30.11 -46.38 19.87
C ARG K 9 29.30 -45.17 19.42
N VAL K 10 28.70 -45.28 18.23
CA VAL K 10 27.81 -44.25 17.70
C VAL K 10 26.55 -44.18 18.55
N LYS K 11 25.94 -45.33 18.83
CA LYS K 11 24.70 -45.39 19.60
C LYS K 11 24.87 -45.04 21.09
N LYS K 12 26.09 -45.20 21.60
CA LYS K 12 26.36 -44.82 23.00
C LYS K 12 26.40 -43.30 23.14
N ILE K 13 27.01 -42.64 22.18
CA ILE K 13 27.05 -41.17 22.12
C ILE K 13 25.65 -40.61 21.92
N ILE K 14 24.94 -41.13 20.91
CA ILE K 14 23.56 -40.74 20.63
C ILE K 14 22.70 -40.77 21.90
N GLY K 15 22.76 -41.88 22.63
CA GLY K 15 21.99 -42.03 23.85
C GLY K 15 22.42 -41.08 24.95
N GLU K 16 23.73 -41.03 25.22
CA GLU K 16 24.31 -40.12 26.21
C GLU K 16 23.99 -38.65 25.91
N GLN K 17 23.88 -38.34 24.63
CA GLN K 17 23.61 -36.98 24.19
C GLN K 17 22.12 -36.63 24.26
N LEU K 18 21.26 -37.58 23.94
CA LEU K 18 19.82 -37.32 23.84
C LEU K 18 19.01 -37.75 25.06
N GLY K 19 19.67 -38.36 26.03
CA GLY K 19 19.00 -38.81 27.24
C GLY K 19 17.93 -39.86 26.98
N VAL K 20 18.20 -40.75 26.02
CA VAL K 20 17.30 -41.85 25.72
C VAL K 20 17.93 -43.16 26.16
N LYS K 21 17.10 -44.18 26.35
CA LYS K 21 17.58 -45.51 26.72
C LYS K 21 18.23 -46.18 25.51
N GLN K 22 19.41 -46.73 25.72
CA GLN K 22 20.20 -47.40 24.67
C GLN K 22 19.38 -48.33 23.78
N GLU K 23 18.30 -48.89 24.33
CA GLU K 23 17.40 -49.76 23.60
C GLU K 23 16.36 -49.01 22.77
N GLU K 24 16.20 -47.72 23.04
CA GLU K 24 15.32 -46.87 22.24
C GLU K 24 16.08 -46.29 21.05
N VAL K 25 17.41 -46.42 21.09
CA VAL K 25 18.27 -45.98 19.99
C VAL K 25 18.29 -47.02 18.86
N THR K 26 17.17 -47.14 18.15
CA THR K 26 17.08 -48.10 17.04
C THR K 26 17.71 -47.52 15.77
N ASN K 27 18.11 -48.40 14.86
CA ASN K 27 18.80 -47.98 13.64
C ASN K 27 17.95 -47.10 12.73
N ASN K 28 16.64 -47.32 12.70
CA ASN K 28 15.73 -46.44 11.98
C ASN K 28 15.00 -45.49 12.93
N ALA K 29 15.76 -44.67 13.64
CA ALA K 29 15.18 -43.67 14.53
C ALA K 29 15.65 -42.29 14.11
N SER K 30 14.69 -41.37 13.95
CA SER K 30 15.01 -39.97 13.73
C SER K 30 15.25 -39.30 15.09
N PHE K 31 16.29 -38.48 15.16
CA PHE K 31 16.69 -37.82 16.41
C PHE K 31 15.56 -36.97 17.02
N VAL K 32 14.95 -36.15 16.18
CA VAL K 32 13.88 -35.26 16.64
C VAL K 32 12.54 -35.99 16.76
N GLU K 33 12.19 -36.75 15.72
CA GLU K 33 10.86 -37.37 15.63
C GLU K 33 10.64 -38.56 16.57
N ASP K 34 11.69 -39.33 16.82
CA ASP K 34 11.56 -40.53 17.65
C ASP K 34 12.32 -40.41 18.98
N LEU K 35 13.46 -39.73 18.95
CA LEU K 35 14.34 -39.66 20.11
C LEU K 35 14.27 -38.32 20.84
N GLY K 36 13.36 -37.45 20.40
CA GLY K 36 13.07 -36.21 21.10
C GLY K 36 14.16 -35.15 21.16
N ALA K 37 15.01 -35.09 20.14
CA ALA K 37 16.09 -34.11 20.10
C ALA K 37 15.58 -32.70 19.86
N ASP K 38 16.13 -31.72 20.57
CA ASP K 38 15.72 -30.33 20.39
C ASP K 38 16.55 -29.59 19.32
N SER K 39 16.31 -28.29 19.20
CA SER K 39 16.94 -27.46 18.17
C SER K 39 18.47 -27.44 18.23
N LEU K 40 19.02 -27.75 19.40
CA LEU K 40 20.47 -27.69 19.62
C LEU K 40 21.08 -29.07 19.78
N ASP K 41 20.23 -30.09 19.95
CA ASP K 41 20.68 -31.45 20.22
C ASP K 41 21.48 -32.09 19.09
N THR K 42 20.98 -31.96 17.87
CA THR K 42 21.65 -32.58 16.72
C THR K 42 23.01 -31.93 16.45
N VAL K 43 23.07 -30.61 16.59
CA VAL K 43 24.33 -29.89 16.41
C VAL K 43 25.34 -30.30 17.47
N GLU K 44 24.89 -30.45 18.72
CA GLU K 44 25.73 -30.93 19.81
C GLU K 44 26.17 -32.38 19.61
N LEU K 45 25.26 -33.20 19.08
CA LEU K 45 25.54 -34.61 18.80
C LEU K 45 26.69 -34.75 17.81
N VAL K 46 26.56 -34.10 16.65
CA VAL K 46 27.60 -34.05 15.63
C VAL K 46 28.97 -33.68 16.22
N MET K 47 28.99 -32.65 17.05
CA MET K 47 30.24 -32.16 17.62
C MET K 47 30.89 -33.14 18.61
N ALA K 48 30.08 -33.94 19.29
CA ALA K 48 30.61 -34.96 20.19
C ALA K 48 31.07 -36.19 19.38
N LEU K 49 30.36 -36.44 18.29
CA LEU K 49 30.71 -37.49 17.34
C LEU K 49 32.03 -37.13 16.65
N GLU K 50 32.21 -35.83 16.38
CA GLU K 50 33.46 -35.31 15.84
C GLU K 50 34.62 -35.55 16.80
N GLU K 51 34.35 -35.38 18.09
CA GLU K 51 35.36 -35.57 19.13
C GLU K 51 35.81 -37.02 19.25
N GLU K 52 34.83 -37.92 19.38
CA GLU K 52 35.12 -39.33 19.64
C GLU K 52 35.82 -40.06 18.50
N PHE K 53 35.31 -39.89 17.31
CA PHE K 53 35.85 -40.54 16.13
C PHE K 53 36.91 -39.66 15.53
N ASP K 54 37.23 -38.60 16.26
CA ASP K 54 38.38 -37.75 15.95
C ASP K 54 38.46 -37.24 14.53
N THR K 55 37.45 -36.52 14.09
CA THR K 55 37.41 -35.98 12.75
C THR K 55 36.59 -34.70 12.69
N GLU K 56 36.64 -34.02 11.56
CA GLU K 56 35.77 -32.87 11.30
C GLU K 56 34.69 -33.29 10.32
N ILE K 57 33.43 -33.09 10.68
CA ILE K 57 32.35 -33.42 9.76
C ILE K 57 31.91 -32.18 8.98
N PRO K 58 32.09 -32.20 7.65
CA PRO K 58 31.71 -31.12 6.73
C PRO K 58 30.25 -30.72 6.91
N ASP K 59 29.92 -29.49 6.53
CA ASP K 59 28.62 -28.89 6.81
C ASP K 59 27.43 -29.61 6.16
N GLU K 60 27.43 -29.70 4.83
CA GLU K 60 26.32 -30.33 4.13
C GLU K 60 26.31 -31.85 4.32
N GLU K 61 27.38 -32.36 4.93
CA GLU K 61 27.45 -33.76 5.33
C GLU K 61 26.81 -33.95 6.71
N ALA K 62 27.12 -33.05 7.64
CA ALA K 62 26.52 -33.06 8.97
C ALA K 62 25.02 -32.76 8.88
N GLU K 63 24.64 -32.08 7.80
CA GLU K 63 23.24 -31.79 7.50
C GLU K 63 22.46 -33.07 7.18
N LYS K 64 23.17 -34.08 6.71
CA LYS K 64 22.58 -35.36 6.36
C LYS K 64 22.36 -36.29 7.57
N ILE K 65 23.05 -36.01 8.67
CA ILE K 65 22.92 -36.82 9.87
C ILE K 65 21.73 -36.38 10.72
N THR K 66 20.55 -36.91 10.41
CA THR K 66 19.35 -36.63 11.19
C THR K 66 18.80 -37.90 11.81
N THR K 67 19.54 -39.00 11.64
CA THR K 67 19.10 -40.30 12.14
C THR K 67 20.27 -41.20 12.59
N VAL K 68 19.94 -42.28 13.30
CA VAL K 68 20.93 -43.24 13.79
C VAL K 68 21.73 -43.92 12.67
N GLN K 69 21.03 -44.39 11.64
CA GLN K 69 21.66 -44.98 10.46
C GLN K 69 22.64 -44.01 9.81
N ALA K 70 22.16 -42.80 9.51
CA ALA K 70 22.96 -41.77 8.84
C ALA K 70 24.24 -41.46 9.63
N ALA K 71 24.13 -41.41 10.94
CA ALA K 71 25.30 -41.27 11.80
C ALA K 71 26.23 -42.47 11.61
N ILE K 72 25.66 -43.67 11.70
CA ILE K 72 26.38 -44.92 11.44
C ILE K 72 26.98 -44.98 10.02
N ASP K 73 26.17 -44.62 9.02
CA ASP K 73 26.61 -44.62 7.63
C ASP K 73 27.73 -43.61 7.38
N TYR K 74 27.66 -42.45 8.03
CA TYR K 74 28.72 -41.46 7.87
C TYR K 74 30.04 -41.92 8.44
N ILE K 75 30.03 -42.42 9.68
CA ILE K 75 31.27 -42.86 10.32
C ILE K 75 31.89 -44.03 9.58
N ASN K 76 31.06 -45.01 9.23
CA ASN K 76 31.53 -46.14 8.43
C ASN K 76 32.14 -45.70 7.10
N GLY K 77 31.44 -44.82 6.39
CA GLY K 77 31.92 -44.30 5.12
C GLY K 77 33.18 -43.47 5.20
N HIS K 78 33.63 -43.14 6.42
CA HIS K 78 34.80 -42.29 6.63
C HIS K 78 35.78 -42.88 7.65
N ASP L 38 17.14 20.38 -36.92
CA ASP L 38 16.23 19.61 -36.06
C ASP L 38 16.81 18.25 -35.65
N SER L 39 15.96 17.41 -35.06
CA SER L 39 16.34 16.10 -34.54
C SER L 39 17.04 15.21 -35.58
N LEU L 40 16.73 15.43 -36.85
CA LEU L 40 17.27 14.59 -37.92
C LEU L 40 18.33 15.31 -38.75
N ASP L 41 18.35 16.64 -38.67
CA ASP L 41 19.17 17.47 -39.57
C ASP L 41 20.68 17.23 -39.49
N THR L 42 21.20 17.02 -38.28
CA THR L 42 22.65 16.81 -38.12
C THR L 42 23.08 15.45 -38.63
N VAL L 43 22.29 14.42 -38.34
CA VAL L 43 22.57 13.06 -38.80
C VAL L 43 22.63 13.01 -40.34
N GLU L 44 21.65 13.65 -40.99
CA GLU L 44 21.58 13.72 -42.44
C GLU L 44 22.82 14.40 -43.05
N LEU L 45 23.25 15.49 -42.43
CA LEU L 45 24.43 16.23 -42.87
C LEU L 45 25.69 15.38 -42.75
N VAL L 46 25.91 14.87 -41.55
CA VAL L 46 26.99 13.93 -41.25
C VAL L 46 27.00 12.72 -42.20
N MET L 47 25.82 12.30 -42.65
CA MET L 47 25.72 11.24 -43.66
C MET L 47 26.35 11.68 -44.99
O1 MES M . -24.97 3.94 -55.90
C2 MES M . -25.04 5.08 -56.75
C3 MES M . -23.66 5.53 -57.25
N4 MES M . -22.84 4.35 -57.47
C5 MES M . -22.70 3.33 -56.43
C6 MES M . -23.69 3.69 -55.33
C7 MES M . -21.79 4.44 -58.48
C8 MES M . -20.68 5.25 -57.82
S MES M . -19.46 5.52 -58.90
O1S MES M . -18.37 4.54 -58.71
O2S MES M . -19.97 5.42 -60.30
O3S MES M . -18.92 6.87 -58.67
O1 MES N . 3.73 19.91 -21.60
C2 MES N . 4.68 20.21 -22.63
C3 MES N . 4.03 20.37 -24.01
N4 MES N . 3.00 21.39 -23.89
C5 MES N . 2.44 21.71 -22.58
C6 MES N . 2.40 20.37 -21.85
C7 MES N . 2.57 22.11 -25.08
C8 MES N . 1.37 21.39 -25.68
S MES N . 1.10 21.86 -27.27
O1S MES N . 1.99 21.10 -28.18
O2S MES N . 1.41 23.31 -27.40
O3S MES N . -0.30 21.60 -27.65
O1 MES O . 4.71 36.63 -27.07
C2 MES O . 5.27 36.17 -25.83
C3 MES O . 6.48 35.27 -26.04
N4 MES O . 6.10 34.25 -27.01
C5 MES O . 5.54 34.69 -28.29
C6 MES O . 4.33 35.55 -27.92
C7 MES O . 6.59 32.87 -26.91
C8 MES O . 7.62 32.81 -25.79
S MES O . 9.13 32.77 -26.46
O1S MES O . 9.96 31.71 -25.83
O2S MES O . 9.00 32.41 -27.89
O3S MES O . 9.79 34.09 -26.28
O1 MES P . -6.58 -11.48 -10.56
C2 MES P . -5.16 -11.32 -10.65
C3 MES P . -4.68 -11.36 -12.11
N4 MES P . -5.65 -12.20 -12.82
C5 MES P . -6.23 -13.34 -12.13
C6 MES P . -7.00 -12.79 -10.93
C7 MES P . -5.59 -12.24 -14.28
C8 MES P . -4.17 -12.63 -14.67
S MES P . -4.09 -14.23 -15.12
O1S MES P . -4.15 -15.09 -13.91
O2S MES P . -5.23 -14.55 -16.02
O3S MES P . -2.82 -14.46 -15.84
O1 MES Q . 16.53 0.13 56.21
C2 MES Q . 17.44 0.01 55.10
C3 MES Q . 18.57 -0.98 55.36
N4 MES Q . 17.95 -2.06 56.12
C5 MES Q . 17.47 -1.75 57.45
C6 MES Q . 17.08 -0.29 57.45
C7 MES Q . 18.26 -3.46 55.83
C8 MES Q . 19.46 -3.50 54.90
S MES Q . 20.37 -4.85 55.24
O1S MES Q . 21.11 -4.63 56.51
O2S MES Q . 19.47 -6.01 55.41
O3S MES Q . 21.30 -5.10 54.12
O1 MES R . -5.81 -34.55 25.38
C2 MES R . -4.41 -34.31 25.56
C3 MES R . -3.52 -35.14 24.62
N4 MES R . -4.01 -34.89 23.26
C5 MES R . -5.43 -34.69 23.02
C6 MES R . -6.15 -35.29 24.21
C7 MES R . -3.26 -35.37 22.13
C8 MES R . -1.96 -34.58 22.08
S MES R . -1.40 -34.73 20.53
O1S MES R . -1.96 -35.98 19.95
O2S MES R . -1.88 -33.54 19.77
O3S MES R . 0.07 -34.76 20.49
O1 MES S . 4.96 12.65 7.35
C2 MES S . 5.73 11.44 7.29
C3 MES S . 7.25 11.64 7.41
N4 MES S . 7.44 12.56 8.53
C5 MES S . 6.82 13.87 8.39
C6 MES S . 5.31 13.59 8.36
C7 MES S . 8.69 12.50 9.27
C8 MES S . 9.81 12.52 8.23
S MES S . 11.31 12.73 8.95
O1S MES S . 11.95 13.90 8.31
O2S MES S . 11.17 12.97 10.40
O3S MES S . 12.16 11.55 8.70
O23 PNS T . 0.12 7.08 -53.39
P24 PNS T . -1.09 6.24 -53.05
O25 PNS T . -2.32 7.04 -53.40
O27 PNS T . -1.04 5.94 -51.50
C28 PNS T . -2.03 5.13 -50.90
C29 PNS T . -2.70 5.69 -49.63
C30 PNS T . -3.61 4.66 -49.06
C31 PNS T . -1.63 6.01 -48.58
C32 PNS T . -3.50 6.95 -50.01
O33 PNS T . -4.09 6.78 -51.26
C34 PNS T . -4.60 7.36 -49.01
O35 PNS T . -4.32 7.98 -48.01
N36 PNS T . -5.95 6.94 -49.32
C37 PNS T . -7.19 7.18 -48.54
C38 PNS T . -7.21 7.72 -47.13
C39 PNS T . -6.62 6.91 -46.00
O40 PNS T . -6.36 7.45 -44.96
N41 PNS T . -6.38 5.53 -46.17
C42 PNS T . -5.80 4.78 -45.07
C43 PNS T . -4.30 4.50 -45.14
S44 PNS T . -3.70 3.21 -44.12
O23 PNS U . 3.73 -11.10 -32.68
P24 PNS U . 3.59 -10.24 -31.46
O25 PNS U . 2.31 -10.64 -30.77
O27 PNS U . 3.49 -8.72 -31.91
C28 PNS U . 3.49 -7.68 -30.96
C29 PNS U . 2.28 -6.73 -30.93
C30 PNS U . 2.41 -5.75 -29.82
C31 PNS U . 2.22 -5.96 -32.26
C32 PNS U . 1.02 -7.59 -30.70
O33 PNS U . 1.32 -8.55 -29.73
C34 PNS U . -0.29 -6.82 -30.30
O35 PNS U . -0.71 -5.92 -31.00
N36 PNS U . -1.01 -7.18 -29.12
C37 PNS U . -2.25 -6.47 -28.73
C38 PNS U . -2.13 -5.18 -27.91
C39 PNS U . -1.75 -3.89 -28.63
O40 PNS U . -2.47 -3.45 -29.50
N41 PNS U . -0.56 -3.21 -28.27
C42 PNS U . -0.17 -1.99 -28.96
C43 PNS U . 0.89 -2.12 -30.04
S44 PNS U . 2.36 -1.15 -29.86
O23 PNS V . 24.34 3.89 13.36
P24 PNS V . 24.25 2.45 12.96
O25 PNS V . 23.63 2.31 11.59
O27 PNS V . 23.32 1.66 13.97
C28 PNS V . 23.29 0.26 13.93
C29 PNS V . 23.55 -0.45 15.27
C30 PNS V . 23.15 -1.87 15.15
C31 PNS V . 25.05 -0.35 15.61
C32 PNS V . 22.70 0.26 16.35
O33 PNS V . 21.34 0.10 16.06
C34 PNS V . 22.95 -0.24 17.80
O35 PNS V . 23.86 0.21 18.47
N36 PNS V . 22.07 -1.24 18.31
C37 PNS V . 22.21 -1.79 19.67
C38 PNS V . 21.28 -2.95 19.96
C39 PNS V . 19.82 -2.73 19.63
O40 PNS V . 19.50 -2.28 18.56
N41 PNS V . 18.84 -3.06 20.59
C42 PNS V . 17.43 -2.84 20.32
C43 PNS V . 16.51 -4.04 20.49
S44 PNS V . 16.58 -5.23 19.20
O23 PNS W . 25.73 -15.48 39.83
P24 PNS W . 25.57 -14.01 40.11
O25 PNS W . 24.63 -13.77 41.27
O27 PNS W . 25.11 -13.24 38.81
C28 PNS W . 23.84 -13.47 38.27
C29 PNS W . 22.79 -12.36 38.44
C30 PNS W . 23.46 -11.07 38.78
C31 PNS W . 22.05 -12.19 37.10
C32 PNS W . 21.86 -12.77 39.61
O33 PNS W . 22.49 -12.37 40.79
C34 PNS W . 20.44 -12.13 39.62
O35 PNS W . 19.57 -12.51 38.87
N36 PNS W . 20.26 -11.08 40.57
C37 PNS W . 19.07 -10.26 40.85
C38 PNS W . 17.77 -10.37 40.05
C39 PNS W . 17.69 -9.84 38.64
O40 PNS W . 16.77 -10.19 37.93
N41 PNS W . 18.64 -8.94 38.13
C42 PNS W . 18.54 -8.45 36.77
C43 PNS W . 19.28 -9.29 35.71
S44 PNS W . 20.43 -8.40 34.70
O23 PNS X . 15.18 -24.44 16.12
P24 PNS X . 14.52 -24.75 17.43
O25 PNS X . 13.04 -24.90 17.18
O27 PNS X . 14.75 -23.52 18.40
C28 PNS X . 14.34 -23.63 19.75
C29 PNS X . 13.40 -22.53 20.29
C30 PNS X . 13.01 -22.86 21.69
C31 PNS X . 14.13 -21.19 20.24
C32 PNS X . 12.14 -22.48 19.42
O33 PNS X . 11.76 -23.79 19.13
C34 PNS X . 10.90 -21.79 20.08
O35 PNS X . 10.83 -20.57 20.14
N36 PNS X . 9.89 -22.67 20.58
C37 PNS X . 8.61 -22.37 21.26
C38 PNS X . 8.17 -20.96 21.65
C39 PNS X . 8.99 -20.14 22.63
O40 PNS X . 8.85 -18.95 22.67
N41 PNS X . 9.91 -20.75 23.50
C42 PNS X . 10.65 -19.88 24.40
C43 PNS X . 12.10 -19.59 24.03
S44 PNS X . 13.24 -19.82 25.35
O23 PNS Y . 14.94 14.24 -31.42
P24 PNS Y . 13.87 15.19 -31.94
O25 PNS Y . 13.41 16.02 -30.78
O27 PNS Y . 12.66 14.32 -32.47
C28 PNS Y . 11.62 14.92 -33.22
C29 PNS Y . 10.19 14.60 -32.76
C30 PNS Y . 9.18 15.15 -33.70
C31 PNS Y . 10.03 13.07 -32.68
C32 PNS Y . 10.01 15.26 -31.37
O33 PNS Y . 10.47 16.57 -31.48
C34 PNS Y . 8.57 15.30 -30.79
O35 PNS Y . 7.84 14.32 -30.80
N36 PNS Y . 8.12 16.52 -30.21
C37 PNS Y . 6.77 16.66 -29.63
C38 PNS Y . 5.66 17.05 -30.61
C39 PNS Y . 4.94 15.91 -31.32
O40 PNS Y . 4.54 14.96 -30.68
N41 PNS Y . 4.76 15.94 -32.72
C42 PNS Y . 4.08 14.83 -33.36
C43 PNS Y . 4.92 13.77 -34.08
S44 PNS Y . 5.68 14.25 -35.59
#